data_3GLW
# 
_entry.id   3GLW 
# 
_audit_conform.dict_name       mmcif_pdbx.dic 
_audit_conform.dict_version    5.399 
_audit_conform.dict_location   http://mmcif.pdb.org/dictionaries/ascii/mmcif_pdbx.dic 
# 
loop_
_database_2.database_id 
_database_2.database_code 
_database_2.pdbx_database_accession 
_database_2.pdbx_DOI 
PDB   3GLW         pdb_00003glw 10.2210/pdb3glw/pdb 
RCSB  RCSB052024   ?            ?                   
WWPDB D_1000052024 ?            ?                   
# 
loop_
_pdbx_audit_revision_history.ordinal 
_pdbx_audit_revision_history.data_content_type 
_pdbx_audit_revision_history.major_revision 
_pdbx_audit_revision_history.minor_revision 
_pdbx_audit_revision_history.revision_date 
1 'Structure model' 1 0 2009-09-15 
2 'Structure model' 1 1 2011-07-13 
3 'Structure model' 1 2 2024-11-20 
# 
_pdbx_audit_revision_details.ordinal             1 
_pdbx_audit_revision_details.revision_ordinal    1 
_pdbx_audit_revision_details.data_content_type   'Structure model' 
_pdbx_audit_revision_details.provider            repository 
_pdbx_audit_revision_details.type                'Initial release' 
_pdbx_audit_revision_details.description         ? 
_pdbx_audit_revision_details.details             ? 
# 
loop_
_pdbx_audit_revision_group.ordinal 
_pdbx_audit_revision_group.revision_ordinal 
_pdbx_audit_revision_group.data_content_type 
_pdbx_audit_revision_group.group 
1 2 'Structure model' Advisory                    
2 2 'Structure model' 'Version format compliance' 
3 3 'Structure model' 'Data collection'           
4 3 'Structure model' 'Database references'       
5 3 'Structure model' 'Derived calculations'      
6 3 'Structure model' 'Refinement description'    
7 3 'Structure model' 'Structure summary'         
# 
loop_
_pdbx_audit_revision_category.ordinal 
_pdbx_audit_revision_category.revision_ordinal 
_pdbx_audit_revision_category.data_content_type 
_pdbx_audit_revision_category.category 
1 3 'Structure model' chem_comp_atom            
2 3 'Structure model' chem_comp_bond            
3 3 'Structure model' database_2                
4 3 'Structure model' pdbx_entry_details        
5 3 'Structure model' pdbx_modification_feature 
6 3 'Structure model' struct_conn               
7 3 'Structure model' struct_ncs_dom_lim        
# 
loop_
_pdbx_audit_revision_item.ordinal 
_pdbx_audit_revision_item.revision_ordinal 
_pdbx_audit_revision_item.data_content_type 
_pdbx_audit_revision_item.item 
1  3 'Structure model' '_database_2.pdbx_DOI'                  
2  3 'Structure model' '_database_2.pdbx_database_accession'   
3  3 'Structure model' '_struct_conn.pdbx_leaving_atom_flag'   
4  3 'Structure model' '_struct_ncs_dom_lim.beg_auth_comp_id'  
5  3 'Structure model' '_struct_ncs_dom_lim.beg_label_asym_id' 
6  3 'Structure model' '_struct_ncs_dom_lim.beg_label_comp_id' 
7  3 'Structure model' '_struct_ncs_dom_lim.beg_label_seq_id'  
8  3 'Structure model' '_struct_ncs_dom_lim.end_auth_comp_id'  
9  3 'Structure model' '_struct_ncs_dom_lim.end_label_asym_id' 
10 3 'Structure model' '_struct_ncs_dom_lim.end_label_comp_id' 
11 3 'Structure model' '_struct_ncs_dom_lim.end_label_seq_id'  
# 
_pdbx_database_status.status_code                     REL 
_pdbx_database_status.entry_id                        3GLW 
_pdbx_database_status.recvd_initial_deposition_date   2009-03-12 
_pdbx_database_status.deposit_site                    RCSB 
_pdbx_database_status.process_site                    RCSB 
_pdbx_database_status.status_code_sf                  REL 
_pdbx_database_status.status_code_mr                  ? 
_pdbx_database_status.SG_entry                        ? 
_pdbx_database_status.pdb_format_compatible           Y 
_pdbx_database_status.status_code_cs                  ? 
_pdbx_database_status.status_code_nmr_data            ? 
_pdbx_database_status.methods_development_category    ? 
# 
_pdbx_database_related.db_name        PDB 
_pdbx_database_related.db_id          3FM7 
_pdbx_database_related.details        . 
_pdbx_database_related.content_type   unspecified 
# 
loop_
_audit_author.name 
_audit_author.pdbx_ordinal 
'Hall, J.D.'    1 
'Karplus, P.A.' 2 
'Barbar, E.J.'  3 
# 
_citation.id                        primary 
_citation.title                     'Multivalency in the assembly of intrinsically disordered Dynein intermediate chain.' 
_citation.journal_abbrev            J.Biol.Chem. 
_citation.journal_volume            284 
_citation.page_first                33115 
_citation.page_last                 33121 
_citation.year                      2009 
_citation.journal_id_ASTM           JBCHA3 
_citation.country                   US 
_citation.journal_id_ISSN           0021-9258 
_citation.journal_id_CSD            0071 
_citation.book_publisher            ? 
_citation.pdbx_database_id_PubMed   19759397 
_citation.pdbx_database_id_DOI      10.1074/jbc.M109.048587 
# 
loop_
_citation_author.citation_id 
_citation_author.name 
_citation_author.ordinal 
_citation_author.identifier_ORCID 
primary 'Hall, J.'      1 ? 
primary 'Karplus, P.A.' 2 ? 
primary 'Barbar, E.'    3 ? 
# 
loop_
_entity.id 
_entity.type 
_entity.src_method 
_entity.pdbx_description 
_entity.formula_weight 
_entity.pdbx_number_of_molecules 
_entity.pdbx_ec 
_entity.pdbx_mutation 
_entity.pdbx_fragment 
_entity.details 
1 polymer man 'Dynein light chain 1, cytoplasmic' 10388.849 1 ? ? ? ? 
2 polymer syn 'Dynein intermediate Chain'         3204.556  1 ? ? ? ? 
3 water   nat water                               18.015    3 ? ? ? ? 
# 
_entity_name_com.entity_id   1 
_entity_name_com.name        '8 kDa dynein light chain, Cut up protein' 
# 
loop_
_entity_poly.entity_id 
_entity_poly.type 
_entity_poly.nstd_linkage 
_entity_poly.nstd_monomer 
_entity_poly.pdbx_seq_one_letter_code 
_entity_poly.pdbx_seq_one_letter_code_can 
_entity_poly.pdbx_strand_id 
_entity_poly.pdbx_target_identifier 
1 'polypeptide(L)' no no 
;MSDRKAVIKNADMSEEMQQDAVDCATQALEKYNIEKDIAAYIKKEFDKKYNPTWHCIVGRNFGSYVTHETRHFIYFYLGQ
VAILLFKSG
;
;MSDRKAVIKNADMSEEMQQDAVDCATQALEKYNIEKDIAAYIKKEFDKKYNPTWHCIVGRNFGSYVTHETRHFIYFYLGQ
VAILLFKSG
;
A ? 
2 'polypeptide(L)' no no NLVYTKQTQTTPPKETLVYTKQTQTTST                                                                 
NLVYTKQTQTTPPKETLVYTKQTQTTST                                                                 Z ? 
# 
_pdbx_entity_nonpoly.entity_id   3 
_pdbx_entity_nonpoly.name        water 
_pdbx_entity_nonpoly.comp_id     HOH 
# 
loop_
_entity_poly_seq.entity_id 
_entity_poly_seq.num 
_entity_poly_seq.mon_id 
_entity_poly_seq.hetero 
1 1  MET n 
1 2  SER n 
1 3  ASP n 
1 4  ARG n 
1 5  LYS n 
1 6  ALA n 
1 7  VAL n 
1 8  ILE n 
1 9  LYS n 
1 10 ASN n 
1 11 ALA n 
1 12 ASP n 
1 13 MET n 
1 14 SER n 
1 15 GLU n 
1 16 GLU n 
1 17 MET n 
1 18 GLN n 
1 19 GLN n 
1 20 ASP n 
1 21 ALA n 
1 22 VAL n 
1 23 ASP n 
1 24 CYS n 
1 25 ALA n 
1 26 THR n 
1 27 GLN n 
1 28 ALA n 
1 29 LEU n 
1 30 GLU n 
1 31 LYS n 
1 32 TYR n 
1 33 ASN n 
1 34 ILE n 
1 35 GLU n 
1 36 LYS n 
1 37 ASP n 
1 38 ILE n 
1 39 ALA n 
1 40 ALA n 
1 41 TYR n 
1 42 ILE n 
1 43 LYS n 
1 44 LYS n 
1 45 GLU n 
1 46 PHE n 
1 47 ASP n 
1 48 LYS n 
1 49 LYS n 
1 50 TYR n 
1 51 ASN n 
1 52 PRO n 
1 53 THR n 
1 54 TRP n 
1 55 HIS n 
1 56 CYS n 
1 57 ILE n 
1 58 VAL n 
1 59 GLY n 
1 60 ARG n 
1 61 ASN n 
1 62 PHE n 
1 63 GLY n 
1 64 SER n 
1 65 TYR n 
1 66 VAL n 
1 67 THR n 
1 68 HIS n 
1 69 GLU n 
1 70 THR n 
1 71 ARG n 
1 72 HIS n 
1 73 PHE n 
1 74 ILE n 
1 75 TYR n 
1 76 PHE n 
1 77 TYR n 
1 78 LEU n 
1 79 GLY n 
1 80 GLN n 
1 81 VAL n 
1 82 ALA n 
1 83 ILE n 
1 84 LEU n 
1 85 LEU n 
1 86 PHE n 
1 87 LYS n 
1 88 SER n 
1 89 GLY n 
2 1  ASN n 
2 2  LEU n 
2 3  VAL n 
2 4  TYR n 
2 5  THR n 
2 6  LYS n 
2 7  GLN n 
2 8  THR n 
2 9  GLN n 
2 10 THR n 
2 11 THR n 
2 12 PRO n 
2 13 PRO n 
2 14 LYS n 
2 15 GLU n 
2 16 THR n 
2 17 LEU n 
2 18 VAL n 
2 19 TYR n 
2 20 THR n 
2 21 LYS n 
2 22 GLN n 
2 23 THR n 
2 24 GLN n 
2 25 THR n 
2 26 THR n 
2 27 SER n 
2 28 THR n 
# 
_entity_src_gen.entity_id                          1 
_entity_src_gen.pdbx_src_id                        1 
_entity_src_gen.pdbx_alt_source_flag               sample 
_entity_src_gen.pdbx_seq_type                      ? 
_entity_src_gen.pdbx_beg_seq_num                   ? 
_entity_src_gen.pdbx_end_seq_num                   ? 
_entity_src_gen.gene_src_common_name               'Fruit fly' 
_entity_src_gen.gene_src_genus                     ? 
_entity_src_gen.pdbx_gene_src_gene                 'ctp, Cdlc1, ddlc1, CG6998' 
_entity_src_gen.gene_src_species                   ? 
_entity_src_gen.gene_src_strain                    ? 
_entity_src_gen.gene_src_tissue                    ? 
_entity_src_gen.gene_src_tissue_fraction           ? 
_entity_src_gen.gene_src_details                   ? 
_entity_src_gen.pdbx_gene_src_fragment             ? 
_entity_src_gen.pdbx_gene_src_scientific_name      'Drosophila melanogaster' 
_entity_src_gen.pdbx_gene_src_ncbi_taxonomy_id     7227 
_entity_src_gen.pdbx_gene_src_variant              ? 
_entity_src_gen.pdbx_gene_src_cell_line            ? 
_entity_src_gen.pdbx_gene_src_atcc                 ? 
_entity_src_gen.pdbx_gene_src_organ                ? 
_entity_src_gen.pdbx_gene_src_organelle            ? 
_entity_src_gen.pdbx_gene_src_cell                 ? 
_entity_src_gen.pdbx_gene_src_cellular_location    ? 
_entity_src_gen.host_org_common_name               ? 
_entity_src_gen.pdbx_host_org_scientific_name      'Escherichia coli' 
_entity_src_gen.pdbx_host_org_ncbi_taxonomy_id     562 
_entity_src_gen.host_org_genus                     ? 
_entity_src_gen.pdbx_host_org_gene                 ? 
_entity_src_gen.pdbx_host_org_organ                ? 
_entity_src_gen.host_org_species                   ? 
_entity_src_gen.pdbx_host_org_tissue               ? 
_entity_src_gen.pdbx_host_org_tissue_fraction      ? 
_entity_src_gen.pdbx_host_org_strain               ? 
_entity_src_gen.pdbx_host_org_variant              ? 
_entity_src_gen.pdbx_host_org_cell_line            ? 
_entity_src_gen.pdbx_host_org_atcc                 ? 
_entity_src_gen.pdbx_host_org_culture_collection   ? 
_entity_src_gen.pdbx_host_org_cell                 ? 
_entity_src_gen.pdbx_host_org_organelle            ? 
_entity_src_gen.pdbx_host_org_cellular_location    ? 
_entity_src_gen.pdbx_host_org_vector_type          ? 
_entity_src_gen.pdbx_host_org_vector               ? 
_entity_src_gen.host_org_details                   ? 
_entity_src_gen.expression_system_id               ? 
_entity_src_gen.plasmid_name                       ? 
_entity_src_gen.plasmid_details                    ? 
_entity_src_gen.pdbx_description                   ? 
# 
loop_
_chem_comp.id 
_chem_comp.type 
_chem_comp.mon_nstd_flag 
_chem_comp.name 
_chem_comp.pdbx_synonyms 
_chem_comp.formula 
_chem_comp.formula_weight 
ALA 'L-peptide linking' y ALANINE         ? 'C3 H7 N O2'     89.093  
ARG 'L-peptide linking' y ARGININE        ? 'C6 H15 N4 O2 1' 175.209 
ASN 'L-peptide linking' y ASPARAGINE      ? 'C4 H8 N2 O3'    132.118 
ASP 'L-peptide linking' y 'ASPARTIC ACID' ? 'C4 H7 N O4'     133.103 
CYS 'L-peptide linking' y CYSTEINE        ? 'C3 H7 N O2 S'   121.158 
GLN 'L-peptide linking' y GLUTAMINE       ? 'C5 H10 N2 O3'   146.144 
GLU 'L-peptide linking' y 'GLUTAMIC ACID' ? 'C5 H9 N O4'     147.129 
GLY 'peptide linking'   y GLYCINE         ? 'C2 H5 N O2'     75.067  
HIS 'L-peptide linking' y HISTIDINE       ? 'C6 H10 N3 O2 1' 156.162 
HOH non-polymer         . WATER           ? 'H2 O'           18.015  
ILE 'L-peptide linking' y ISOLEUCINE      ? 'C6 H13 N O2'    131.173 
LEU 'L-peptide linking' y LEUCINE         ? 'C6 H13 N O2'    131.173 
LYS 'L-peptide linking' y LYSINE          ? 'C6 H15 N2 O2 1' 147.195 
MET 'L-peptide linking' y METHIONINE      ? 'C5 H11 N O2 S'  149.211 
PHE 'L-peptide linking' y PHENYLALANINE   ? 'C9 H11 N O2'    165.189 
PRO 'L-peptide linking' y PROLINE         ? 'C5 H9 N O2'     115.130 
SER 'L-peptide linking' y SERINE          ? 'C3 H7 N O3'     105.093 
THR 'L-peptide linking' y THREONINE       ? 'C4 H9 N O3'     119.119 
TRP 'L-peptide linking' y TRYPTOPHAN      ? 'C11 H12 N2 O2'  204.225 
TYR 'L-peptide linking' y TYROSINE        ? 'C9 H11 N O3'    181.189 
VAL 'L-peptide linking' y VALINE          ? 'C5 H11 N O2'    117.146 
# 
loop_
_pdbx_poly_seq_scheme.asym_id 
_pdbx_poly_seq_scheme.entity_id 
_pdbx_poly_seq_scheme.seq_id 
_pdbx_poly_seq_scheme.mon_id 
_pdbx_poly_seq_scheme.ndb_seq_num 
_pdbx_poly_seq_scheme.pdb_seq_num 
_pdbx_poly_seq_scheme.auth_seq_num 
_pdbx_poly_seq_scheme.pdb_mon_id 
_pdbx_poly_seq_scheme.auth_mon_id 
_pdbx_poly_seq_scheme.pdb_strand_id 
_pdbx_poly_seq_scheme.pdb_ins_code 
_pdbx_poly_seq_scheme.hetero 
A 1 1  MET 1  1   ?   ?   ?   A . n 
A 1 2  SER 2  2   ?   ?   ?   A . n 
A 1 3  ASP 3  3   ?   ?   ?   A . n 
A 1 4  ARG 4  4   4   ARG ARG A . n 
A 1 5  LYS 5  5   5   LYS LYS A . n 
A 1 6  ALA 6  6   6   ALA ALA A . n 
A 1 7  VAL 7  7   7   VAL VAL A . n 
A 1 8  ILE 8  8   8   ILE ILE A . n 
A 1 9  LYS 9  9   9   LYS LYS A . n 
A 1 10 ASN 10 10  10  ASN ASN A . n 
A 1 11 ALA 11 11  11  ALA ALA A . n 
A 1 12 ASP 12 12  12  ASP ASP A . n 
A 1 13 MET 13 13  13  MET MET A . n 
A 1 14 SER 14 14  14  SER SER A . n 
A 1 15 GLU 15 15  15  GLU GLU A . n 
A 1 16 GLU 16 16  16  GLU GLU A . n 
A 1 17 MET 17 17  17  MET MET A . n 
A 1 18 GLN 18 18  18  GLN GLN A . n 
A 1 19 GLN 19 19  19  GLN GLN A . n 
A 1 20 ASP 20 20  20  ASP ASP A . n 
A 1 21 ALA 21 21  21  ALA ALA A . n 
A 1 22 VAL 22 22  22  VAL VAL A . n 
A 1 23 ASP 23 23  23  ASP ASP A . n 
A 1 24 CYS 24 24  24  CYS CYS A . n 
A 1 25 ALA 25 25  25  ALA ALA A . n 
A 1 26 THR 26 26  26  THR THR A . n 
A 1 27 GLN 27 27  27  GLN GLN A . n 
A 1 28 ALA 28 28  28  ALA ALA A . n 
A 1 29 LEU 29 29  29  LEU LEU A . n 
A 1 30 GLU 30 30  30  GLU GLU A . n 
A 1 31 LYS 31 31  31  LYS LYS A . n 
A 1 32 TYR 32 32  32  TYR TYR A . n 
A 1 33 ASN 33 33  33  ASN ASN A . n 
A 1 34 ILE 34 34  34  ILE ILE A . n 
A 1 35 GLU 35 35  35  GLU GLU A . n 
A 1 36 LYS 36 36  36  LYS LYS A . n 
A 1 37 ASP 37 37  37  ASP ASP A . n 
A 1 38 ILE 38 38  38  ILE ILE A . n 
A 1 39 ALA 39 39  39  ALA ALA A . n 
A 1 40 ALA 40 40  40  ALA ALA A . n 
A 1 41 TYR 41 41  41  TYR TYR A . n 
A 1 42 ILE 42 42  42  ILE ILE A . n 
A 1 43 LYS 43 43  43  LYS LYS A . n 
A 1 44 LYS 44 44  44  LYS LYS A . n 
A 1 45 GLU 45 45  45  GLU GLU A . n 
A 1 46 PHE 46 46  46  PHE PHE A . n 
A 1 47 ASP 47 47  47  ASP ASP A . n 
A 1 48 LYS 48 48  48  LYS LYS A . n 
A 1 49 LYS 49 49  49  LYS LYS A . n 
A 1 50 TYR 50 50  50  TYR TYR A . n 
A 1 51 ASN 51 51  51  ASN ASN A . n 
A 1 52 PRO 52 52  52  PRO PRO A . n 
A 1 53 THR 53 53  53  THR THR A . n 
A 1 54 TRP 54 54  54  TRP TRP A . n 
A 1 55 HIS 55 55  55  HIS HIS A . n 
A 1 56 CYS 56 56  56  CYS CYS A . n 
A 1 57 ILE 57 57  57  ILE ILE A . n 
A 1 58 VAL 58 58  58  VAL VAL A . n 
A 1 59 GLY 59 59  59  GLY GLY A . n 
A 1 60 ARG 60 60  60  ARG ARG A . n 
A 1 61 ASN 61 61  61  ASN ASN A . n 
A 1 62 PHE 62 62  62  PHE PHE A . n 
A 1 63 GLY 63 63  63  GLY GLY A . n 
A 1 64 SER 64 64  64  SER SER A . n 
A 1 65 TYR 65 65  65  TYR TYR A . n 
A 1 66 VAL 66 66  66  VAL VAL A . n 
A 1 67 THR 67 67  67  THR THR A . n 
A 1 68 HIS 68 68  68  HIS HIS A . n 
A 1 69 GLU 69 69  69  GLU GLU A . n 
A 1 70 THR 70 70  70  THR THR A . n 
A 1 71 ARG 71 71  71  ARG ARG A . n 
A 1 72 HIS 72 72  72  HIS HIS A . n 
A 1 73 PHE 73 73  73  PHE PHE A . n 
A 1 74 ILE 74 74  74  ILE ILE A . n 
A 1 75 TYR 75 75  75  TYR TYR A . n 
A 1 76 PHE 76 76  76  PHE PHE A . n 
A 1 77 TYR 77 77  77  TYR TYR A . n 
A 1 78 LEU 78 78  78  LEU LEU A . n 
A 1 79 GLY 79 79  79  GLY GLY A . n 
A 1 80 GLN 80 80  80  GLN GLN A . n 
A 1 81 VAL 81 81  81  VAL VAL A . n 
A 1 82 ALA 82 82  82  ALA ALA A . n 
A 1 83 ILE 83 83  83  ILE ILE A . n 
A 1 84 LEU 84 84  84  LEU LEU A . n 
A 1 85 LEU 85 85  85  LEU LEU A . n 
A 1 86 PHE 86 86  86  PHE PHE A . n 
A 1 87 LYS 87 87  87  LYS LYS A . n 
A 1 88 SER 88 88  88  SER SER A . n 
A 1 89 GLY 89 89  89  GLY GLY A . n 
B 2 1  ASN 1  125 ?   ?   ?   Z . n 
B 2 2  LEU 2  126 126 LEU LEU Z . n 
B 2 3  VAL 3  127 127 VAL VAL Z . n 
B 2 4  TYR 4  128 128 TYR TYR Z . n 
B 2 5  THR 5  129 129 THR THR Z . n 
B 2 6  LYS 6  130 130 LYS LYS Z . n 
B 2 7  GLN 7  131 131 GLN GLN Z . n 
B 2 8  THR 8  132 132 THR THR Z . n 
B 2 9  GLN 9  133 133 GLN GLN Z . n 
B 2 10 THR 10 134 134 THR THR Z . n 
B 2 11 THR 11 135 135 THR THR Z . n 
B 2 12 PRO 12 136 136 PRO PRO Z . n 
B 2 13 PRO 13 137 137 PRO PRO Z . n 
B 2 14 LYS 14 138 138 LYS LYS Z . n 
B 2 15 GLU 15 139 139 GLU GLU Z . n 
B 2 16 THR 16 140 140 THR THR Z . n 
B 2 17 LEU 17 141 141 LEU LEU Z . n 
B 2 18 VAL 18 142 142 VAL VAL Z . n 
B 2 19 TYR 19 143 ?   ?   ?   Z . n 
B 2 20 THR 20 144 ?   ?   ?   Z . n 
B 2 21 LYS 21 145 ?   ?   ?   Z . n 
B 2 22 GLN 22 146 ?   ?   ?   Z . n 
B 2 23 THR 23 147 ?   ?   ?   Z . n 
B 2 24 GLN 24 148 ?   ?   ?   Z . n 
B 2 25 THR 25 149 ?   ?   ?   Z . n 
B 2 26 THR 26 150 ?   ?   ?   Z . n 
B 2 27 SER 27 151 ?   ?   ?   Z . n 
B 2 28 THR 28 152 ?   ?   ?   Z . n 
# 
loop_
_pdbx_nonpoly_scheme.asym_id 
_pdbx_nonpoly_scheme.entity_id 
_pdbx_nonpoly_scheme.mon_id 
_pdbx_nonpoly_scheme.ndb_seq_num 
_pdbx_nonpoly_scheme.pdb_seq_num 
_pdbx_nonpoly_scheme.auth_seq_num 
_pdbx_nonpoly_scheme.pdb_mon_id 
_pdbx_nonpoly_scheme.auth_mon_id 
_pdbx_nonpoly_scheme.pdb_strand_id 
_pdbx_nonpoly_scheme.pdb_ins_code 
C 3 HOH 1 90 1 HOH HOH A . 
C 3 HOH 2 91 2 HOH HOH A . 
C 3 HOH 3 92 3 HOH HOH A . 
# 
loop_
_software.name 
_software.classification 
_software.version 
_software.citation_id 
_software.pdbx_ordinal 
HKL-2000 'data collection' .        ? 1 
PHASER   phasing           .        ? 2 
REFMAC   refinement        5.5.0046 ? 3 
MOSFLM   'data reduction'  .        ? 4 
SCALA    'data scaling'    .        ? 5 
# 
_cell.entry_id           3GLW 
_cell.length_a           44.645 
_cell.length_b           44.645 
_cell.length_c           219.376 
_cell.angle_alpha        90.00 
_cell.angle_beta         90.00 
_cell.angle_gamma        120.00 
_cell.Z_PDB              12 
_cell.pdbx_unique_axis   ? 
_cell.length_a_esd       ? 
_cell.length_b_esd       ? 
_cell.length_c_esd       ? 
_cell.angle_alpha_esd    ? 
_cell.angle_beta_esd     ? 
_cell.angle_gamma_esd    ? 
# 
_symmetry.entry_id                         3GLW 
_symmetry.space_group_name_H-M             'P 61 2 2' 
_symmetry.pdbx_full_space_group_name_H-M   ? 
_symmetry.cell_setting                     ? 
_symmetry.Int_Tables_number                178 
_symmetry.space_group_name_Hall            ? 
# 
_exptl.entry_id          3GLW 
_exptl.method            'X-RAY DIFFRACTION' 
_exptl.crystals_number   10 
# 
_exptl_crystal.id                    1 
_exptl_crystal.density_meas          ? 
_exptl_crystal.density_Matthews      2.32 
_exptl_crystal.density_percent_sol   47.01 
_exptl_crystal.description           ? 
_exptl_crystal.F_000                 ? 
_exptl_crystal.preparation           ? 
# 
_exptl_crystal_grow.crystal_id      1 
_exptl_crystal_grow.method          'VAPOR DIFFUSION, HANGING DROP' 
_exptl_crystal_grow.temp            277.15 
_exptl_crystal_grow.temp_details    ? 
_exptl_crystal_grow.pH              7.5 
_exptl_crystal_grow.pdbx_pH_range   ? 
_exptl_crystal_grow.pdbx_details    
'30% PEG 400, 100 mM Hepes, 200 mM magnesium chloride at pH 7.5, VAPOR DIFFUSION, HANGING DROP, temperature 277.15K' 
# 
_diffrn.id                     1 
_diffrn.ambient_temp           100 
_diffrn.ambient_temp_details   ? 
_diffrn.crystal_id             1 
# 
_diffrn_detector.diffrn_id              1 
_diffrn_detector.detector               'IMAGE PLATE' 
_diffrn_detector.type                   RIGAKU 
_diffrn_detector.pdbx_collection_date   2009-01-01 
_diffrn_detector.details                ? 
# 
_diffrn_radiation.diffrn_id                        1 
_diffrn_radiation.wavelength_id                    1 
_diffrn_radiation.pdbx_monochromatic_or_laue_m_l   M 
_diffrn_radiation.monochromator                    'osmic mirrors' 
_diffrn_radiation.pdbx_diffrn_protocol             'SINGLE WAVELENGTH' 
_diffrn_radiation.pdbx_scattering_type             x-ray 
# 
_diffrn_radiation_wavelength.id           1 
_diffrn_radiation_wavelength.wavelength   1.54 
_diffrn_radiation_wavelength.wt           1.0 
# 
_diffrn_source.diffrn_id                   1 
_diffrn_source.source                      'ROTATING ANODE' 
_diffrn_source.type                        RIGAKU 
_diffrn_source.pdbx_synchrotron_site       ? 
_diffrn_source.pdbx_synchrotron_beamline   ? 
_diffrn_source.pdbx_wavelength             ? 
_diffrn_source.pdbx_wavelength_list        1.54 
# 
_reflns.entry_id                     3GLW 
_reflns.observed_criterion_sigma_I   2.0 
_reflns.observed_criterion_sigma_F   2.0 
_reflns.d_resolution_low             38.66 
_reflns.d_resolution_high            3.15 
_reflns.number_obs                   2695 
_reflns.number_all                   2695 
_reflns.percent_possible_obs         100 
_reflns.pdbx_Rmerge_I_obs            .103 
_reflns.pdbx_Rsym_value              .101 
_reflns.pdbx_netI_over_sigmaI        6.5 
_reflns.B_iso_Wilson_estimate        ? 
_reflns.pdbx_redundancy              25.8 
_reflns.R_free_details               ? 
_reflns.limit_h_max                  ? 
_reflns.limit_h_min                  ? 
_reflns.limit_k_max                  ? 
_reflns.limit_k_min                  ? 
_reflns.limit_l_max                  ? 
_reflns.limit_l_min                  ? 
_reflns.observed_criterion_F_max     ? 
_reflns.observed_criterion_F_min     ? 
_reflns.pdbx_chi_squared             ? 
_reflns.pdbx_scaling_rejects         ? 
_reflns.pdbx_ordinal                 1 
_reflns.pdbx_diffrn_id               1 
# 
_reflns_shell.d_res_high             3.15 
_reflns_shell.d_res_low              3.32 
_reflns_shell.percent_possible_all   100 
_reflns_shell.Rmerge_I_obs           .462 
_reflns_shell.pdbx_Rsym_value        .454 
_reflns_shell.meanI_over_sigI_obs    19.5 
_reflns_shell.pdbx_redundancy        28.8 
_reflns_shell.percent_possible_obs   ? 
_reflns_shell.number_unique_all      ? 
_reflns_shell.number_measured_all    ? 
_reflns_shell.number_measured_obs    ? 
_reflns_shell.number_unique_obs      ? 
_reflns_shell.pdbx_chi_squared       ? 
_reflns_shell.pdbx_ordinal           1 
_reflns_shell.pdbx_diffrn_id         1 
# 
_refine.pdbx_refine_id                           'X-RAY DIFFRACTION' 
_refine.entry_id                                 3GLW 
_refine.ls_number_reflns_obs                     2520 
_refine.ls_number_reflns_all                     2695 
_refine.pdbx_ls_sigma_I                          ? 
_refine.pdbx_ls_sigma_F                          . 
_refine.pdbx_data_cutoff_high_absF               ? 
_refine.pdbx_data_cutoff_low_absF                ? 
_refine.pdbx_data_cutoff_high_rms_absF           ? 
_refine.ls_d_res_low                             38.66 
_refine.ls_d_res_high                            3.15 
_refine.ls_percent_reflns_obs                    99.85 
_refine.ls_R_factor_obs                          0.20630 
_refine.ls_R_factor_all                          ? 
_refine.ls_R_factor_R_work                       0.20329 
_refine.ls_R_factor_R_free                       0.27080 
_refine.ls_R_factor_R_free_error                 ? 
_refine.ls_R_factor_R_free_error_details         ? 
_refine.ls_percent_reflns_R_free                 4.5 
_refine.ls_number_reflns_R_free                  118 
_refine.ls_number_parameters                     ? 
_refine.ls_number_restraints                     ? 
_refine.occupancy_min                            ? 
_refine.occupancy_max                            ? 
_refine.correlation_coeff_Fo_to_Fc               0.944 
_refine.correlation_coeff_Fo_to_Fc_free          0.880 
_refine.B_iso_mean                               50.399 
_refine.aniso_B[1][1]                            3.28 
_refine.aniso_B[2][2]                            3.28 
_refine.aniso_B[3][3]                            -4.92 
_refine.aniso_B[1][2]                            1.64 
_refine.aniso_B[1][3]                            0.00 
_refine.aniso_B[2][3]                            0.00 
_refine.solvent_model_details                    MASK 
_refine.solvent_model_param_ksol                 ? 
_refine.solvent_model_param_bsol                 ? 
_refine.pdbx_solvent_vdw_probe_radii             1.40 
_refine.pdbx_solvent_ion_probe_radii             0.80 
_refine.pdbx_solvent_shrinkage_radii             0.80 
_refine.pdbx_ls_cross_valid_method               THROUGHOUT 
_refine.details                                  'HYDROGENS HAVE BEEN ADDED IN THE RIDING POSITIONS' 
_refine.pdbx_starting_model                      ? 
_refine.pdbx_method_to_determine_struct          'MOLECULAR REPLACEMENT' 
_refine.pdbx_isotropic_thermal_model             ? 
_refine.pdbx_stereochemistry_target_values       'MAXIMUM LIKELIHOOD' 
_refine.pdbx_stereochem_target_val_spec_case     ? 
_refine.pdbx_R_Free_selection_details            RANDOM 
_refine.pdbx_overall_ESU_R                       ? 
_refine.pdbx_overall_ESU_R_Free                  0.516 
_refine.overall_SU_ML                            0.447 
_refine.pdbx_overall_phase_error                 ? 
_refine.overall_SU_B                             60.771 
_refine.ls_redundancy_reflns_obs                 ? 
_refine.B_iso_min                                ? 
_refine.B_iso_max                                ? 
_refine.overall_SU_R_Cruickshank_DPI             ? 
_refine.overall_SU_R_free                        ? 
_refine.ls_wR_factor_R_free                      ? 
_refine.ls_wR_factor_R_work                      ? 
_refine.overall_FOM_free_R_set                   ? 
_refine.overall_FOM_work_R_set                   ? 
_refine.pdbx_TLS_residual_ADP_flag               'LIKELY RESIDUAL' 
_refine.pdbx_diffrn_id                           1 
_refine.pdbx_overall_SU_R_free_Cruickshank_DPI   ? 
_refine.pdbx_overall_SU_R_Blow_DPI               ? 
_refine.pdbx_overall_SU_R_free_Blow_DPI          ? 
# 
_refine_hist.pdbx_refine_id                   'X-RAY DIFFRACTION' 
_refine_hist.cycle_id                         LAST 
_refine_hist.pdbx_number_atoms_protein        844 
_refine_hist.pdbx_number_atoms_nucleic_acid   0 
_refine_hist.pdbx_number_atoms_ligand         0 
_refine_hist.number_atoms_solvent             3 
_refine_hist.number_atoms_total               847 
_refine_hist.d_res_high                       3.15 
_refine_hist.d_res_low                        38.66 
# 
loop_
_refine_ls_restr.type 
_refine_ls_restr.dev_ideal 
_refine_ls_restr.dev_ideal_target 
_refine_ls_restr.weight 
_refine_ls_restr.number 
_refine_ls_restr.pdbx_refine_id 
_refine_ls_restr.pdbx_restraint_function 
r_bond_refined_d             0.000  0.022  ? 914  'X-RAY DIFFRACTION' ? 
r_bond_other_d               ?      ?      ? ?    'X-RAY DIFFRACTION' ? 
r_angle_refined_deg          0.053  1.951  ? 1244 'X-RAY DIFFRACTION' ? 
r_angle_other_deg            ?      ?      ? ?    'X-RAY DIFFRACTION' ? 
r_dihedral_angle_1_deg       13.414 5.000  ? 115  'X-RAY DIFFRACTION' ? 
r_dihedral_angle_2_deg       38.873 24.545 ? 44   'X-RAY DIFFRACTION' ? 
r_dihedral_angle_3_deg       27.403 15.000 ? 172  'X-RAY DIFFRACTION' ? 
r_dihedral_angle_4_deg       17.767 15.000 ? 4    'X-RAY DIFFRACTION' ? 
r_chiral_restr               0.002  0.200  ? 138  'X-RAY DIFFRACTION' ? 
r_gen_planes_refined         0.000  0.021  ? 691  'X-RAY DIFFRACTION' ? 
r_gen_planes_other           ?      ?      ? ?    'X-RAY DIFFRACTION' ? 
r_nbd_refined                ?      ?      ? ?    'X-RAY DIFFRACTION' ? 
r_nbd_other                  ?      ?      ? ?    'X-RAY DIFFRACTION' ? 
r_nbtor_refined              ?      ?      ? ?    'X-RAY DIFFRACTION' ? 
r_nbtor_other                ?      ?      ? ?    'X-RAY DIFFRACTION' ? 
r_xyhbond_nbd_refined        ?      ?      ? ?    'X-RAY DIFFRACTION' ? 
r_xyhbond_nbd_other          ?      ?      ? ?    'X-RAY DIFFRACTION' ? 
r_metal_ion_refined          ?      ?      ? ?    'X-RAY DIFFRACTION' ? 
r_metal_ion_other            ?      ?      ? ?    'X-RAY DIFFRACTION' ? 
r_symmetry_vdw_refined       ?      ?      ? ?    'X-RAY DIFFRACTION' ? 
r_symmetry_vdw_other         ?      ?      ? ?    'X-RAY DIFFRACTION' ? 
r_symmetry_hbond_refined     ?      ?      ? ?    'X-RAY DIFFRACTION' ? 
r_symmetry_hbond_other       ?      ?      ? ?    'X-RAY DIFFRACTION' ? 
r_symmetry_metal_ion_refined ?      ?      ? ?    'X-RAY DIFFRACTION' ? 
r_symmetry_metal_ion_other   ?      ?      ? ?    'X-RAY DIFFRACTION' ? 
r_mcbond_it                  9.066  1.500  ? 542  'X-RAY DIFFRACTION' ? 
r_mcbond_other               ?      ?      ? ?    'X-RAY DIFFRACTION' ? 
r_mcangle_it                 14.033 2.000  ? 887  'X-RAY DIFFRACTION' ? 
r_scbond_it                  19.648 3.000  ? 372  'X-RAY DIFFRACTION' ? 
r_scangle_it                 24.777 4.500  ? 351  'X-RAY DIFFRACTION' ? 
r_rigid_bond_restr           ?      ?      ? ?    'X-RAY DIFFRACTION' ? 
r_sphericity_free            ?      ?      ? ?    'X-RAY DIFFRACTION' ? 
r_sphericity_bonded          ?      ?      ? ?    'X-RAY DIFFRACTION' ? 
# 
loop_
_refine_ls_restr_ncs.dom_id 
_refine_ls_restr_ncs.pdbx_auth_asym_id 
_refine_ls_restr_ncs.pdbx_number 
_refine_ls_restr_ncs.rms_dev_position 
_refine_ls_restr_ncs.weight_position 
_refine_ls_restr_ncs.pdbx_type 
_refine_ls_restr_ncs.pdbx_ens_id 
_refine_ls_restr_ncs.pdbx_ordinal 
_refine_ls_restr_ncs.pdbx_refine_id 
_refine_ls_restr_ncs.ncs_model_details 
_refine_ls_restr_ncs.rms_dev_B_iso 
_refine_ls_restr_ncs.weight_B_iso 
_refine_ls_restr_ncs.pdbx_asym_id 
_refine_ls_restr_ncs.pdbx_rms 
_refine_ls_restr_ncs.pdbx_weight 
1 Z 15 0.00 0.05 'tight positional' 1 1 'X-RAY DIFFRACTION' ? ? ? ? ? ? 
1 Z 15 0.00 0.50 'tight thermal'    1 2 'X-RAY DIFFRACTION' ? ? ? ? ? ? 
# 
_refine_ls_shell.pdbx_refine_id                   'X-RAY DIFFRACTION' 
_refine_ls_shell.pdbx_total_number_of_bins_used   20 
_refine_ls_shell.d_res_high                       3.150 
_refine_ls_shell.d_res_low                        3.231 
_refine_ls_shell.number_reflns_R_work             184 
_refine_ls_shell.R_factor_R_work                  0.323 
_refine_ls_shell.percent_reflns_obs               100.00 
_refine_ls_shell.R_factor_R_free                  0.313 
_refine_ls_shell.R_factor_R_free_error            ? 
_refine_ls_shell.percent_reflns_R_free            ? 
_refine_ls_shell.number_reflns_R_free             8 
_refine_ls_shell.number_reflns_all                ? 
_refine_ls_shell.R_factor_all                     ? 
_refine_ls_shell.redundancy_reflns_obs            ? 
_refine_ls_shell.number_reflns_obs                ? 
# 
_struct_ncs_dom.id            1 
_struct_ncs_dom.details       Z 
_struct_ncs_dom.pdbx_ens_id   1 
# 
_struct_ncs_dom_lim.pdbx_ens_id         1 
_struct_ncs_dom_lim.dom_id              1 
_struct_ncs_dom_lim.pdbx_component_id   1 
_struct_ncs_dom_lim.beg_label_asym_id   B 
_struct_ncs_dom_lim.beg_label_comp_id   LEU 
_struct_ncs_dom_lim.beg_label_seq_id    2 
_struct_ncs_dom_lim.beg_label_alt_id    . 
_struct_ncs_dom_lim.end_label_asym_id   B 
_struct_ncs_dom_lim.end_label_comp_id   VAL 
_struct_ncs_dom_lim.end_label_seq_id    3 
_struct_ncs_dom_lim.end_label_alt_id    . 
_struct_ncs_dom_lim.beg_auth_asym_id    Z 
_struct_ncs_dom_lim.beg_auth_comp_id    LEU 
_struct_ncs_dom_lim.beg_auth_seq_id     126 
_struct_ncs_dom_lim.end_auth_asym_id    Z 
_struct_ncs_dom_lim.end_auth_comp_id    VAL 
_struct_ncs_dom_lim.end_auth_seq_id     127 
_struct_ncs_dom_lim.pdbx_refine_code    1 
_struct_ncs_dom_lim.selection_details   ? 
# 
_struct_ncs_ens.id        1 
_struct_ncs_ens.details   ? 
# 
_struct.entry_id                  3GLW 
_struct.title                     
;Quaternary Structure of Drosophila melanogaster IC/Tctex-1/LC8; Allosteric Interactions of Dynein Light Chains with Dynein Intermediate Chain
;
_struct.pdbx_model_details        ? 
_struct.pdbx_CASP_flag            ? 
_struct.pdbx_model_type_details   ? 
# 
_struct_keywords.entry_id        3GLW 
_struct_keywords.pdbx_keywords   'CONTRACTILE PROTEIN' 
_struct_keywords.text            
;LC8, Tctex, Tctex-1, Intermediate Chain, IC, Dynein, Dynein Light Chain, Entropy, Allostery, Chelate Effect, Multivalent., Microtubule, Motor protein, CONTRACTILE PROTEIN
;
# 
loop_
_struct_asym.id 
_struct_asym.pdbx_blank_PDB_chainid_flag 
_struct_asym.pdbx_modified 
_struct_asym.entity_id 
_struct_asym.details 
A N N 1 ? 
B N N 2 ? 
C N N 3 ? 
# 
loop_
_struct_ref.id 
_struct_ref.db_name 
_struct_ref.db_code 
_struct_ref.pdbx_db_accession 
_struct_ref.entity_id 
_struct_ref.pdbx_seq_one_letter_code 
_struct_ref.pdbx_align_begin 
_struct_ref.pdbx_db_isoform 
1 UNP DYL1_DROME Q24117 1 
;MSDRKAVIKNADMSEEMQQDAVDCATQALEKYNIEKDIAAYIKKEFDKKYNPTWHCIVGRNFGSYVTHETRHFIYFYLGQ
VAILLFKSG
;
1 ? 
2 PDB 3GLW       3GLW   2 NLVYTKQTQTTPPKETLVYTKQTQTTST                                                                 ? ? 
# 
loop_
_struct_ref_seq.align_id 
_struct_ref_seq.ref_id 
_struct_ref_seq.pdbx_PDB_id_code 
_struct_ref_seq.pdbx_strand_id 
_struct_ref_seq.seq_align_beg 
_struct_ref_seq.pdbx_seq_align_beg_ins_code 
_struct_ref_seq.seq_align_end 
_struct_ref_seq.pdbx_seq_align_end_ins_code 
_struct_ref_seq.pdbx_db_accession 
_struct_ref_seq.db_align_beg 
_struct_ref_seq.pdbx_db_align_beg_ins_code 
_struct_ref_seq.db_align_end 
_struct_ref_seq.pdbx_db_align_end_ins_code 
_struct_ref_seq.pdbx_auth_seq_align_beg 
_struct_ref_seq.pdbx_auth_seq_align_end 
1 1 3GLW A 1 ? 89 ? Q24117 1   ? 89  ? 1   89  
2 2 3GLW Z 1 ? 28 ? 3GLW   125 ? 152 ? 125 152 
# 
_pdbx_struct_assembly.id                   1 
_pdbx_struct_assembly.details              author_defined_assembly 
_pdbx_struct_assembly.method_details       ? 
_pdbx_struct_assembly.oligomeric_details   octameric 
_pdbx_struct_assembly.oligomeric_count     8 
# 
_pdbx_struct_assembly_gen.assembly_id       1 
_pdbx_struct_assembly_gen.oper_expression   1,2,3,4 
_pdbx_struct_assembly_gen.asym_id_list      A,B,C 
# 
loop_
_pdbx_struct_oper_list.id 
_pdbx_struct_oper_list.type 
_pdbx_struct_oper_list.name 
_pdbx_struct_oper_list.symmetry_operation 
_pdbx_struct_oper_list.matrix[1][1] 
_pdbx_struct_oper_list.matrix[1][2] 
_pdbx_struct_oper_list.matrix[1][3] 
_pdbx_struct_oper_list.vector[1] 
_pdbx_struct_oper_list.matrix[2][1] 
_pdbx_struct_oper_list.matrix[2][2] 
_pdbx_struct_oper_list.matrix[2][3] 
_pdbx_struct_oper_list.vector[2] 
_pdbx_struct_oper_list.matrix[3][1] 
_pdbx_struct_oper_list.matrix[3][2] 
_pdbx_struct_oper_list.matrix[3][3] 
_pdbx_struct_oper_list.vector[3] 
1 'identity operation'         1_555 x,y,z       1.0000000000 0.0000000000 0.0000000000 0.0000000000  0.0000000000 1.0000000000  0.0000000000 0.0000000000  0.0000000000 0.0000000000 1.0000000000  0.0000000000   
2 'crystal symmetry operation' 1_455 x-1,y,z     1.0000000000 0.0000000000 0.0000000000 41.3355269574 0.0000000000 1.0000000000  0.0000000000 16.3327268493 0.0000000000 0.0000000000 1.0000000000  4.2180884081   
3 'crystal symmetry operation' 8_555 x-y,-y,-z   0.7144755580 0.6774332648 0.1749538474 2.4894514602  0.6774332648 -0.7323287427 0.0691287522 -1.6936161316 0.1749538474 0.0691287522 -0.9821468153 -17.8378002064 
4 'crystal symmetry operation' 8_455 x-y-1,-y,-z 0.7144755580 0.6774332648 0.1749538474 43.8249784176 0.6774332648 -0.7323287427 0.0691287522 14.6391107177 0.1749538474 0.0691287522 -0.9821468153 -13.6197117983 
# 
_struct_biol.id        1 
_struct_biol.details   ? 
# 
loop_
_struct_conf.conf_type_id 
_struct_conf.id 
_struct_conf.pdbx_PDB_helix_id 
_struct_conf.beg_label_comp_id 
_struct_conf.beg_label_asym_id 
_struct_conf.beg_label_seq_id 
_struct_conf.pdbx_beg_PDB_ins_code 
_struct_conf.end_label_comp_id 
_struct_conf.end_label_asym_id 
_struct_conf.end_label_seq_id 
_struct_conf.pdbx_end_PDB_ins_code 
_struct_conf.beg_auth_comp_id 
_struct_conf.beg_auth_asym_id 
_struct_conf.beg_auth_seq_id 
_struct_conf.end_auth_comp_id 
_struct_conf.end_auth_asym_id 
_struct_conf.end_auth_seq_id 
_struct_conf.pdbx_PDB_helix_class 
_struct_conf.details 
_struct_conf.pdbx_PDB_helix_length 
HELX_P HELX_P1 1 SER A 14 ? TYR A 32 ? SER A 14 TYR A 32 1 ? 19 
HELX_P HELX_P2 2 ILE A 34 ? TYR A 50 ? ILE A 34 TYR A 50 1 ? 17 
# 
_struct_conf_type.id          HELX_P 
_struct_conf_type.criteria    ? 
_struct_conf_type.reference   ? 
# 
_struct_conn.id                            covale1 
_struct_conn.conn_type_id                  covale 
_struct_conn.pdbx_leaving_atom_flag        none 
_struct_conn.pdbx_PDB_id                   ? 
_struct_conn.ptnr1_label_asym_id           A 
_struct_conn.ptnr1_label_comp_id           PHE 
_struct_conn.ptnr1_label_seq_id            46 
_struct_conn.ptnr1_label_atom_id           O 
_struct_conn.pdbx_ptnr1_label_alt_id       ? 
_struct_conn.pdbx_ptnr1_PDB_ins_code       ? 
_struct_conn.pdbx_ptnr1_standard_comp_id   ? 
_struct_conn.ptnr1_symmetry                1_555 
_struct_conn.ptnr2_label_asym_id           A 
_struct_conn.ptnr2_label_comp_id           TYR 
_struct_conn.ptnr2_label_seq_id            50 
_struct_conn.ptnr2_label_atom_id           O 
_struct_conn.pdbx_ptnr2_label_alt_id       ? 
_struct_conn.pdbx_ptnr2_PDB_ins_code       ? 
_struct_conn.ptnr1_auth_asym_id            A 
_struct_conn.ptnr1_auth_comp_id            PHE 
_struct_conn.ptnr1_auth_seq_id             46 
_struct_conn.ptnr2_auth_asym_id            A 
_struct_conn.ptnr2_auth_comp_id            TYR 
_struct_conn.ptnr2_auth_seq_id             50 
_struct_conn.ptnr2_symmetry                1_555 
_struct_conn.pdbx_ptnr3_label_atom_id      ? 
_struct_conn.pdbx_ptnr3_label_seq_id       ? 
_struct_conn.pdbx_ptnr3_label_comp_id      ? 
_struct_conn.pdbx_ptnr3_label_asym_id      ? 
_struct_conn.pdbx_ptnr3_label_alt_id       ? 
_struct_conn.pdbx_ptnr3_PDB_ins_code       ? 
_struct_conn.details                       ? 
_struct_conn.pdbx_dist_value               1.701 
_struct_conn.pdbx_value_order              ? 
_struct_conn.pdbx_role                     ? 
# 
_struct_conn_type.id          covale 
_struct_conn_type.criteria    ? 
_struct_conn_type.reference   ? 
# 
_pdbx_modification_feature.ordinal                            1 
_pdbx_modification_feature.label_comp_id                      PHE 
_pdbx_modification_feature.label_asym_id                      A 
_pdbx_modification_feature.label_seq_id                       46 
_pdbx_modification_feature.label_alt_id                       ? 
_pdbx_modification_feature.modified_residue_label_comp_id     TYR 
_pdbx_modification_feature.modified_residue_label_asym_id     A 
_pdbx_modification_feature.modified_residue_label_seq_id      50 
_pdbx_modification_feature.modified_residue_label_alt_id      ? 
_pdbx_modification_feature.auth_comp_id                       PHE 
_pdbx_modification_feature.auth_asym_id                       A 
_pdbx_modification_feature.auth_seq_id                        46 
_pdbx_modification_feature.PDB_ins_code                       ? 
_pdbx_modification_feature.symmetry                           1_555 
_pdbx_modification_feature.modified_residue_auth_comp_id      TYR 
_pdbx_modification_feature.modified_residue_auth_asym_id      A 
_pdbx_modification_feature.modified_residue_auth_seq_id       50 
_pdbx_modification_feature.modified_residue_PDB_ins_code      ? 
_pdbx_modification_feature.modified_residue_symmetry          1_555 
_pdbx_modification_feature.comp_id_linking_atom               O 
_pdbx_modification_feature.modified_residue_id_linking_atom   O 
_pdbx_modification_feature.modified_residue_id                . 
_pdbx_modification_feature.ref_pcm_id                         . 
_pdbx_modification_feature.ref_comp_id                        . 
_pdbx_modification_feature.type                               None 
_pdbx_modification_feature.category                           'Non-standard linkage' 
# 
_struct_mon_prot_cis.pdbx_id                1 
_struct_mon_prot_cis.label_comp_id          PRO 
_struct_mon_prot_cis.label_seq_id           52 
_struct_mon_prot_cis.label_asym_id          A 
_struct_mon_prot_cis.label_alt_id           . 
_struct_mon_prot_cis.pdbx_PDB_ins_code      ? 
_struct_mon_prot_cis.auth_comp_id           PRO 
_struct_mon_prot_cis.auth_seq_id            52 
_struct_mon_prot_cis.auth_asym_id           A 
_struct_mon_prot_cis.pdbx_label_comp_id_2   THR 
_struct_mon_prot_cis.pdbx_label_seq_id_2    53 
_struct_mon_prot_cis.pdbx_label_asym_id_2   A 
_struct_mon_prot_cis.pdbx_PDB_ins_code_2    ? 
_struct_mon_prot_cis.pdbx_auth_comp_id_2    THR 
_struct_mon_prot_cis.pdbx_auth_seq_id_2     53 
_struct_mon_prot_cis.pdbx_auth_asym_id_2    A 
_struct_mon_prot_cis.pdbx_PDB_model_num     1 
_struct_mon_prot_cis.pdbx_omega_angle       6.78 
# 
loop_
_struct_sheet.id 
_struct_sheet.type 
_struct_sheet.number_strands 
_struct_sheet.details 
A ? 4 ? 
B ? 2 ? 
# 
loop_
_struct_sheet_order.sheet_id 
_struct_sheet_order.range_id_1 
_struct_sheet_order.range_id_2 
_struct_sheet_order.offset 
_struct_sheet_order.sense 
A 1 2 ? anti-parallel 
A 2 3 ? anti-parallel 
A 3 4 ? anti-parallel 
B 1 2 ? anti-parallel 
# 
loop_
_struct_sheet_range.sheet_id 
_struct_sheet_range.id 
_struct_sheet_range.beg_label_comp_id 
_struct_sheet_range.beg_label_asym_id 
_struct_sheet_range.beg_label_seq_id 
_struct_sheet_range.pdbx_beg_PDB_ins_code 
_struct_sheet_range.end_label_comp_id 
_struct_sheet_range.end_label_asym_id 
_struct_sheet_range.end_label_seq_id 
_struct_sheet_range.pdbx_end_PDB_ins_code 
_struct_sheet_range.beg_auth_comp_id 
_struct_sheet_range.beg_auth_asym_id 
_struct_sheet_range.beg_auth_seq_id 
_struct_sheet_range.end_auth_comp_id 
_struct_sheet_range.end_auth_asym_id 
_struct_sheet_range.end_auth_seq_id 
A 1 ALA A 6  ? MET A 13 ? ALA A 6   MET A 13  
A 2 HIS A 72 ? LEU A 78 ? HIS A 72  LEU A 78  
A 3 VAL A 81 ? LYS A 87 ? VAL A 81  LYS A 87  
A 4 TRP A 54 ? GLY A 59 ? TRP A 54  GLY A 59  
B 1 TYR A 65 ? GLU A 69 ? TYR A 65  GLU A 69  
B 2 VAL B 3  ? GLN B 7  ? VAL Z 127 GLN Z 131 
# 
loop_
_pdbx_struct_sheet_hbond.sheet_id 
_pdbx_struct_sheet_hbond.range_id_1 
_pdbx_struct_sheet_hbond.range_id_2 
_pdbx_struct_sheet_hbond.range_1_label_atom_id 
_pdbx_struct_sheet_hbond.range_1_label_comp_id 
_pdbx_struct_sheet_hbond.range_1_label_asym_id 
_pdbx_struct_sheet_hbond.range_1_label_seq_id 
_pdbx_struct_sheet_hbond.range_1_PDB_ins_code 
_pdbx_struct_sheet_hbond.range_1_auth_atom_id 
_pdbx_struct_sheet_hbond.range_1_auth_comp_id 
_pdbx_struct_sheet_hbond.range_1_auth_asym_id 
_pdbx_struct_sheet_hbond.range_1_auth_seq_id 
_pdbx_struct_sheet_hbond.range_2_label_atom_id 
_pdbx_struct_sheet_hbond.range_2_label_comp_id 
_pdbx_struct_sheet_hbond.range_2_label_asym_id 
_pdbx_struct_sheet_hbond.range_2_label_seq_id 
_pdbx_struct_sheet_hbond.range_2_PDB_ins_code 
_pdbx_struct_sheet_hbond.range_2_auth_atom_id 
_pdbx_struct_sheet_hbond.range_2_auth_comp_id 
_pdbx_struct_sheet_hbond.range_2_auth_asym_id 
_pdbx_struct_sheet_hbond.range_2_auth_seq_id 
A 1 2 N ASP A 12 ? N ASP A 12 O PHE A 73 ? O PHE A 73  
A 2 3 N PHE A 76 ? N PHE A 76 O ILE A 83 ? O ILE A 83  
A 3 4 O ALA A 82 ? O ALA A 82 N GLY A 59 ? N GLY A 59  
B 1 2 N HIS A 68 ? N HIS A 68 O TYR B 4  ? O TYR Z 128 
# 
_pdbx_entry_details.entry_id                   3GLW 
_pdbx_entry_details.compound_details           ? 
_pdbx_entry_details.source_details             ? 
_pdbx_entry_details.nonpolymer_details         ? 
_pdbx_entry_details.sequence_details           ? 
_pdbx_entry_details.has_ligand_of_interest     ? 
_pdbx_entry_details.has_protein_modification   Y 
# 
loop_
_pdbx_validate_close_contact.id 
_pdbx_validate_close_contact.PDB_model_num 
_pdbx_validate_close_contact.auth_atom_id_1 
_pdbx_validate_close_contact.auth_asym_id_1 
_pdbx_validate_close_contact.auth_comp_id_1 
_pdbx_validate_close_contact.auth_seq_id_1 
_pdbx_validate_close_contact.PDB_ins_code_1 
_pdbx_validate_close_contact.label_alt_id_1 
_pdbx_validate_close_contact.auth_atom_id_2 
_pdbx_validate_close_contact.auth_asym_id_2 
_pdbx_validate_close_contact.auth_comp_id_2 
_pdbx_validate_close_contact.auth_seq_id_2 
_pdbx_validate_close_contact.PDB_ins_code_2 
_pdbx_validate_close_contact.label_alt_id_2 
_pdbx_validate_close_contact.dist 
1 1 OE2 A GLU 35  ? ? NH2 A ARG 60  ? B 1.83 
2 1 O   Z THR 134 ? ? CD  Z PRO 136 ? ? 2.14 
# 
loop_
_pdbx_validate_symm_contact.id 
_pdbx_validate_symm_contact.PDB_model_num 
_pdbx_validate_symm_contact.auth_atom_id_1 
_pdbx_validate_symm_contact.auth_asym_id_1 
_pdbx_validate_symm_contact.auth_comp_id_1 
_pdbx_validate_symm_contact.auth_seq_id_1 
_pdbx_validate_symm_contact.PDB_ins_code_1 
_pdbx_validate_symm_contact.label_alt_id_1 
_pdbx_validate_symm_contact.site_symmetry_1 
_pdbx_validate_symm_contact.auth_atom_id_2 
_pdbx_validate_symm_contact.auth_asym_id_2 
_pdbx_validate_symm_contact.auth_comp_id_2 
_pdbx_validate_symm_contact.auth_seq_id_2 
_pdbx_validate_symm_contact.PDB_ins_code_2 
_pdbx_validate_symm_contact.label_alt_id_2 
_pdbx_validate_symm_contact.site_symmetry_2 
_pdbx_validate_symm_contact.dist 
1 1 N Z TYR 128 ? ? 1_555 C  Z VAL 142 ? ? 1_655 1.17 
2 1 N Z TYR 128 ? ? 1_555 O  Z VAL 142 ? ? 1_655 1.96 
3 1 N Z TYR 128 ? ? 1_555 CA Z VAL 142 ? ? 1_655 2.19 
# 
loop_
_pdbx_validate_torsion.id 
_pdbx_validate_torsion.PDB_model_num 
_pdbx_validate_torsion.auth_comp_id 
_pdbx_validate_torsion.auth_asym_id 
_pdbx_validate_torsion.auth_seq_id 
_pdbx_validate_torsion.PDB_ins_code 
_pdbx_validate_torsion.label_alt_id 
_pdbx_validate_torsion.phi 
_pdbx_validate_torsion.psi 
1 1 LYS A 48  ? ? -65.53  -75.85 
2 1 ASN A 61  ? B -161.70 94.06  
3 1 PHE A 62  ? ? -172.05 147.62 
4 1 ARG A 71  ? ? 93.07   -0.46  
5 1 PRO Z 136 ? ? -50.56  104.17 
6 1 LEU Z 141 ? ? -29.07  161.33 
# 
loop_
_pdbx_validate_peptide_omega.id 
_pdbx_validate_peptide_omega.PDB_model_num 
_pdbx_validate_peptide_omega.auth_comp_id_1 
_pdbx_validate_peptide_omega.auth_asym_id_1 
_pdbx_validate_peptide_omega.auth_seq_id_1 
_pdbx_validate_peptide_omega.PDB_ins_code_1 
_pdbx_validate_peptide_omega.label_alt_id_1 
_pdbx_validate_peptide_omega.auth_comp_id_2 
_pdbx_validate_peptide_omega.auth_asym_id_2 
_pdbx_validate_peptide_omega.auth_seq_id_2 
_pdbx_validate_peptide_omega.PDB_ins_code_2 
_pdbx_validate_peptide_omega.label_alt_id_2 
_pdbx_validate_peptide_omega.omega 
1 1 ALA A 11 ? ? ASP A 12 ? ? 149.04  
2 1 LEU A 78 ? A GLY A 79 ? ? -142.01 
3 1 SER A 88 ? ? GLY A 89 ? ? -128.71 
# 
loop_
_pdbx_refine_tls.pdbx_refine_id 
_pdbx_refine_tls.id 
_pdbx_refine_tls.details 
_pdbx_refine_tls.method 
_pdbx_refine_tls.origin_x 
_pdbx_refine_tls.origin_y 
_pdbx_refine_tls.origin_z 
_pdbx_refine_tls.T[1][1] 
_pdbx_refine_tls.T[2][2] 
_pdbx_refine_tls.T[3][3] 
_pdbx_refine_tls.T[1][2] 
_pdbx_refine_tls.T[1][3] 
_pdbx_refine_tls.T[2][3] 
_pdbx_refine_tls.L[1][1] 
_pdbx_refine_tls.L[2][2] 
_pdbx_refine_tls.L[3][3] 
_pdbx_refine_tls.L[1][2] 
_pdbx_refine_tls.L[1][3] 
_pdbx_refine_tls.L[2][3] 
_pdbx_refine_tls.S[1][1] 
_pdbx_refine_tls.S[1][2] 
_pdbx_refine_tls.S[1][3] 
_pdbx_refine_tls.S[2][1] 
_pdbx_refine_tls.S[2][2] 
_pdbx_refine_tls.S[2][3] 
_pdbx_refine_tls.S[3][1] 
_pdbx_refine_tls.S[3][2] 
_pdbx_refine_tls.S[3][3] 
'X-RAY DIFFRACTION' 1 ? refined -0.8309 -2.1111 1.1864  0.2530 0.0788 0.0620 0.0904 0.0477 0.0202 3.5336 2.0109 1.7307 -0.6223 0.0751  -1.3405 -0.1508 -0.3483 -0.1640 0.3926 0.0075 0.1014 -0.2466 0.0078 0.1433  
'X-RAY DIFFRACTION' 2 ? refined 3.4836  10.5008 -5.2477 0.3755 0.0370 0.3518 0.1098 0.0688 0.0345 0.0152 0.4147 1.8560 -0.0769 -0.1650 0.8685  0.0197  -0.0061 0.0115  0.0624 0.0745 0.0025 0.1057  0.1134 -0.0941 
# 
loop_
_pdbx_refine_tls_group.pdbx_refine_id 
_pdbx_refine_tls_group.id 
_pdbx_refine_tls_group.refine_tls_id 
_pdbx_refine_tls_group.beg_auth_asym_id 
_pdbx_refine_tls_group.beg_auth_seq_id 
_pdbx_refine_tls_group.end_auth_asym_id 
_pdbx_refine_tls_group.end_auth_seq_id 
_pdbx_refine_tls_group.selection_details 
_pdbx_refine_tls_group.beg_label_asym_id 
_pdbx_refine_tls_group.beg_label_seq_id 
_pdbx_refine_tls_group.end_label_asym_id 
_pdbx_refine_tls_group.end_label_seq_id 
_pdbx_refine_tls_group.selection 
'X-RAY DIFFRACTION' 1 1 A 4   A 89  ? ? ? ? ? ? 
'X-RAY DIFFRACTION' 2 2 Z 126 Z 142 ? ? ? ? ? ? 
# 
loop_
_pdbx_unobs_or_zero_occ_residues.id 
_pdbx_unobs_or_zero_occ_residues.PDB_model_num 
_pdbx_unobs_or_zero_occ_residues.polymer_flag 
_pdbx_unobs_or_zero_occ_residues.occupancy_flag 
_pdbx_unobs_or_zero_occ_residues.auth_asym_id 
_pdbx_unobs_or_zero_occ_residues.auth_comp_id 
_pdbx_unobs_or_zero_occ_residues.auth_seq_id 
_pdbx_unobs_or_zero_occ_residues.PDB_ins_code 
_pdbx_unobs_or_zero_occ_residues.label_asym_id 
_pdbx_unobs_or_zero_occ_residues.label_comp_id 
_pdbx_unobs_or_zero_occ_residues.label_seq_id 
1  1 Y 1 A MET 1   ? A MET 1  
2  1 Y 1 A SER 2   ? A SER 2  
3  1 Y 1 A ASP 3   ? A ASP 3  
4  1 Y 1 Z ASN 125 ? B ASN 1  
5  1 Y 1 Z TYR 143 ? B TYR 19 
6  1 Y 1 Z THR 144 ? B THR 20 
7  1 Y 1 Z LYS 145 ? B LYS 21 
8  1 Y 1 Z GLN 146 ? B GLN 22 
9  1 Y 1 Z THR 147 ? B THR 23 
10 1 Y 1 Z GLN 148 ? B GLN 24 
11 1 Y 1 Z THR 149 ? B THR 25 
12 1 Y 1 Z THR 150 ? B THR 26 
13 1 Y 1 Z SER 151 ? B SER 27 
14 1 Y 1 Z THR 152 ? B THR 28 
# 
loop_
_chem_comp_atom.comp_id 
_chem_comp_atom.atom_id 
_chem_comp_atom.type_symbol 
_chem_comp_atom.pdbx_aromatic_flag 
_chem_comp_atom.pdbx_stereo_config 
_chem_comp_atom.pdbx_ordinal 
ALA N    N N N 1   
ALA CA   C N S 2   
ALA C    C N N 3   
ALA O    O N N 4   
ALA CB   C N N 5   
ALA OXT  O N N 6   
ALA H    H N N 7   
ALA H2   H N N 8   
ALA HA   H N N 9   
ALA HB1  H N N 10  
ALA HB2  H N N 11  
ALA HB3  H N N 12  
ALA HXT  H N N 13  
ARG N    N N N 14  
ARG CA   C N S 15  
ARG C    C N N 16  
ARG O    O N N 17  
ARG CB   C N N 18  
ARG CG   C N N 19  
ARG CD   C N N 20  
ARG NE   N N N 21  
ARG CZ   C N N 22  
ARG NH1  N N N 23  
ARG NH2  N N N 24  
ARG OXT  O N N 25  
ARG H    H N N 26  
ARG H2   H N N 27  
ARG HA   H N N 28  
ARG HB2  H N N 29  
ARG HB3  H N N 30  
ARG HG2  H N N 31  
ARG HG3  H N N 32  
ARG HD2  H N N 33  
ARG HD3  H N N 34  
ARG HE   H N N 35  
ARG HH11 H N N 36  
ARG HH12 H N N 37  
ARG HH21 H N N 38  
ARG HH22 H N N 39  
ARG HXT  H N N 40  
ASN N    N N N 41  
ASN CA   C N S 42  
ASN C    C N N 43  
ASN O    O N N 44  
ASN CB   C N N 45  
ASN CG   C N N 46  
ASN OD1  O N N 47  
ASN ND2  N N N 48  
ASN OXT  O N N 49  
ASN H    H N N 50  
ASN H2   H N N 51  
ASN HA   H N N 52  
ASN HB2  H N N 53  
ASN HB3  H N N 54  
ASN HD21 H N N 55  
ASN HD22 H N N 56  
ASN HXT  H N N 57  
ASP N    N N N 58  
ASP CA   C N S 59  
ASP C    C N N 60  
ASP O    O N N 61  
ASP CB   C N N 62  
ASP CG   C N N 63  
ASP OD1  O N N 64  
ASP OD2  O N N 65  
ASP OXT  O N N 66  
ASP H    H N N 67  
ASP H2   H N N 68  
ASP HA   H N N 69  
ASP HB2  H N N 70  
ASP HB3  H N N 71  
ASP HD2  H N N 72  
ASP HXT  H N N 73  
CYS N    N N N 74  
CYS CA   C N R 75  
CYS C    C N N 76  
CYS O    O N N 77  
CYS CB   C N N 78  
CYS SG   S N N 79  
CYS OXT  O N N 80  
CYS H    H N N 81  
CYS H2   H N N 82  
CYS HA   H N N 83  
CYS HB2  H N N 84  
CYS HB3  H N N 85  
CYS HG   H N N 86  
CYS HXT  H N N 87  
GLN N    N N N 88  
GLN CA   C N S 89  
GLN C    C N N 90  
GLN O    O N N 91  
GLN CB   C N N 92  
GLN CG   C N N 93  
GLN CD   C N N 94  
GLN OE1  O N N 95  
GLN NE2  N N N 96  
GLN OXT  O N N 97  
GLN H    H N N 98  
GLN H2   H N N 99  
GLN HA   H N N 100 
GLN HB2  H N N 101 
GLN HB3  H N N 102 
GLN HG2  H N N 103 
GLN HG3  H N N 104 
GLN HE21 H N N 105 
GLN HE22 H N N 106 
GLN HXT  H N N 107 
GLU N    N N N 108 
GLU CA   C N S 109 
GLU C    C N N 110 
GLU O    O N N 111 
GLU CB   C N N 112 
GLU CG   C N N 113 
GLU CD   C N N 114 
GLU OE1  O N N 115 
GLU OE2  O N N 116 
GLU OXT  O N N 117 
GLU H    H N N 118 
GLU H2   H N N 119 
GLU HA   H N N 120 
GLU HB2  H N N 121 
GLU HB3  H N N 122 
GLU HG2  H N N 123 
GLU HG3  H N N 124 
GLU HE2  H N N 125 
GLU HXT  H N N 126 
GLY N    N N N 127 
GLY CA   C N N 128 
GLY C    C N N 129 
GLY O    O N N 130 
GLY OXT  O N N 131 
GLY H    H N N 132 
GLY H2   H N N 133 
GLY HA2  H N N 134 
GLY HA3  H N N 135 
GLY HXT  H N N 136 
HIS N    N N N 137 
HIS CA   C N S 138 
HIS C    C N N 139 
HIS O    O N N 140 
HIS CB   C N N 141 
HIS CG   C Y N 142 
HIS ND1  N Y N 143 
HIS CD2  C Y N 144 
HIS CE1  C Y N 145 
HIS NE2  N Y N 146 
HIS OXT  O N N 147 
HIS H    H N N 148 
HIS H2   H N N 149 
HIS HA   H N N 150 
HIS HB2  H N N 151 
HIS HB3  H N N 152 
HIS HD1  H N N 153 
HIS HD2  H N N 154 
HIS HE1  H N N 155 
HIS HE2  H N N 156 
HIS HXT  H N N 157 
HOH O    O N N 158 
HOH H1   H N N 159 
HOH H2   H N N 160 
ILE N    N N N 161 
ILE CA   C N S 162 
ILE C    C N N 163 
ILE O    O N N 164 
ILE CB   C N S 165 
ILE CG1  C N N 166 
ILE CG2  C N N 167 
ILE CD1  C N N 168 
ILE OXT  O N N 169 
ILE H    H N N 170 
ILE H2   H N N 171 
ILE HA   H N N 172 
ILE HB   H N N 173 
ILE HG12 H N N 174 
ILE HG13 H N N 175 
ILE HG21 H N N 176 
ILE HG22 H N N 177 
ILE HG23 H N N 178 
ILE HD11 H N N 179 
ILE HD12 H N N 180 
ILE HD13 H N N 181 
ILE HXT  H N N 182 
LEU N    N N N 183 
LEU CA   C N S 184 
LEU C    C N N 185 
LEU O    O N N 186 
LEU CB   C N N 187 
LEU CG   C N N 188 
LEU CD1  C N N 189 
LEU CD2  C N N 190 
LEU OXT  O N N 191 
LEU H    H N N 192 
LEU H2   H N N 193 
LEU HA   H N N 194 
LEU HB2  H N N 195 
LEU HB3  H N N 196 
LEU HG   H N N 197 
LEU HD11 H N N 198 
LEU HD12 H N N 199 
LEU HD13 H N N 200 
LEU HD21 H N N 201 
LEU HD22 H N N 202 
LEU HD23 H N N 203 
LEU HXT  H N N 204 
LYS N    N N N 205 
LYS CA   C N S 206 
LYS C    C N N 207 
LYS O    O N N 208 
LYS CB   C N N 209 
LYS CG   C N N 210 
LYS CD   C N N 211 
LYS CE   C N N 212 
LYS NZ   N N N 213 
LYS OXT  O N N 214 
LYS H    H N N 215 
LYS H2   H N N 216 
LYS HA   H N N 217 
LYS HB2  H N N 218 
LYS HB3  H N N 219 
LYS HG2  H N N 220 
LYS HG3  H N N 221 
LYS HD2  H N N 222 
LYS HD3  H N N 223 
LYS HE2  H N N 224 
LYS HE3  H N N 225 
LYS HZ1  H N N 226 
LYS HZ2  H N N 227 
LYS HZ3  H N N 228 
LYS HXT  H N N 229 
MET N    N N N 230 
MET CA   C N S 231 
MET C    C N N 232 
MET O    O N N 233 
MET CB   C N N 234 
MET CG   C N N 235 
MET SD   S N N 236 
MET CE   C N N 237 
MET OXT  O N N 238 
MET H    H N N 239 
MET H2   H N N 240 
MET HA   H N N 241 
MET HB2  H N N 242 
MET HB3  H N N 243 
MET HG2  H N N 244 
MET HG3  H N N 245 
MET HE1  H N N 246 
MET HE2  H N N 247 
MET HE3  H N N 248 
MET HXT  H N N 249 
PHE N    N N N 250 
PHE CA   C N S 251 
PHE C    C N N 252 
PHE O    O N N 253 
PHE CB   C N N 254 
PHE CG   C Y N 255 
PHE CD1  C Y N 256 
PHE CD2  C Y N 257 
PHE CE1  C Y N 258 
PHE CE2  C Y N 259 
PHE CZ   C Y N 260 
PHE OXT  O N N 261 
PHE H    H N N 262 
PHE H2   H N N 263 
PHE HA   H N N 264 
PHE HB2  H N N 265 
PHE HB3  H N N 266 
PHE HD1  H N N 267 
PHE HD2  H N N 268 
PHE HE1  H N N 269 
PHE HE2  H N N 270 
PHE HZ   H N N 271 
PHE HXT  H N N 272 
PRO N    N N N 273 
PRO CA   C N S 274 
PRO C    C N N 275 
PRO O    O N N 276 
PRO CB   C N N 277 
PRO CG   C N N 278 
PRO CD   C N N 279 
PRO OXT  O N N 280 
PRO H    H N N 281 
PRO HA   H N N 282 
PRO HB2  H N N 283 
PRO HB3  H N N 284 
PRO HG2  H N N 285 
PRO HG3  H N N 286 
PRO HD2  H N N 287 
PRO HD3  H N N 288 
PRO HXT  H N N 289 
SER N    N N N 290 
SER CA   C N S 291 
SER C    C N N 292 
SER O    O N N 293 
SER CB   C N N 294 
SER OG   O N N 295 
SER OXT  O N N 296 
SER H    H N N 297 
SER H2   H N N 298 
SER HA   H N N 299 
SER HB2  H N N 300 
SER HB3  H N N 301 
SER HG   H N N 302 
SER HXT  H N N 303 
THR N    N N N 304 
THR CA   C N S 305 
THR C    C N N 306 
THR O    O N N 307 
THR CB   C N R 308 
THR OG1  O N N 309 
THR CG2  C N N 310 
THR OXT  O N N 311 
THR H    H N N 312 
THR H2   H N N 313 
THR HA   H N N 314 
THR HB   H N N 315 
THR HG1  H N N 316 
THR HG21 H N N 317 
THR HG22 H N N 318 
THR HG23 H N N 319 
THR HXT  H N N 320 
TRP N    N N N 321 
TRP CA   C N S 322 
TRP C    C N N 323 
TRP O    O N N 324 
TRP CB   C N N 325 
TRP CG   C Y N 326 
TRP CD1  C Y N 327 
TRP CD2  C Y N 328 
TRP NE1  N Y N 329 
TRP CE2  C Y N 330 
TRP CE3  C Y N 331 
TRP CZ2  C Y N 332 
TRP CZ3  C Y N 333 
TRP CH2  C Y N 334 
TRP OXT  O N N 335 
TRP H    H N N 336 
TRP H2   H N N 337 
TRP HA   H N N 338 
TRP HB2  H N N 339 
TRP HB3  H N N 340 
TRP HD1  H N N 341 
TRP HE1  H N N 342 
TRP HE3  H N N 343 
TRP HZ2  H N N 344 
TRP HZ3  H N N 345 
TRP HH2  H N N 346 
TRP HXT  H N N 347 
TYR N    N N N 348 
TYR CA   C N S 349 
TYR C    C N N 350 
TYR O    O N N 351 
TYR CB   C N N 352 
TYR CG   C Y N 353 
TYR CD1  C Y N 354 
TYR CD2  C Y N 355 
TYR CE1  C Y N 356 
TYR CE2  C Y N 357 
TYR CZ   C Y N 358 
TYR OH   O N N 359 
TYR OXT  O N N 360 
TYR H    H N N 361 
TYR H2   H N N 362 
TYR HA   H N N 363 
TYR HB2  H N N 364 
TYR HB3  H N N 365 
TYR HD1  H N N 366 
TYR HD2  H N N 367 
TYR HE1  H N N 368 
TYR HE2  H N N 369 
TYR HH   H N N 370 
TYR HXT  H N N 371 
VAL N    N N N 372 
VAL CA   C N S 373 
VAL C    C N N 374 
VAL O    O N N 375 
VAL CB   C N N 376 
VAL CG1  C N N 377 
VAL CG2  C N N 378 
VAL OXT  O N N 379 
VAL H    H N N 380 
VAL H2   H N N 381 
VAL HA   H N N 382 
VAL HB   H N N 383 
VAL HG11 H N N 384 
VAL HG12 H N N 385 
VAL HG13 H N N 386 
VAL HG21 H N N 387 
VAL HG22 H N N 388 
VAL HG23 H N N 389 
VAL HXT  H N N 390 
# 
loop_
_chem_comp_bond.comp_id 
_chem_comp_bond.atom_id_1 
_chem_comp_bond.atom_id_2 
_chem_comp_bond.value_order 
_chem_comp_bond.pdbx_aromatic_flag 
_chem_comp_bond.pdbx_stereo_config 
_chem_comp_bond.pdbx_ordinal 
ALA N   CA   sing N N 1   
ALA N   H    sing N N 2   
ALA N   H2   sing N N 3   
ALA CA  C    sing N N 4   
ALA CA  CB   sing N N 5   
ALA CA  HA   sing N N 6   
ALA C   O    doub N N 7   
ALA C   OXT  sing N N 8   
ALA CB  HB1  sing N N 9   
ALA CB  HB2  sing N N 10  
ALA CB  HB3  sing N N 11  
ALA OXT HXT  sing N N 12  
ARG N   CA   sing N N 13  
ARG N   H    sing N N 14  
ARG N   H2   sing N N 15  
ARG CA  C    sing N N 16  
ARG CA  CB   sing N N 17  
ARG CA  HA   sing N N 18  
ARG C   O    doub N N 19  
ARG C   OXT  sing N N 20  
ARG CB  CG   sing N N 21  
ARG CB  HB2  sing N N 22  
ARG CB  HB3  sing N N 23  
ARG CG  CD   sing N N 24  
ARG CG  HG2  sing N N 25  
ARG CG  HG3  sing N N 26  
ARG CD  NE   sing N N 27  
ARG CD  HD2  sing N N 28  
ARG CD  HD3  sing N N 29  
ARG NE  CZ   sing N N 30  
ARG NE  HE   sing N N 31  
ARG CZ  NH1  sing N N 32  
ARG CZ  NH2  doub N N 33  
ARG NH1 HH11 sing N N 34  
ARG NH1 HH12 sing N N 35  
ARG NH2 HH21 sing N N 36  
ARG NH2 HH22 sing N N 37  
ARG OXT HXT  sing N N 38  
ASN N   CA   sing N N 39  
ASN N   H    sing N N 40  
ASN N   H2   sing N N 41  
ASN CA  C    sing N N 42  
ASN CA  CB   sing N N 43  
ASN CA  HA   sing N N 44  
ASN C   O    doub N N 45  
ASN C   OXT  sing N N 46  
ASN CB  CG   sing N N 47  
ASN CB  HB2  sing N N 48  
ASN CB  HB3  sing N N 49  
ASN CG  OD1  doub N N 50  
ASN CG  ND2  sing N N 51  
ASN ND2 HD21 sing N N 52  
ASN ND2 HD22 sing N N 53  
ASN OXT HXT  sing N N 54  
ASP N   CA   sing N N 55  
ASP N   H    sing N N 56  
ASP N   H2   sing N N 57  
ASP CA  C    sing N N 58  
ASP CA  CB   sing N N 59  
ASP CA  HA   sing N N 60  
ASP C   O    doub N N 61  
ASP C   OXT  sing N N 62  
ASP CB  CG   sing N N 63  
ASP CB  HB2  sing N N 64  
ASP CB  HB3  sing N N 65  
ASP CG  OD1  doub N N 66  
ASP CG  OD2  sing N N 67  
ASP OD2 HD2  sing N N 68  
ASP OXT HXT  sing N N 69  
CYS N   CA   sing N N 70  
CYS N   H    sing N N 71  
CYS N   H2   sing N N 72  
CYS CA  C    sing N N 73  
CYS CA  CB   sing N N 74  
CYS CA  HA   sing N N 75  
CYS C   O    doub N N 76  
CYS C   OXT  sing N N 77  
CYS CB  SG   sing N N 78  
CYS CB  HB2  sing N N 79  
CYS CB  HB3  sing N N 80  
CYS SG  HG   sing N N 81  
CYS OXT HXT  sing N N 82  
GLN N   CA   sing N N 83  
GLN N   H    sing N N 84  
GLN N   H2   sing N N 85  
GLN CA  C    sing N N 86  
GLN CA  CB   sing N N 87  
GLN CA  HA   sing N N 88  
GLN C   O    doub N N 89  
GLN C   OXT  sing N N 90  
GLN CB  CG   sing N N 91  
GLN CB  HB2  sing N N 92  
GLN CB  HB3  sing N N 93  
GLN CG  CD   sing N N 94  
GLN CG  HG2  sing N N 95  
GLN CG  HG3  sing N N 96  
GLN CD  OE1  doub N N 97  
GLN CD  NE2  sing N N 98  
GLN NE2 HE21 sing N N 99  
GLN NE2 HE22 sing N N 100 
GLN OXT HXT  sing N N 101 
GLU N   CA   sing N N 102 
GLU N   H    sing N N 103 
GLU N   H2   sing N N 104 
GLU CA  C    sing N N 105 
GLU CA  CB   sing N N 106 
GLU CA  HA   sing N N 107 
GLU C   O    doub N N 108 
GLU C   OXT  sing N N 109 
GLU CB  CG   sing N N 110 
GLU CB  HB2  sing N N 111 
GLU CB  HB3  sing N N 112 
GLU CG  CD   sing N N 113 
GLU CG  HG2  sing N N 114 
GLU CG  HG3  sing N N 115 
GLU CD  OE1  doub N N 116 
GLU CD  OE2  sing N N 117 
GLU OE2 HE2  sing N N 118 
GLU OXT HXT  sing N N 119 
GLY N   CA   sing N N 120 
GLY N   H    sing N N 121 
GLY N   H2   sing N N 122 
GLY CA  C    sing N N 123 
GLY CA  HA2  sing N N 124 
GLY CA  HA3  sing N N 125 
GLY C   O    doub N N 126 
GLY C   OXT  sing N N 127 
GLY OXT HXT  sing N N 128 
HIS N   CA   sing N N 129 
HIS N   H    sing N N 130 
HIS N   H2   sing N N 131 
HIS CA  C    sing N N 132 
HIS CA  CB   sing N N 133 
HIS CA  HA   sing N N 134 
HIS C   O    doub N N 135 
HIS C   OXT  sing N N 136 
HIS CB  CG   sing N N 137 
HIS CB  HB2  sing N N 138 
HIS CB  HB3  sing N N 139 
HIS CG  ND1  sing Y N 140 
HIS CG  CD2  doub Y N 141 
HIS ND1 CE1  doub Y N 142 
HIS ND1 HD1  sing N N 143 
HIS CD2 NE2  sing Y N 144 
HIS CD2 HD2  sing N N 145 
HIS CE1 NE2  sing Y N 146 
HIS CE1 HE1  sing N N 147 
HIS NE2 HE2  sing N N 148 
HIS OXT HXT  sing N N 149 
HOH O   H1   sing N N 150 
HOH O   H2   sing N N 151 
ILE N   CA   sing N N 152 
ILE N   H    sing N N 153 
ILE N   H2   sing N N 154 
ILE CA  C    sing N N 155 
ILE CA  CB   sing N N 156 
ILE CA  HA   sing N N 157 
ILE C   O    doub N N 158 
ILE C   OXT  sing N N 159 
ILE CB  CG1  sing N N 160 
ILE CB  CG2  sing N N 161 
ILE CB  HB   sing N N 162 
ILE CG1 CD1  sing N N 163 
ILE CG1 HG12 sing N N 164 
ILE CG1 HG13 sing N N 165 
ILE CG2 HG21 sing N N 166 
ILE CG2 HG22 sing N N 167 
ILE CG2 HG23 sing N N 168 
ILE CD1 HD11 sing N N 169 
ILE CD1 HD12 sing N N 170 
ILE CD1 HD13 sing N N 171 
ILE OXT HXT  sing N N 172 
LEU N   CA   sing N N 173 
LEU N   H    sing N N 174 
LEU N   H2   sing N N 175 
LEU CA  C    sing N N 176 
LEU CA  CB   sing N N 177 
LEU CA  HA   sing N N 178 
LEU C   O    doub N N 179 
LEU C   OXT  sing N N 180 
LEU CB  CG   sing N N 181 
LEU CB  HB2  sing N N 182 
LEU CB  HB3  sing N N 183 
LEU CG  CD1  sing N N 184 
LEU CG  CD2  sing N N 185 
LEU CG  HG   sing N N 186 
LEU CD1 HD11 sing N N 187 
LEU CD1 HD12 sing N N 188 
LEU CD1 HD13 sing N N 189 
LEU CD2 HD21 sing N N 190 
LEU CD2 HD22 sing N N 191 
LEU CD2 HD23 sing N N 192 
LEU OXT HXT  sing N N 193 
LYS N   CA   sing N N 194 
LYS N   H    sing N N 195 
LYS N   H2   sing N N 196 
LYS CA  C    sing N N 197 
LYS CA  CB   sing N N 198 
LYS CA  HA   sing N N 199 
LYS C   O    doub N N 200 
LYS C   OXT  sing N N 201 
LYS CB  CG   sing N N 202 
LYS CB  HB2  sing N N 203 
LYS CB  HB3  sing N N 204 
LYS CG  CD   sing N N 205 
LYS CG  HG2  sing N N 206 
LYS CG  HG3  sing N N 207 
LYS CD  CE   sing N N 208 
LYS CD  HD2  sing N N 209 
LYS CD  HD3  sing N N 210 
LYS CE  NZ   sing N N 211 
LYS CE  HE2  sing N N 212 
LYS CE  HE3  sing N N 213 
LYS NZ  HZ1  sing N N 214 
LYS NZ  HZ2  sing N N 215 
LYS NZ  HZ3  sing N N 216 
LYS OXT HXT  sing N N 217 
MET N   CA   sing N N 218 
MET N   H    sing N N 219 
MET N   H2   sing N N 220 
MET CA  C    sing N N 221 
MET CA  CB   sing N N 222 
MET CA  HA   sing N N 223 
MET C   O    doub N N 224 
MET C   OXT  sing N N 225 
MET CB  CG   sing N N 226 
MET CB  HB2  sing N N 227 
MET CB  HB3  sing N N 228 
MET CG  SD   sing N N 229 
MET CG  HG2  sing N N 230 
MET CG  HG3  sing N N 231 
MET SD  CE   sing N N 232 
MET CE  HE1  sing N N 233 
MET CE  HE2  sing N N 234 
MET CE  HE3  sing N N 235 
MET OXT HXT  sing N N 236 
PHE N   CA   sing N N 237 
PHE N   H    sing N N 238 
PHE N   H2   sing N N 239 
PHE CA  C    sing N N 240 
PHE CA  CB   sing N N 241 
PHE CA  HA   sing N N 242 
PHE C   O    doub N N 243 
PHE C   OXT  sing N N 244 
PHE CB  CG   sing N N 245 
PHE CB  HB2  sing N N 246 
PHE CB  HB3  sing N N 247 
PHE CG  CD1  doub Y N 248 
PHE CG  CD2  sing Y N 249 
PHE CD1 CE1  sing Y N 250 
PHE CD1 HD1  sing N N 251 
PHE CD2 CE2  doub Y N 252 
PHE CD2 HD2  sing N N 253 
PHE CE1 CZ   doub Y N 254 
PHE CE1 HE1  sing N N 255 
PHE CE2 CZ   sing Y N 256 
PHE CE2 HE2  sing N N 257 
PHE CZ  HZ   sing N N 258 
PHE OXT HXT  sing N N 259 
PRO N   CA   sing N N 260 
PRO N   CD   sing N N 261 
PRO N   H    sing N N 262 
PRO CA  C    sing N N 263 
PRO CA  CB   sing N N 264 
PRO CA  HA   sing N N 265 
PRO C   O    doub N N 266 
PRO C   OXT  sing N N 267 
PRO CB  CG   sing N N 268 
PRO CB  HB2  sing N N 269 
PRO CB  HB3  sing N N 270 
PRO CG  CD   sing N N 271 
PRO CG  HG2  sing N N 272 
PRO CG  HG3  sing N N 273 
PRO CD  HD2  sing N N 274 
PRO CD  HD3  sing N N 275 
PRO OXT HXT  sing N N 276 
SER N   CA   sing N N 277 
SER N   H    sing N N 278 
SER N   H2   sing N N 279 
SER CA  C    sing N N 280 
SER CA  CB   sing N N 281 
SER CA  HA   sing N N 282 
SER C   O    doub N N 283 
SER C   OXT  sing N N 284 
SER CB  OG   sing N N 285 
SER CB  HB2  sing N N 286 
SER CB  HB3  sing N N 287 
SER OG  HG   sing N N 288 
SER OXT HXT  sing N N 289 
THR N   CA   sing N N 290 
THR N   H    sing N N 291 
THR N   H2   sing N N 292 
THR CA  C    sing N N 293 
THR CA  CB   sing N N 294 
THR CA  HA   sing N N 295 
THR C   O    doub N N 296 
THR C   OXT  sing N N 297 
THR CB  OG1  sing N N 298 
THR CB  CG2  sing N N 299 
THR CB  HB   sing N N 300 
THR OG1 HG1  sing N N 301 
THR CG2 HG21 sing N N 302 
THR CG2 HG22 sing N N 303 
THR CG2 HG23 sing N N 304 
THR OXT HXT  sing N N 305 
TRP N   CA   sing N N 306 
TRP N   H    sing N N 307 
TRP N   H2   sing N N 308 
TRP CA  C    sing N N 309 
TRP CA  CB   sing N N 310 
TRP CA  HA   sing N N 311 
TRP C   O    doub N N 312 
TRP C   OXT  sing N N 313 
TRP CB  CG   sing N N 314 
TRP CB  HB2  sing N N 315 
TRP CB  HB3  sing N N 316 
TRP CG  CD1  doub Y N 317 
TRP CG  CD2  sing Y N 318 
TRP CD1 NE1  sing Y N 319 
TRP CD1 HD1  sing N N 320 
TRP CD2 CE2  doub Y N 321 
TRP CD2 CE3  sing Y N 322 
TRP NE1 CE2  sing Y N 323 
TRP NE1 HE1  sing N N 324 
TRP CE2 CZ2  sing Y N 325 
TRP CE3 CZ3  doub Y N 326 
TRP CE3 HE3  sing N N 327 
TRP CZ2 CH2  doub Y N 328 
TRP CZ2 HZ2  sing N N 329 
TRP CZ3 CH2  sing Y N 330 
TRP CZ3 HZ3  sing N N 331 
TRP CH2 HH2  sing N N 332 
TRP OXT HXT  sing N N 333 
TYR N   CA   sing N N 334 
TYR N   H    sing N N 335 
TYR N   H2   sing N N 336 
TYR CA  C    sing N N 337 
TYR CA  CB   sing N N 338 
TYR CA  HA   sing N N 339 
TYR C   O    doub N N 340 
TYR C   OXT  sing N N 341 
TYR CB  CG   sing N N 342 
TYR CB  HB2  sing N N 343 
TYR CB  HB3  sing N N 344 
TYR CG  CD1  doub Y N 345 
TYR CG  CD2  sing Y N 346 
TYR CD1 CE1  sing Y N 347 
TYR CD1 HD1  sing N N 348 
TYR CD2 CE2  doub Y N 349 
TYR CD2 HD2  sing N N 350 
TYR CE1 CZ   doub Y N 351 
TYR CE1 HE1  sing N N 352 
TYR CE2 CZ   sing Y N 353 
TYR CE2 HE2  sing N N 354 
TYR CZ  OH   sing N N 355 
TYR OH  HH   sing N N 356 
TYR OXT HXT  sing N N 357 
VAL N   CA   sing N N 358 
VAL N   H    sing N N 359 
VAL N   H2   sing N N 360 
VAL CA  C    sing N N 361 
VAL CA  CB   sing N N 362 
VAL CA  HA   sing N N 363 
VAL C   O    doub N N 364 
VAL C   OXT  sing N N 365 
VAL CB  CG1  sing N N 366 
VAL CB  CG2  sing N N 367 
VAL CB  HB   sing N N 368 
VAL CG1 HG11 sing N N 369 
VAL CG1 HG12 sing N N 370 
VAL CG1 HG13 sing N N 371 
VAL CG2 HG21 sing N N 372 
VAL CG2 HG22 sing N N 373 
VAL CG2 HG23 sing N N 374 
VAL OXT HXT  sing N N 375 
# 
_atom_sites.entry_id                    3GLW 
_atom_sites.fract_transf_matrix[1][1]   -0.01667654 
_atom_sites.fract_transf_matrix[1][2]   -0.01603470 
_atom_sites.fract_transf_matrix[1][3]   -0.01156431 
_atom_sites.fract_transf_matrix[2][1]   0.00812410 
_atom_sites.fract_transf_matrix[2][2]   -0.01568069 
_atom_sites.fract_transf_matrix[2][3]   -0.01889607 
_atom_sites.fract_transf_matrix[3][1]   0.00095716 
_atom_sites.fract_transf_matrix[3][2]   -0.00321846 
_atom_sites.fract_transf_matrix[3][3]   0.00308232 
_atom_sites.fract_transf_vector[1]      0.137764 
_atom_sites.fract_transf_vector[2]      -0.191923 
_atom_sites.fract_transf_vector[3]      0.023574 
# 
loop_
_atom_type.symbol 
C 
N 
O 
S 
# 
loop_
_atom_site.group_PDB 
_atom_site.id 
_atom_site.type_symbol 
_atom_site.label_atom_id 
_atom_site.label_alt_id 
_atom_site.label_comp_id 
_atom_site.label_asym_id 
_atom_site.label_entity_id 
_atom_site.label_seq_id 
_atom_site.pdbx_PDB_ins_code 
_atom_site.Cartn_x 
_atom_site.Cartn_y 
_atom_site.Cartn_z 
_atom_site.occupancy 
_atom_site.B_iso_or_equiv 
_atom_site.pdbx_formal_charge 
_atom_site.auth_seq_id 
_atom_site.auth_comp_id 
_atom_site.auth_asym_id 
_atom_site.auth_atom_id 
_atom_site.pdbx_PDB_model_num 
ATOM   1   N N   . ARG A 1 4  ? 10.924  3.183   11.792  1.00 128.94 ? 4   ARG A N   1 
ATOM   2   C CA  . ARG A 1 4  ? 10.058  3.260   10.581  1.00 116.16 ? 4   ARG A CA  1 
ATOM   3   C C   . ARG A 1 4  ? 8.602   3.512   10.958  1.00 125.81 ? 4   ARG A C   1 
ATOM   4   O O   . ARG A 1 4  ? 7.839   2.574   11.189  1.00 135.57 ? 4   ARG A O   1 
ATOM   5   C CB  . ARG A 1 4  ? 10.172  1.975   9.759   1.00 102.98 ? 4   ARG A CB  1 
ATOM   6   C CG  . ARG A 1 4  ? 9.412   0.794   10.341  1.00 84.33  ? 4   ARG A CG  1 
ATOM   7   C CD  . ARG A 1 4  ? 8.956   -0.161  9.250   1.00 72.14  ? 4   ARG A CD  1 
ATOM   8   N NE  . ARG A 1 4  ? 9.975   -1.158  8.935   1.00 110.50 ? 4   ARG A NE  1 
ATOM   9   C CZ  . ARG A 1 4  ? 9.916   -2.432  9.314   1.00 131.88 ? 4   ARG A CZ  1 
ATOM   10  N NH1 . ARG A 1 4  ? 8.885   -2.867  10.024  1.00 104.55 ? 4   ARG A NH1 1 
ATOM   11  N NH2 . ARG A 1 4  ? 10.889  -3.269  8.982   1.00 122.77 ? 4   ARG A NH2 1 
ATOM   12  N N   . LYS A 1 5  ? 8.224   4.786   11.019  1.00 120.66 ? 5   LYS A N   1 
ATOM   13  C CA  . LYS A 1 5  ? 6.837   5.162   11.260  1.00 106.30 ? 5   LYS A CA  1 
ATOM   14  C C   . LYS A 1 5  ? 6.073   5.321   9.949   1.00 99.68  ? 5   LYS A C   1 
ATOM   15  O O   . LYS A 1 5  ? 6.649   5.687   8.924   1.00 105.45 ? 5   LYS A O   1 
ATOM   16  C CB  . LYS A 1 5  ? 6.766   6.459   12.069  1.00 104.07 ? 5   LYS A CB  1 
ATOM   17  C CG  . LYS A 1 5  ? 5.888   6.370   13.307  1.00 111.39 ? 5   LYS A CG  1 
ATOM   18  C CD  . LYS A 1 5  ? 6.468   7.181   14.455  1.00 116.63 ? 5   LYS A CD  1 
ATOM   19  C CE  . LYS A 1 5  ? 5.517   7.221   15.639  1.00 110.22 ? 5   LYS A CE  1 
ATOM   20  N NZ  . LYS A 1 5  ? 5.523   8.549   16.313  1.00 52.82  ? 5   LYS A NZ  1 
ATOM   21  N N   . ALA A 1 6  ? 4.774   5.043   9.989   1.00 77.23  ? 6   ALA A N   1 
ATOM   22  C CA  . ALA A 1 6  ? 3.935   5.131   8.800   1.00 51.64  ? 6   ALA A CA  1 
ATOM   23  C C   . ALA A 1 6  ? 3.430   6.556   8.588   1.00 57.30  ? 6   ALA A C   1 
ATOM   24  O O   . ALA A 1 6  ? 2.957   7.202   9.522   1.00 75.03  ? 6   ALA A O   1 
ATOM   25  C CB  . ALA A 1 6  ? 2.768   4.162   8.902   1.00 38.40  ? 6   ALA A CB  1 
ATOM   26  N N   . VAL A 1 7  ? 3.534   7.037   7.353   1.00 56.19  ? 7   VAL A N   1 
ATOM   27  C CA  . VAL A 1 7  ? 2.681   8.119   6.879   1.00 50.36  ? 7   VAL A CA  1 
ATOM   28  C C   . VAL A 1 7  ? 1.563   7.590   5.987   1.00 46.94  ? 7   VAL A C   1 
ATOM   29  O O   . VAL A 1 7  ? 1.818   6.888   5.008   1.00 66.42  ? 7   VAL A O   1 
ATOM   30  C CB  . VAL A 1 7  ? 3.488   9.176   6.102   1.00 50.34  ? 7   VAL A CB  1 
ATOM   31  C CG1 . VAL A 1 7  ? 2.566   10.267  5.578   1.00 72.64  ? 7   VAL A CG1 1 
ATOM   32  C CG2 . VAL A 1 7  ? 4.576   9.766   6.984   1.00 69.55  ? 7   VAL A CG2 1 
ATOM   33  N N   . ILE A 1 8  ? 0.326   7.931   6.330   1.00 32.34  ? 8   ILE A N   1 
ATOM   34  C CA  . ILE A 1 8  ? -0.807  7.694   5.444   1.00 40.68  ? 8   ILE A CA  1 
ATOM   35  C C   . ILE A 1 8  ? -1.016  8.866   4.489   1.00 50.92  ? 8   ILE A C   1 
ATOM   36  O O   . ILE A 1 8  ? -1.324  9.978   4.915   1.00 61.08  ? 8   ILE A O   1 
ATOM   37  C CB  . ILE A 1 8  ? -2.104  7.454   6.238   1.00 48.40  ? 8   ILE A CB  1 
ATOM   38  C CG1 . ILE A 1 8  ? -1.929  6.280   7.204   1.00 20.73  ? 8   ILE A CG1 1 
ATOM   39  C CG2 . ILE A 1 8  ? -3.269  7.203   5.292   1.00 37.63  ? 8   ILE A CG2 1 
ATOM   40  C CD1 . ILE A 1 8  ? -2.894  5.142   6.962   1.00 63.39  ? 8   ILE A CD1 1 
ATOM   41  N N   . LYS A 1 9  ? -0.845  8.607   3.197   1.00 59.22  ? 9   LYS A N   1 
ATOM   42  C CA  . LYS A 1 9  ? -0.880  9.664   2.193   1.00 48.79  ? 9   LYS A CA  1 
ATOM   43  C C   . LYS A 1 9  ? -2.298  9.887   1.676   1.00 38.94  ? 9   LYS A C   1 
ATOM   44  O O   . LYS A 1 9  ? -2.866  10.967  1.840   1.00 75.21  ? 9   LYS A O   1 
ATOM   45  C CB  . LYS A 1 9  ? 0.056   9.330   1.028   1.00 42.79  ? 9   LYS A CB  1 
ATOM   46  C CG  . LYS A 1 9  ? 1.520   9.214   1.424   1.00 37.32  ? 9   LYS A CG  1 
ATOM   47  C CD  . LYS A 1 9  ? 2.101   10.567  1.797   1.00 52.41  ? 9   LYS A CD  1 
ATOM   48  C CE  . LYS A 1 9  ? 3.510   10.734  1.251   1.00 55.60  ? 9   LYS A CE  1 
ATOM   49  N NZ  . LYS A 1 9  ? 4.237   11.848  1.920   1.00 70.56  ? 9   LYS A NZ  1 
ATOM   50  N N   . ASN A 1 10 ? -2.863  8.859   1.051   1.00 28.11  ? 10  ASN A N   1 
ATOM   51  C CA  . ASN A 1 10 ? -4.293  8.830   0.765   1.00 28.16  ? 10  ASN A CA  1 
ATOM   52  C C   . ASN A 1 10 ? -4.948  7.536   1.237   1.00 34.07  ? 10  ASN A C   1 
ATOM   53  O O   . ASN A 1 10 ? -4.426  6.445   1.009   1.00 55.37  ? 10  ASN A O   1 
ATOM   54  C CB  . ASN A 1 10 ? -4.543  9.030   -0.731  1.00 34.17  ? 10  ASN A CB  1 
ATOM   55  C CG  . ASN A 1 10 ? -5.902  9.636   -1.019  1.00 20.68  ? 10  ASN A CG  1 
ATOM   56  O OD1 . ASN A 1 10 ? -6.460  10.358  -0.192  1.00 46.48  ? 10  ASN A OD1 1 
ATOM   57  N ND2 . ASN A 1 10 ? -6.441  9.346   -2.197  1.00 23.95  ? 10  ASN A ND2 1 
ATOM   58  N N   . ALA A 1 11 ? -6.095  7.666   1.895   1.00 29.33  ? 11  ALA A N   1 
ATOM   59  C CA  . ALA A 1 11 ? -6.926  6.513   2.220   1.00 31.78  ? 11  ALA A CA  1 
ATOM   60  C C   . ALA A 1 11 ? -8.356  6.709   1.725   1.00 37.70  ? 11  ALA A C   1 
ATOM   61  O O   . ALA A 1 11 ? -8.854  7.833   1.668   1.00 47.63  ? 11  ALA A O   1 
ATOM   62  C CB  . ALA A 1 11 ? -6.910  6.253   3.718   1.00 32.77  ? 11  ALA A CB  1 
ATOM   63  N N   . ASP A 1 12 ? -9.010  5.608   1.371   1.00 30.62  ? 12  ASP A N   1 
ATOM   64  C CA  . ASP A 1 12 ? -10.456 5.494   1.519   1.00 35.63  ? 12  ASP A CA  1 
ATOM   65  C C   . ASP A 1 12 ? -10.842 4.147   2.121   1.00 48.80  ? 12  ASP A C   1 
ATOM   66  O O   . ASP A 1 12 ? -11.216 3.220   1.403   1.00 46.67  ? 12  ASP A O   1 
ATOM   67  C CB  . ASP A 1 12 ? -11.150 5.686   0.168   1.00 42.34  ? 12  ASP A CB  1 
ATOM   68  C CG  . ASP A 1 12 ? -12.637 5.393   0.231   1.00 48.28  ? 12  ASP A CG  1 
ATOM   69  O OD1 . ASP A 1 12 ? -13.217 5.485   1.333   1.00 76.47  ? 12  ASP A OD1 1 
ATOM   70  O OD2 . ASP A 1 12 ? -13.225 5.071   -0.824  1.00 64.71  ? 12  ASP A OD2 1 
ATOM   71  N N   . MET A 1 13 ? -10.747 4.048   3.442   1.00 53.69  ? 13  MET A N   1 
ATOM   72  C CA  . MET A 1 13 ? -10.676 2.753   4.109   1.00 55.13  ? 13  MET A CA  1 
ATOM   73  C C   . MET A 1 13 ? -11.259 2.824   5.515   1.00 65.29  ? 13  MET A C   1 
ATOM   74  O O   . MET A 1 13 ? -11.081 3.817   6.222   1.00 65.50  ? 13  MET A O   1 
ATOM   75  C CB  . MET A 1 13 ? -9.229  2.258   4.165   1.00 56.33  ? 13  MET A CB  1 
ATOM   76  C CG  . MET A 1 13 ? -9.060  0.914   4.854   1.00 59.61  ? 13  MET A CG  1 
ATOM   77  S SD  . MET A 1 13 ? -7.512  0.098   4.419   1.00 63.73  ? 13  MET A SD  1 
ATOM   78  C CE  . MET A 1 13 ? -7.805  -0.284  2.694   1.00 54.54  ? 13  MET A CE  1 
ATOM   79  N N   . SER A 1 14 ? -11.957 1.766   5.917   1.00 61.63  ? 14  SER A N   1 
ATOM   80  C CA  . SER A 1 14 ? -12.252 1.531   7.326   1.00 46.85  ? 14  SER A CA  1 
ATOM   81  C C   . SER A 1 14 ? -11.040 1.833   8.201   1.00 35.68  ? 14  SER A C   1 
ATOM   82  O O   . SER A 1 14 ? -9.971  1.252   8.020   1.00 42.64  ? 14  SER A O   1 
ATOM   83  C CB  . SER A 1 14 ? -12.711 0.087   7.542   1.00 59.27  ? 14  SER A CB  1 
ATOM   84  O OG  . SER A 1 14 ? -12.481 -0.326  8.878   1.00 76.03  ? 14  SER A OG  1 
ATOM   85  N N   . GLU A 1 15 ? -11.216 2.747   9.150   1.00 56.52  ? 15  GLU A N   1 
ATOM   86  C CA  . GLU A 1 15 ? -10.131 3.150   10.036  1.00 52.73  ? 15  GLU A CA  1 
ATOM   87  C C   . GLU A 1 15 ? -9.368  1.940   10.564  1.00 46.24  ? 15  GLU A C   1 
ATOM   88  O O   . GLU A 1 15 ? -8.143  1.874   10.464  1.00 47.71  ? 15  GLU A O   1 
ATOM   89  C CB  . GLU A 1 15 ? -10.673 3.979   11.203  1.00 60.89  ? 15  GLU A CB  1 
ATOM   90  C CG  . GLU A 1 15 ? -10.618 5.481   10.975  1.00 77.82  ? 15  GLU A CG  1 
ATOM   91  C CD  . GLU A 1 15 ? -9.456  6.138   11.696  1.00 107.27 ? 15  GLU A CD  1 
ATOM   92  O OE1 . GLU A 1 15 ? -8.348  5.561   11.688  1.00 102.83 ? 15  GLU A OE1 1 
ATOM   93  O OE2 . GLU A 1 15 ? -9.651  7.229   12.271  1.00 91.46  ? 15  GLU A OE2 1 
ATOM   94  N N   . GLU A 1 16 ? -10.101 0.982   11.124  1.00 47.71  ? 16  GLU A N   1 
ATOM   95  C CA  . GLU A 1 16 ? -9.520  -0.294  11.523  1.00 51.92  ? 16  GLU A CA  1 
ATOM   96  C C   . GLU A 1 16 ? -8.729  -0.922  10.380  1.00 55.13  ? 16  GLU A C   1 
ATOM   97  O O   . GLU A 1 16 ? -7.505  -1.039  10.451  1.00 54.02  ? 16  GLU A O   1 
ATOM   98  C CB  . GLU A 1 16 ? -10.613 -1.256  11.995  1.00 48.03  ? 16  GLU A CB  1 
ATOM   99  C CG  . GLU A 1 16 ? -10.091 -2.596  12.488  1.00 97.40  ? 16  GLU A CG  1 
ATOM   100 C CD  . GLU A 1 16 ? -10.940 -3.179  13.599  1.00 113.98 ? 16  GLU A CD  1 
ATOM   101 O OE1 . GLU A 1 16 ? -12.167 -2.944  13.598  1.00 109.49 ? 16  GLU A OE1 1 
ATOM   102 O OE2 . GLU A 1 16 ? -10.382 -3.874  14.475  1.00 119.14 ? 16  GLU A OE2 1 
ATOM   103 N N   . MET A 1 17 ? -9.435  -1.324  9.327   1.00 48.70  ? 17  MET A N   1 
ATOM   104 C CA  A MET A 1 17 ? -8.793  -1.867  8.136   1.00 43.22  ? 17  MET A CA  1 
ATOM   105 C C   . MET A 1 17 ? -7.487  -1.141  7.834   1.00 40.50  ? 17  MET A C   1 
ATOM   106 O O   . MET A 1 17 ? -6.461  -1.770  7.577   1.00 35.92  ? 17  MET A O   1 
ATOM   107 C CB  A MET A 1 17 ? -9.734  -1.778  6.933   1.00 40.29  ? 17  MET A CB  1 
ATOM   108 C CG  A MET A 1 17 ? -10.515 -3.054  6.660   0.50 44.69  ? 17  MET A CG  1 
ATOM   109 C CG  B MET A 1 17 ? -9.649  -2.967  5.990   0.50 23.68  ? 17  MET A CG  1 
ATOM   110 S SD  A MET A 1 17 ? -11.961 -2.775  5.618   0.50 78.47  ? 17  MET A SD  1 
ATOM   111 S SD  B MET A 1 17 ? -10.118 -2.549  4.300   0.50 69.89  ? 17  MET A SD  1 
ATOM   112 C CE  A MET A 1 17 ? -11.794 -4.114  4.440   0.50 42.26  ? 17  MET A CE  1 
ATOM   113 C CE  B MET A 1 17 ? -11.509 -3.650  4.053   0.50 46.34  ? 17  MET A CE  1 
ATOM   114 N N   . GLN A 1 18 ? -7.532  0.187   7.865   1.00 36.87  ? 18  GLN A N   1 
ATOM   115 C CA  . GLN A 1 18 ? -6.334  0.999   7.699   1.00 40.14  ? 18  GLN A CA  1 
ATOM   116 C C   . GLN A 1 18 ? -5.203  0.503   8.594   1.00 40.78  ? 18  GLN A C   1 
ATOM   117 O O   . GLN A 1 18 ? -4.049  0.434   8.171   1.00 33.92  ? 18  GLN A O   1 
ATOM   118 C CB  . GLN A 1 18 ? -6.635  2.468   7.999   1.00 36.25  ? 18  GLN A CB  1 
ATOM   119 C CG  . GLN A 1 18 ? -7.581  3.123   7.005   1.00 67.18  ? 18  GLN A CG  1 
ATOM   120 C CD  . GLN A 1 18 ? -7.553  4.637   7.085   1.00 57.26  ? 18  GLN A CD  1 
ATOM   121 O OE1 . GLN A 1 18 ? -6.488  5.246   7.186   1.00 47.24  ? 18  GLN A OE1 1 
ATOM   122 N NE2 . GLN A 1 18 ? -8.730  5.254   7.040   1.00 86.59  ? 18  GLN A NE2 1 
ATOM   123 N N   . GLN A 1 19 ? -5.543  0.158   9.831   1.00 47.63  ? 19  GLN A N   1 
ATOM   124 C CA  . GLN A 1 19 ? -4.556  -0.325  10.789  1.00 57.48  ? 19  GLN A CA  1 
ATOM   125 C C   . GLN A 1 19 ? -4.028  -1.699  10.391  1.00 48.97  ? 19  GLN A C   1 
ATOM   126 O O   . GLN A 1 19 ? -2.832  -1.871  10.160  1.00 52.72  ? 19  GLN A O   1 
ATOM   127 C CB  . GLN A 1 19 ? -5.157  -0.381  12.195  1.00 63.29  ? 19  GLN A CB  1 
ATOM   128 C CG  . GLN A 1 19 ? -4.140  -0.630  13.296  1.00 75.57  ? 19  GLN A CG  1 
ATOM   129 C CD  . GLN A 1 19 ? -2.853  0.145   13.086  1.00 68.03  ? 19  GLN A CD  1 
ATOM   130 O OE1 . GLN A 1 19 ? -2.756  1.318   13.444  1.00 61.36  ? 19  GLN A OE1 1 
ATOM   131 N NE2 . GLN A 1 19 ? -1.857  -0.511  12.503  1.00 47.71  ? 19  GLN A NE2 1 
ATOM   132 N N   . ASP A 1 20 ? -4.928  -2.674  10.313  1.00 45.58  ? 20  ASP A N   1 
ATOM   133 C CA  . ASP A 1 20 ? -4.597  -3.977  9.749   1.00 61.22  ? 20  ASP A CA  1 
ATOM   134 C C   . ASP A 1 20 ? -3.562  -3.851  8.638   1.00 58.97  ? 20  ASP A C   1 
ATOM   135 O O   . ASP A 1 20 ? -2.471  -4.417  8.725   1.00 53.33  ? 20  ASP A O   1 
ATOM   136 C CB  . ASP A 1 20 ? -5.857  -4.665  9.218   1.00 74.39  ? 20  ASP A CB  1 
ATOM   137 C CG  . ASP A 1 20 ? -6.562  -5.489  10.278  1.00 100.76 ? 20  ASP A CG  1 
ATOM   138 O OD1 . ASP A 1 20 ? -7.522  -4.975  10.891  1.00 136.62 ? 20  ASP A OD1 1 
ATOM   139 O OD2 . ASP A 1 20 ? -6.156  -6.649  10.499  1.00 125.87 ? 20  ASP A OD2 1 
ATOM   140 N N   . ALA A 1 21 ? -3.909  -3.107  7.593   1.00 51.65  ? 21  ALA A N   1 
ATOM   141 C CA  . ALA A 1 21 ? -2.986  -2.852  6.494   1.00 34.54  ? 21  ALA A CA  1 
ATOM   142 C C   . ALA A 1 21 ? -1.621  -2.412  7.011   1.00 36.95  ? 21  ALA A C   1 
ATOM   143 O O   . ALA A 1 21 ? -0.610  -3.071  6.765   1.00 38.48  ? 21  ALA A O   1 
ATOM   144 C CB  . ALA A 1 21 ? -3.560  -1.805  5.551   1.00 31.93  ? 21  ALA A CB  1 
ATOM   145 N N   . VAL A 1 22 ? -1.598  -1.294  7.731   1.00 38.33  ? 22  VAL A N   1 
ATOM   146 C CA  . VAL A 1 22 ? -0.357  -0.763  8.282   1.00 39.87  ? 22  VAL A CA  1 
ATOM   147 C C   . VAL A 1 22 ? 0.405   -1.834  9.056   1.00 35.82  ? 22  VAL A C   1 
ATOM   148 O O   . VAL A 1 22 ? 1.630   -1.920  8.973   1.00 35.71  ? 22  VAL A O   1 
ATOM   149 C CB  . VAL A 1 22 ? -0.620  0.438   9.209   1.00 30.79  ? 22  VAL A CB  1 
ATOM   150 C CG1 . VAL A 1 22 ? 0.587   1.364   9.232   1.00 3.04   ? 22  VAL A CG1 1 
ATOM   151 C CG2 . VAL A 1 22 ? -1.867  1.187   8.765   1.00 29.22  ? 22  VAL A CG2 1 
ATOM   152 N N   . ASP A 1 23 ? -0.328  -2.647  9.810   1.00 41.95  ? 23  ASP A N   1 
ATOM   153 C CA  . ASP A 1 23 ? 0.262   -3.778  10.516  1.00 44.06  ? 23  ASP A CA  1 
ATOM   154 C C   . ASP A 1 23 ? 0.846   -4.793  9.541   1.00 40.89  ? 23  ASP A C   1 
ATOM   155 O O   . ASP A 1 23 ? 2.044   -5.076  9.567   1.00 33.10  ? 23  ASP A O   1 
ATOM   156 C CB  . ASP A 1 23 ? -0.778  -4.450  11.414  1.00 48.44  ? 23  ASP A CB  1 
ATOM   157 C CG  . ASP A 1 23 ? -1.005  -3.696  12.710  1.00 62.61  ? 23  ASP A CG  1 
ATOM   158 O OD1 . ASP A 1 23 ? -0.031  -3.126  13.245  1.00 50.43  ? 23  ASP A OD1 1 
ATOM   159 O OD2 . ASP A 1 23 ? -2.156  -3.675  13.194  1.00 54.18  ? 23  ASP A OD2 1 
ATOM   160 N N   . CYS A 1 24 ? -0.008  -5.339  8.680   1.00 38.29  ? 24  CYS A N   1 
ATOM   161 C CA  . CYS A 1 24 ? 0.399   -6.398  7.764   1.00 34.11  ? 24  CYS A CA  1 
ATOM   162 C C   . CYS A 1 24 ? 1.605   -5.973  6.933   1.00 38.71  ? 24  CYS A C   1 
ATOM   163 O O   . CYS A 1 24 ? 2.277   -6.807  6.326   1.00 39.19  ? 24  CYS A O   1 
ATOM   164 C CB  . CYS A 1 24 ? -0.761  -6.788  6.848   1.00 19.87  ? 24  CYS A CB  1 
ATOM   165 S SG  . CYS A 1 24 ? -0.420  -8.202  5.774   1.00 56.84  ? 24  CYS A SG  1 
ATOM   166 N N   . ALA A 1 25 ? 1.872   -4.672  6.908   1.00 50.67  ? 25  ALA A N   1 
ATOM   167 C CA  . ALA A 1 25 ? 2.995   -4.134  6.150   1.00 44.22  ? 25  ALA A CA  1 
ATOM   168 C C   . ALA A 1 25 ? 4.289   -4.213  6.953   1.00 41.76  ? 25  ALA A C   1 
ATOM   169 O O   . ALA A 1 25 ? 5.309   -4.696  6.461   1.00 41.12  ? 25  ALA A O   1 
ATOM   170 C CB  . ALA A 1 25 ? 2.715   -2.700  5.731   1.00 59.96  ? 25  ALA A CB  1 
ATOM   171 N N   . THR A 1 26 ? 4.241   -3.736  8.193   1.00 51.20  ? 26  THR A N   1 
ATOM   172 C CA  . THR A 1 26 ? 5.379   -3.836  9.098   1.00 49.76  ? 26  THR A CA  1 
ATOM   173 C C   . THR A 1 26 ? 5.869   -5.276  9.211   1.00 54.15  ? 26  THR A C   1 
ATOM   174 O O   . THR A 1 26 ? 7.072   -5.533  9.239   1.00 45.90  ? 26  THR A O   1 
ATOM   175 C CB  . THR A 1 26 ? 5.033   -3.309  10.502  1.00 41.70  ? 26  THR A CB  1 
ATOM   176 O OG1 . THR A 1 26 ? 3.642   -2.968  10.557  1.00 44.39  ? 26  THR A OG1 1 
ATOM   177 C CG2 . THR A 1 26 ? 5.866   -2.079  10.831  1.00 43.29  ? 26  THR A CG2 1 
ATOM   178 N N   . GLN A 1 27 ? 4.927   -6.212  9.276   1.00 46.86  ? 27  GLN A N   1 
ATOM   179 C CA  . GLN A 1 27 ? 5.256   -7.632  9.272   1.00 50.88  ? 27  GLN A CA  1 
ATOM   180 C C   . GLN A 1 27 ? 5.965   -8.030  7.981   1.00 46.42  ? 27  GLN A C   1 
ATOM   181 O O   . GLN A 1 27 ? 7.087   -8.534  8.008   1.00 44.21  ? 27  GLN A O   1 
ATOM   182 C CB  . GLN A 1 27 ? 3.994   -8.476  9.460   1.00 52.18  ? 27  GLN A CB  1 
ATOM   183 C CG  . GLN A 1 27 ? 3.645   -8.756  10.912  1.00 81.90  ? 27  GLN A CG  1 
ATOM   184 C CD  . GLN A 1 27 ? 2.150   -8.753  11.162  1.00 124.29 ? 27  GLN A CD  1 
ATOM   185 O OE1 . GLN A 1 27 ? 1.700   -8.748  12.308  1.00 144.12 ? 27  GLN A OE1 1 
ATOM   186 N NE2 . GLN A 1 27 ? 1.370   -8.758  10.087  1.00 128.15 ? 27  GLN A NE2 1 
ATOM   187 N N   . ALA A 1 28 ? 5.301   -7.801  6.853   1.00 44.90  ? 28  ALA A N   1 
ATOM   188 C CA  . ALA A 1 28 ? 5.856   -8.154  5.552   1.00 35.72  ? 28  ALA A CA  1 
ATOM   189 C C   . ALA A 1 28 ? 7.301   -7.682  5.423   1.00 45.85  ? 28  ALA A C   1 
ATOM   190 O O   . ALA A 1 28 ? 8.122   -8.333  4.778   1.00 52.52  ? 28  ALA A O   1 
ATOM   191 C CB  . ALA A 1 28 ? 5.004   -7.570  4.436   1.00 36.37  ? 28  ALA A CB  1 
ATOM   192 N N   . LEU A 1 29 ? 7.604   -6.545  6.042   1.00 35.21  ? 29  LEU A N   1 
ATOM   193 C CA  . LEU A 1 29 ? 8.898   -5.898  5.864   1.00 46.89  ? 29  LEU A CA  1 
ATOM   194 C C   . LEU A 1 29 ? 9.959   -6.530  6.759   1.00 52.12  ? 29  LEU A C   1 
ATOM   195 O O   . LEU A 1 29 ? 11.156  -6.424  6.489   1.00 40.62  ? 29  LEU A O   1 
ATOM   196 C CB  . LEU A 1 29 ? 8.791   -4.399  6.154   1.00 60.81  ? 29  LEU A CB  1 
ATOM   197 C CG  . LEU A 1 29 ? 8.898   -3.465  4.946   1.00 53.35  ? 29  LEU A CG  1 
ATOM   198 C CD1 . LEU A 1 29 ? 7.716   -2.510  4.900   1.00 49.93  ? 29  LEU A CD1 1 
ATOM   199 C CD2 . LEU A 1 29 ? 10.211  -2.700  4.972   1.00 54.04  ? 29  LEU A CD2 1 
ATOM   200 N N   . GLU A 1 30 ? 9.514   -7.187  7.825   1.00 55.13  ? 30  GLU A N   1 
ATOM   201 C CA  . GLU A 1 30 ? 10.361  -8.117  8.563   1.00 54.95  ? 30  GLU A CA  1 
ATOM   202 C C   . GLU A 1 30 ? 10.652  -9.369  7.741   1.00 48.87  ? 30  GLU A C   1 
ATOM   203 O O   . GLU A 1 30 ? 11.807  -9.665  7.432   1.00 41.56  ? 30  GLU A O   1 
ATOM   204 C CB  . GLU A 1 30 ? 9.706   -8.502  9.890   1.00 44.58  ? 30  GLU A CB  1 
ATOM   205 C CG  . GLU A 1 30 ? 9.602   -7.358  10.886  1.00 79.82  ? 30  GLU A CG  1 
ATOM   206 C CD  . GLU A 1 30 ? 8.952   -7.778  12.190  1.00 95.73  ? 30  GLU A CD  1 
ATOM   207 O OE1 . GLU A 1 30 ? 8.070   -8.663  12.159  1.00 51.02  ? 30  GLU A OE1 1 
ATOM   208 O OE2 . GLU A 1 30 ? 9.323   -7.224  13.247  1.00 117.78 ? 30  GLU A OE2 1 
ATOM   209 N N   . LYS A 1 31 ? 9.600   -10.100 7.391   1.00 25.40  ? 31  LYS A N   1 
ATOM   210 C CA  . LYS A 1 31 ? 9.739   -11.312 6.594   1.00 33.50  ? 31  LYS A CA  1 
ATOM   211 C C   . LYS A 1 31 ? 10.667  -11.086 5.404   1.00 45.95  ? 31  LYS A C   1 
ATOM   212 O O   . LYS A 1 31 ? 11.713  -11.725 5.291   1.00 41.33  ? 31  LYS A O   1 
ATOM   213 C CB  . LYS A 1 31 ? 8.370   -11.796 6.110   1.00 47.08  ? 31  LYS A CB  1 
ATOM   214 C CG  . LYS A 1 31 ? 7.777   -12.918 6.946   1.00 47.49  ? 31  LYS A CG  1 
ATOM   215 C CD  . LYS A 1 31 ? 7.288   -12.405 8.291   1.00 49.60  ? 31  LYS A CD  1 
ATOM   216 C CE  . LYS A 1 31 ? 5.855   -12.837 8.559   1.00 78.14  ? 31  LYS A CE  1 
ATOM   217 N NZ  . LYS A 1 31 ? 5.593   -13.020 10.014  1.00 88.56  ? 31  LYS A NZ  1 
ATOM   218 N N   . TYR A 1 32 ? 10.275  -10.175 4.520   1.00 36.64  ? 32  TYR A N   1 
ATOM   219 C CA  . TYR A 1 32 ? 10.688  -10.238 3.122   1.00 25.51  ? 32  TYR A CA  1 
ATOM   220 C C   . TYR A 1 32 ? 11.466  -8.990  2.718   1.00 36.24  ? 32  TYR A C   1 
ATOM   221 O O   . TYR A 1 32 ? 11.184  -7.890  3.190   1.00 35.09  ? 32  TYR A O   1 
ATOM   222 C CB  . TYR A 1 32 ? 9.470   -10.414 2.212   1.00 25.32  ? 32  TYR A CB  1 
ATOM   223 C CG  . TYR A 1 32 ? 8.658   -11.654 2.509   1.00 26.47  ? 32  TYR A CG  1 
ATOM   224 C CD1 . TYR A 1 32 ? 9.118   -12.913 2.144   1.00 31.99  ? 32  TYR A CD1 1 
ATOM   225 C CD2 . TYR A 1 32 ? 7.431   -11.567 3.153   1.00 44.28  ? 32  TYR A CD2 1 
ATOM   226 C CE1 . TYR A 1 32 ? 8.379   -14.049 2.412   1.00 59.00  ? 32  TYR A CE1 1 
ATOM   227 C CE2 . TYR A 1 32 ? 6.685   -12.698 3.425   1.00 43.45  ? 32  TYR A CE2 1 
ATOM   228 C CZ  . TYR A 1 32 ? 7.163   -13.936 3.053   1.00 45.54  ? 32  TYR A CZ  1 
ATOM   229 O OH  . TYR A 1 32 ? 6.424   -15.064 3.323   1.00 58.69  ? 32  TYR A OH  1 
ATOM   230 N N   . ASN A 1 33 ? 12.448  -9.170  1.840   1.00 41.30  ? 33  ASN A N   1 
ATOM   231 C CA  . ASN A 1 33 ? 13.315  -8.074  1.425   1.00 43.25  ? 33  ASN A CA  1 
ATOM   232 C C   . ASN A 1 33 ? 12.978  -7.573  0.025   1.00 55.06  ? 33  ASN A C   1 
ATOM   233 O O   . ASN A 1 33 ? 12.984  -6.369  -0.231  1.00 68.13  ? 33  ASN A O   1 
ATOM   234 C CB  . ASN A 1 33 ? 14.783  -8.498  1.491   1.00 31.61  ? 33  ASN A CB  1 
ATOM   235 C CG  . ASN A 1 33 ? 15.313  -8.545  2.910   1.00 30.27  ? 33  ASN A CG  1 
ATOM   236 O OD1 . ASN A 1 33 ? 16.126  -9.403  3.253   1.00 42.76  ? 33  ASN A OD1 1 
ATOM   237 N ND2 . ASN A 1 33 ? 14.853  -7.619  3.744   1.00 46.61  ? 33  ASN A ND2 1 
ATOM   238 N N   . ILE A 1 34 ? 12.686  -8.505  -0.876  1.00 45.81  ? 34  ILE A N   1 
ATOM   239 C CA  . ILE A 1 34 ? 12.251  -8.156  -2.222  1.00 36.26  ? 34  ILE A CA  1 
ATOM   240 C C   . ILE A 1 34 ? 10.831  -7.599  -2.215  1.00 43.87  ? 34  ILE A C   1 
ATOM   241 O O   . ILE A 1 34 ? 9.971   -8.074  -1.474  1.00 36.15  ? 34  ILE A O   1 
ATOM   242 C CB  . ILE A 1 34 ? 12.313  -9.370  -3.167  1.00 29.97  ? 34  ILE A CB  1 
ATOM   243 C CG1 . ILE A 1 34 ? 13.592  -10.173 -2.921  1.00 46.61  ? 34  ILE A CG1 1 
ATOM   244 C CG2 . ILE A 1 34 ? 12.231  -8.921  -4.618  1.00 25.78  ? 34  ILE A CG2 1 
ATOM   245 C CD1 . ILE A 1 34 ? 14.847  -9.328  -2.895  1.00 5.69   ? 34  ILE A CD1 1 
ATOM   246 N N   . GLU A 1 35 ? 10.594  -6.588  -3.045  1.00 43.12  ? 35  GLU A N   1 
ATOM   247 C CA  . GLU A 1 35 ? 9.325   -5.870  -3.034  1.00 27.11  ? 35  GLU A CA  1 
ATOM   248 C C   . GLU A 1 35 ? 8.174   -6.777  -3.453  1.00 30.20  ? 35  GLU A C   1 
ATOM   249 O O   . GLU A 1 35 ? 7.092   -6.735  -2.868  1.00 38.06  ? 35  GLU A O   1 
ATOM   250 C CB  . GLU A 1 35 ? 9.394   -4.647  -3.953  1.00 27.52  ? 35  GLU A CB  1 
ATOM   251 C CG  . GLU A 1 35 ? 10.249  -3.512  -3.413  1.00 30.14  ? 35  GLU A CG  1 
ATOM   252 C CD  . GLU A 1 35 ? 11.730  -3.834  -3.439  1.00 50.05  ? 35  GLU A CD  1 
ATOM   253 O OE1 . GLU A 1 35 ? 12.129  -4.749  -4.191  1.00 35.53  ? 35  GLU A OE1 1 
ATOM   254 O OE2 . GLU A 1 35 ? 12.495  -3.173  -2.706  1.00 29.09  ? 35  GLU A OE2 1 
ATOM   255 N N   . LYS A 1 36 ? 8.414   -7.598  -4.472  1.00 28.67  ? 36  LYS A N   1 
ATOM   256 C CA  . LYS A 1 36 ? 7.388   -8.490  -4.995  1.00 37.92  ? 36  LYS A CA  1 
ATOM   257 C C   . LYS A 1 36 ? 6.830   -9.393  -3.899  1.00 37.63  ? 36  LYS A C   1 
ATOM   258 O O   . LYS A 1 36 ? 5.618   -9.575  -3.788  1.00 36.34  ? 36  LYS A O   1 
ATOM   259 C CB  . LYS A 1 36 ? 7.947   -9.338  -6.140  1.00 37.92  ? 36  LYS A CB  1 
ATOM   260 C CG  . LYS A 1 36 ? 9.223   -10.087 -5.790  1.00 50.45  ? 36  LYS A CG  1 
ATOM   261 C CD  . LYS A 1 36 ? 9.994   -10.479 -7.040  1.00 68.86  ? 36  LYS A CD  1 
ATOM   262 C CE  . LYS A 1 36 ? 9.616   -11.874 -7.509  1.00 73.88  ? 36  LYS A CE  1 
ATOM   263 N NZ  . LYS A 1 36 ? 9.907   -12.071 -8.956  1.00 48.15  ? 36  LYS A NZ  1 
ATOM   264 N N   . ASP A 1 37 ? 7.724   -9.954  -3.090  1.00 40.80  ? 37  ASP A N   1 
ATOM   265 C CA  . ASP A 1 37 ? 7.320   -10.732 -1.925  1.00 31.27  ? 37  ASP A CA  1 
ATOM   266 C C   . ASP A 1 37 ? 6.462   -9.901  -0.977  1.00 33.12  ? 37  ASP A C   1 
ATOM   267 O O   . ASP A 1 37 ? 5.320   -10.256 -0.686  1.00 32.10  ? 37  ASP A O   1 
ATOM   268 C CB  . ASP A 1 37 ? 8.549   -11.269 -1.187  1.00 32.46  ? 37  ASP A CB  1 
ATOM   269 C CG  . ASP A 1 37 ? 9.502   -12.011 -2.104  1.00 67.96  ? 37  ASP A CG  1 
ATOM   270 O OD1 . ASP A 1 37 ? 9.024   -12.780 -2.964  1.00 25.32  ? 37  ASP A OD1 1 
ATOM   271 O OD2 . ASP A 1 37 ? 10.729  -11.827 -1.963  1.00 57.01  ? 37  ASP A OD2 1 
ATOM   272 N N   . ILE A 1 38 ? 7.020   -8.793  -0.499  1.00 31.61  ? 38  ILE A N   1 
ATOM   273 C CA  . ILE A 1 38 ? 6.313   -7.917  0.428   1.00 35.92  ? 38  ILE A CA  1 
ATOM   274 C C   . ILE A 1 38 ? 4.870   -7.691  -0.012  1.00 38.58  ? 38  ILE A C   1 
ATOM   275 O O   . ILE A 1 38 ? 3.933   -7.968  0.736   1.00 36.65  ? 38  ILE A O   1 
ATOM   276 C CB  . ILE A 1 38 ? 7.017   -6.553  0.561   1.00 42.84  ? 38  ILE A CB  1 
ATOM   277 C CG1 . ILE A 1 38 ? 8.508   -6.747  0.841   1.00 39.72  ? 38  ILE A CG1 1 
ATOM   278 C CG2 . ILE A 1 38 ? 6.366   -5.723  1.656   1.00 18.11  ? 38  ILE A CG2 1 
ATOM   279 C CD1 . ILE A 1 38 ? 9.164   -5.558  1.508   1.00 20.80  ? 38  ILE A CD1 1 
ATOM   280 N N   . ALA A 1 39 ? 4.700   -7.184  -1.229  1.00 28.69  ? 39  ALA A N   1 
ATOM   281 C CA  . ALA A 1 39 ? 3.372   -6.949  -1.781  1.00 22.81  ? 39  ALA A CA  1 
ATOM   282 C C   . ALA A 1 39 ? 2.561   -8.239  -1.830  1.00 27.68  ? 39  ALA A C   1 
ATOM   283 O O   . ALA A 1 39 ? 1.355   -8.236  -1.578  1.00 25.55  ? 39  ALA A O   1 
ATOM   284 C CB  . ALA A 1 39 ? 3.476   -6.333  -3.169  1.00 45.35  ? 39  ALA A CB  1 
ATOM   285 N N   . ALA A 1 40 ? 3.230   -9.341  -2.156  1.00 41.92  ? 40  ALA A N   1 
ATOM   286 C CA  . ALA A 1 40 ? 2.577   -10.642 -2.223  1.00 54.90  ? 40  ALA A CA  1 
ATOM   287 C C   . ALA A 1 40 ? 2.027   -11.053 -0.861  1.00 50.68  ? 40  ALA A C   1 
ATOM   288 O O   . ALA A 1 40 ? 0.888   -11.507 -0.751  1.00 42.45  ? 40  ALA A O   1 
ATOM   289 C CB  . ALA A 1 40 ? 3.543   -11.694 -2.747  1.00 41.79  ? 40  ALA A CB  1 
ATOM   290 N N   . TYR A 1 41 ? 2.843   -10.888 0.175   1.00 36.65  ? 41  TYR A N   1 
ATOM   291 C CA  . TYR A 1 41 ? 2.405   -11.138 1.542   1.00 46.03  ? 41  TYR A CA  1 
ATOM   292 C C   . TYR A 1 41 ? 1.091   -10.423 1.839   1.00 55.14  ? 41  TYR A C   1 
ATOM   293 O O   . TYR A 1 41 ? 0.126   -11.040 2.292   1.00 50.08  ? 41  TYR A O   1 
ATOM   294 C CB  . TYR A 1 41 ? 3.480   -10.696 2.538   1.00 46.87  ? 41  TYR A CB  1 
ATOM   295 C CG  . TYR A 1 41 ? 3.089   -10.888 3.986   1.00 48.97  ? 41  TYR A CG  1 
ATOM   296 C CD1 . TYR A 1 41 ? 2.825   -12.154 4.492   1.00 62.70  ? 41  TYR A CD1 1 
ATOM   297 C CD2 . TYR A 1 41 ? 2.985   -9.804  4.847   1.00 76.95  ? 41  TYR A CD2 1 
ATOM   298 C CE1 . TYR A 1 41 ? 2.469   -12.334 5.815   1.00 58.05  ? 41  TYR A CE1 1 
ATOM   299 C CE2 . TYR A 1 41 ? 2.628   -9.975  6.171   1.00 95.79  ? 41  TYR A CE2 1 
ATOM   300 C CZ  . TYR A 1 41 ? 2.371   -11.242 6.650   1.00 59.81  ? 41  TYR A CZ  1 
ATOM   301 O OH  . TYR A 1 41 ? 2.016   -11.417 7.967   1.00 82.34  ? 41  TYR A OH  1 
ATOM   302 N N   . ILE A 1 42 ? 1.061   -9.120  1.580   1.00 50.80  ? 42  ILE A N   1 
ATOM   303 C CA  . ILE A 1 42 ? -0.024  -8.270  2.052   1.00 38.89  ? 42  ILE A CA  1 
ATOM   304 C C   . ILE A 1 42 ? -1.298  -8.502  1.245   1.00 38.97  ? 42  ILE A C   1 
ATOM   305 O O   . ILE A 1 42 ? -2.400  -8.501  1.793   1.00 42.03  ? 42  ILE A O   1 
ATOM   306 C CB  . ILE A 1 42 ? 0.354   -6.779  1.978   1.00 24.53  ? 42  ILE A CB  1 
ATOM   307 C CG1 . ILE A 1 42 ? 1.625   -6.512  2.788   1.00 44.94  ? 42  ILE A CG1 1 
ATOM   308 C CG2 . ILE A 1 42 ? -0.793  -5.913  2.475   1.00 7.38   ? 42  ILE A CG2 1 
ATOM   309 C CD1 . ILE A 1 42 ? 2.114   -5.083  2.703   1.00 19.45  ? 42  ILE A CD1 1 
ATOM   310 N N   . LYS A 1 43 ? -1.137  -8.703  -0.060  1.00 34.61  ? 43  LYS A N   1 
ATOM   311 C CA  . LYS A 1 43 ? -2.241  -9.130  -0.910  1.00 41.04  ? 43  LYS A CA  1 
ATOM   312 C C   . LYS A 1 43 ? -2.882  -10.409 -0.382  1.00 39.98  ? 43  LYS A C   1 
ATOM   313 O O   . LYS A 1 43 ? -4.073  -10.435 -0.071  1.00 32.99  ? 43  LYS A O   1 
ATOM   314 C CB  . LYS A 1 43 ? -1.760  -9.338  -2.347  1.00 42.78  ? 43  LYS A CB  1 
ATOM   315 C CG  . LYS A 1 43 ? -2.875  -9.344  -3.380  1.00 54.52  ? 43  LYS A CG  1 
ATOM   316 C CD  . LYS A 1 43 ? -3.290  -10.761 -3.739  1.00 34.41  ? 43  LYS A CD  1 
ATOM   317 C CE  . LYS A 1 43 ? -3.710  -10.861 -5.198  1.00 57.94  ? 43  LYS A CE  1 
ATOM   318 N NZ  . LYS A 1 43 ? -5.007  -11.576 -5.354  1.00 44.91  ? 43  LYS A NZ  1 
ATOM   319 N N   . LYS A 1 44 ? -2.085  -11.468 -0.282  1.00 60.71  ? 44  LYS A N   1 
ATOM   320 C CA  . LYS A 1 44 ? -2.572  -12.751 0.211   1.00 57.53  ? 44  LYS A CA  1 
ATOM   321 C C   . LYS A 1 44 ? -3.302  -12.587 1.540   1.00 66.04  ? 44  LYS A C   1 
ATOM   322 O O   . LYS A 1 44 ? -4.389  -13.130 1.733   1.00 47.11  ? 44  LYS A O   1 
ATOM   323 C CB  . LYS A 1 44 ? -1.415  -13.740 0.364   1.00 46.13  ? 44  LYS A CB  1 
ATOM   324 C CG  . LYS A 1 44 ? -0.888  -14.286 -0.953  1.00 49.20  ? 44  LYS A CG  1 
ATOM   325 C CD  . LYS A 1 44 ? 0.543   -14.780 -0.813  1.00 59.00  ? 44  LYS A CD  1 
ATOM   326 C CE  . LYS A 1 44 ? 0.903   -15.753 -1.925  1.00 53.34  ? 44  LYS A CE  1 
ATOM   327 N NZ  . LYS A 1 44 ? 2.119   -16.546 -1.593  1.00 61.63  ? 44  LYS A NZ  1 
ATOM   328 N N   . GLU A 1 45 ? -2.695  -11.835 2.453   1.00 63.20  ? 45  GLU A N   1 
ATOM   329 C CA  . GLU A 1 45 ? -3.328  -11.514 3.726   1.00 52.72  ? 45  GLU A CA  1 
ATOM   330 C C   . GLU A 1 45 ? -4.773  -11.069 3.530   1.00 44.38  ? 45  GLU A C   1 
ATOM   331 O O   . GLU A 1 45 ? -5.700  -11.687 4.054   1.00 60.36  ? 45  GLU A O   1 
ATOM   332 C CB  . GLU A 1 45 ? -2.539  -10.425 4.457   1.00 51.05  ? 45  GLU A CB  1 
ATOM   333 C CG  . GLU A 1 45 ? -1.552  -10.958 5.482   1.00 85.44  ? 45  GLU A CG  1 
ATOM   334 C CD  . GLU A 1 45 ? -2.181  -11.957 6.433   1.00 92.25  ? 45  GLU A CD  1 
ATOM   335 O OE1 . GLU A 1 45 ? -1.766  -13.135 6.418   1.00 95.55  ? 45  GLU A OE1 1 
ATOM   336 O OE2 . GLU A 1 45 ? -3.089  -11.564 7.193   1.00 76.84  ? 45  GLU A OE2 1 
ATOM   337 N N   . PHE A 1 46 ? -4.958  -9.993  2.773   1.00 43.93  ? 46  PHE A N   1 
ATOM   338 C CA  . PHE A 1 46 ? -6.221  -9.264  2.773   1.00 34.01  ? 46  PHE A CA  1 
ATOM   339 C C   . PHE A 1 46 ? -7.316  -10.054 2.066   1.00 49.50  ? 46  PHE A C   1 
ATOM   340 O O   . PHE A 1 46 ? -8.478  -10.021 2.469   1.00 76.18  ? 46  PHE A O   1 
ATOM   341 C CB  . PHE A 1 46 ? -6.048  -7.895  2.112   1.00 49.40  ? 46  PHE A CB  1 
ATOM   342 C CG  . PHE A 1 46 ? -5.821  -6.775  3.087   1.00 61.97  ? 46  PHE A CG  1 
ATOM   343 C CD1 . PHE A 1 46 ? -4.715  -6.777  3.919   1.00 41.63  ? 46  PHE A CD1 1 
ATOM   344 C CD2 . PHE A 1 46 ? -6.715  -5.721  3.173   1.00 53.75  ? 46  PHE A CD2 1 
ATOM   345 C CE1 . PHE A 1 46 ? -4.502  -5.748  4.817   1.00 69.53  ? 46  PHE A CE1 1 
ATOM   346 C CE2 . PHE A 1 46 ? -6.509  -4.690  4.068   1.00 71.84  ? 46  PHE A CE2 1 
ATOM   347 C CZ  . PHE A 1 46 ? -5.401  -4.703  4.892   1.00 36.67  ? 46  PHE A CZ  1 
ATOM   348 N N   . ASP A 1 47 ? -6.937  -10.764 1.007   1.00 43.97  ? 47  ASP A N   1 
ATOM   349 C CA  . ASP A 1 47 ? -7.815  -11.755 0.397   1.00 48.53  ? 47  ASP A CA  1 
ATOM   350 C C   . ASP A 1 47 ? -8.246  -12.810 1.411   1.00 63.81  ? 47  ASP A C   1 
ATOM   351 O O   . ASP A 1 47 ? -9.364  -13.321 1.353   1.00 61.04  ? 47  ASP A O   1 
ATOM   352 C CB  . ASP A 1 47 ? -7.123  -12.422 -0.793  1.00 46.55  ? 47  ASP A CB  1 
ATOM   353 C CG  . ASP A 1 47 ? -6.883  -11.462 -1.942  1.00 58.24  ? 47  ASP A CG  1 
ATOM   354 O OD1 . ASP A 1 47 ? -7.832  -10.746 -2.327  1.00 77.06  ? 47  ASP A OD1 1 
ATOM   355 O OD2 . ASP A 1 47 ? -5.747  -11.421 -2.457  1.00 36.04  ? 47  ASP A OD2 1 
ATOM   356 N N   . LYS A 1 48 ? -7.350  -13.129 2.340   1.00 65.90  ? 48  LYS A N   1 
ATOM   357 C CA  . LYS A 1 48 ? -7.709  -13.927 3.507   1.00 66.90  ? 48  LYS A CA  1 
ATOM   358 C C   . LYS A 1 48 ? -8.689  -13.180 4.406   1.00 67.92  ? 48  LYS A C   1 
ATOM   359 O O   . LYS A 1 48 ? -9.883  -13.477 4.421   1.00 70.70  ? 48  LYS A O   1 
ATOM   360 C CB  . LYS A 1 48 ? -6.458  -14.311 4.300   1.00 81.09  ? 48  LYS A CB  1 
ATOM   361 C CG  . LYS A 1 48 ? -6.645  -15.512 5.213   1.00 79.20  ? 48  LYS A CG  1 
ATOM   362 C CD  . LYS A 1 48 ? -5.438  -15.713 6.116   1.00 93.91  ? 48  LYS A CD  1 
ATOM   363 C CE  . LYS A 1 48 ? -5.226  -14.518 7.030   1.00 104.24 ? 48  LYS A CE  1 
ATOM   364 N NZ  . LYS A 1 48 ? -5.605  -14.821 8.438   1.00 102.81 ? 48  LYS A NZ  1 
ATOM   365 N N   . LYS A 1 49 ? -8.176  -12.207 5.154   1.00 66.88  ? 49  LYS A N   1 
ATOM   366 C CA  . LYS A 1 49 ? -8.982  -11.487 6.133   1.00 69.49  ? 49  LYS A CA  1 
ATOM   367 C C   . LYS A 1 49 ? -10.258 -10.938 5.501   1.00 66.41  ? 49  LYS A C   1 
ATOM   368 O O   . LYS A 1 49 ? -11.364 -11.330 5.872   1.00 70.77  ? 49  LYS A O   1 
ATOM   369 C CB  . LYS A 1 49 ? -8.174  -10.349 6.759   1.00 67.23  ? 49  LYS A CB  1 
ATOM   370 C CG  . LYS A 1 49 ? -7.273  -10.785 7.903   1.00 104.81 ? 49  LYS A CG  1 
ATOM   371 C CD  . LYS A 1 49 ? -6.671  -9.587  8.619   1.00 107.99 ? 49  LYS A CD  1 
ATOM   372 C CE  . LYS A 1 49 ? -5.193  -9.801  8.908   1.00 105.81 ? 49  LYS A CE  1 
ATOM   373 N NZ  . LYS A 1 49 ? -4.945  -11.093 9.605   1.00 122.82 ? 49  LYS A NZ  1 
ATOM   374 N N   . TYR A 1 50 ? -10.095 -10.030 4.544   1.00 62.50  ? 50  TYR A N   1 
ATOM   375 C CA  . TYR A 1 50 ? -11.206 -9.587  3.710   1.00 62.01  ? 50  TYR A CA  1 
ATOM   376 C C   . TYR A 1 50 ? -11.086 -10.136 2.292   1.00 67.56  ? 50  TYR A C   1 
ATOM   377 O O   . TYR A 1 50 ? -9.992  -10.468 1.836   1.00 94.20  ? 50  TYR A O   1 
ATOM   378 C CB  . TYR A 1 50 ? -11.277 -8.059  3.678   1.00 39.00  ? 50  TYR A CB  1 
ATOM   379 C CG  . TYR A 1 50 ? -10.741 -7.397  4.928   1.00 72.55  ? 50  TYR A CG  1 
ATOM   380 C CD1 . TYR A 1 50 ? -9.374  -7.261  5.135   1.00 55.13  ? 50  TYR A CD1 1 
ATOM   381 C CD2 . TYR A 1 50 ? -11.602 -6.908  5.901   1.00 93.08  ? 50  TYR A CD2 1 
ATOM   382 C CE1 . TYR A 1 50 ? -8.880  -6.657  6.275   1.00 58.32  ? 50  TYR A CE1 1 
ATOM   383 C CE2 . TYR A 1 50 ? -11.118 -6.302  7.045   1.00 65.81  ? 50  TYR A CE2 1 
ATOM   384 C CZ  . TYR A 1 50 ? -9.756  -6.179  7.226   1.00 65.50  ? 50  TYR A CZ  1 
ATOM   385 O OH  . TYR A 1 50 ? -9.268  -5.577  8.363   1.00 64.10  ? 50  TYR A OH  1 
ATOM   386 N N   . ASN A 1 51 ? -12.217 -10.229 1.601   1.00 53.69  ? 51  ASN A N   1 
ATOM   387 C CA  . ASN A 1 51 ? -12.340 -11.117 0.451   1.00 62.85  ? 51  ASN A CA  1 
ATOM   388 C C   . ASN A 1 51 ? -11.507 -10.644 -0.735  1.00 69.44  ? 51  ASN A C   1 
ATOM   389 O O   . ASN A 1 51 ? -10.917 -9.564  -0.694  1.00 89.59  ? 51  ASN A O   1 
ATOM   390 C CB  . ASN A 1 51 ? -13.807 -11.262 0.040   1.00 63.75  ? 51  ASN A CB  1 
ATOM   391 C CG  . ASN A 1 51 ? -14.697 -11.678 1.195   1.00 76.91  ? 51  ASN A CG  1 
ATOM   392 O OD1 . ASN A 1 51 ? -15.302 -10.838 1.861   1.00 120.33 ? 51  ASN A OD1 1 
ATOM   393 N ND2 . ASN A 1 51 ? -14.779 -12.980 1.439   1.00 98.31  ? 51  ASN A ND2 1 
ATOM   394 N N   . PRO A 1 52 ? -11.457 -11.458 -1.799  1.00 61.68  ? 52  PRO A N   1 
ATOM   395 C CA  . PRO A 1 52 ? -11.017 -11.011 -3.118  1.00 59.21  ? 52  PRO A CA  1 
ATOM   396 C C   . PRO A 1 52 ? -11.758 -9.755  -3.565  1.00 72.42  ? 52  PRO A C   1 
ATOM   397 O O   . PRO A 1 52 ? -12.917 -9.555  -3.202  1.00 81.60  ? 52  PRO A O   1 
ATOM   398 C CB  . PRO A 1 52 ? -11.386 -12.187 -4.023  1.00 68.26  ? 52  PRO A CB  1 
ATOM   399 C CG  . PRO A 1 52 ? -11.344 -13.371 -3.127  1.00 80.30  ? 52  PRO A CG  1 
ATOM   400 C CD  . PRO A 1 52 ? -11.823 -12.885 -1.791  1.00 63.67  ? 52  PRO A CD  1 
ATOM   401 N N   . THR A 1 53 ? -11.087 -8.918  -4.350  1.00 61.91  ? 53  THR A N   1 
ATOM   402 C CA  . THR A 1 53 ? -9.771  -9.254  -4.880  1.00 36.84  ? 53  THR A CA  1 
ATOM   403 C C   . THR A 1 53 ? -8.804  -8.084  -4.737  1.00 35.58  ? 53  THR A C   1 
ATOM   404 O O   . THR A 1 53 ? -8.912  -7.086  -5.450  1.00 47.87  ? 53  THR A O   1 
ATOM   405 C CB  . THR A 1 53 ? -9.847  -9.665  -6.362  1.00 41.78  ? 53  THR A CB  1 
ATOM   406 O OG1 . THR A 1 53 ? -10.263 -11.033 -6.459  1.00 83.27  ? 53  THR A OG1 1 
ATOM   407 C CG2 . THR A 1 53 ? -8.490  -9.503  -7.029  1.00 64.63  ? 53  THR A CG2 1 
ATOM   408 N N   . TRP A 1 54 ? -7.859  -8.213  -3.812  1.00 41.36  ? 54  TRP A N   1 
ATOM   409 C CA  . TRP A 1 54 ? -6.936  -7.128  -3.504  1.00 44.75  ? 54  TRP A CA  1 
ATOM   410 C C   . TRP A 1 54 ? -5.709  -7.177  -4.408  1.00 45.78  ? 54  TRP A C   1 
ATOM   411 O O   . TRP A 1 54 ? -5.241  -8.254  -4.778  1.00 66.84  ? 54  TRP A O   1 
ATOM   412 C CB  . TRP A 1 54 ? -6.512  -7.185  -2.035  1.00 36.60  ? 54  TRP A CB  1 
ATOM   413 C CG  . TRP A 1 54 ? -7.624  -6.877  -1.080  1.00 64.24  ? 54  TRP A CG  1 
ATOM   414 C CD1 . TRP A 1 54 ? -8.599  -7.731  -0.654  1.00 69.76  ? 54  TRP A CD1 1 
ATOM   415 C CD2 . TRP A 1 54 ? -7.876  -5.625  -0.431  1.00 67.23  ? 54  TRP A CD2 1 
ATOM   416 N NE1 . TRP A 1 54 ? -9.442  -7.088  0.219   1.00 85.07  ? 54  TRP A NE1 1 
ATOM   417 C CE2 . TRP A 1 54 ? -9.020  -5.794  0.374   1.00 48.77  ? 54  TRP A CE2 1 
ATOM   418 C CE3 . TRP A 1 54 ? -7.244  -4.377  -0.452  1.00 63.58  ? 54  TRP A CE3 1 
ATOM   419 C CZ2 . TRP A 1 54 ? -9.546  -4.763  1.149   1.00 64.58  ? 54  TRP A CZ2 1 
ATOM   420 C CZ3 . TRP A 1 54 ? -7.769  -3.355  0.319   1.00 69.61  ? 54  TRP A CZ3 1 
ATOM   421 C CH2 . TRP A 1 54 ? -8.908  -3.555  1.108   1.00 55.06  ? 54  TRP A CH2 1 
ATOM   422 N N   . HIS A 1 55 ? -5.192  -6.004  -4.760  1.00 35.84  ? 55  HIS A N   1 
ATOM   423 C CA  . HIS A 1 55 ? -3.895  -5.904  -5.417  1.00 33.45  ? 55  HIS A CA  1 
ATOM   424 C C   . HIS A 1 55 ? -2.951  -4.997  -4.636  1.00 34.99  ? 55  HIS A C   1 
ATOM   425 O O   . HIS A 1 55 ? -3.346  -3.928  -4.170  1.00 40.51  ? 55  HIS A O   1 
ATOM   426 C CB  . HIS A 1 55 ? -4.059  -5.387  -6.847  1.00 46.01  ? 55  HIS A CB  1 
ATOM   427 C CG  . HIS A 1 55 ? -5.361  -5.765  -7.482  1.00 24.61  ? 55  HIS A CG  1 
ATOM   428 N ND1 . HIS A 1 55 ? -5.444  -6.632  -8.550  1.00 52.93  ? 55  HIS A ND1 1 
ATOM   429 C CD2 . HIS A 1 55 ? -6.632  -5.393  -7.198  1.00 36.79  ? 55  HIS A CD2 1 
ATOM   430 C CE1 . HIS A 1 55 ? -6.710  -6.778  -8.896  1.00 52.62  ? 55  HIS A CE1 1 
ATOM   431 N NE2 . HIS A 1 55 ? -7.451  -6.038  -8.093  1.00 50.66  ? 55  HIS A NE2 1 
ATOM   432 N N   . CYS A 1 56 ? -1.703  -5.431  -4.496  1.00 30.98  ? 56  CYS A N   1 
ATOM   433 C CA  . CYS A 1 56 ? -0.709  -4.670  -3.749  1.00 35.59  ? 56  CYS A CA  1 
ATOM   434 C C   . CYS A 1 56 ? 0.443   -4.236  -4.648  1.00 44.34  ? 56  CYS A C   1 
ATOM   435 O O   . CYS A 1 56 ? 0.936   -5.016  -5.462  1.00 43.99  ? 56  CYS A O   1 
ATOM   436 C CB  . CYS A 1 56 ? -0.176  -5.494  -2.573  1.00 24.32  ? 56  CYS A CB  1 
ATOM   437 S SG  . CYS A 1 56 ? 0.853   -4.561  -1.417  1.00 67.40  ? 56  CYS A SG  1 
ATOM   438 N N   . ILE A 1 57 ? 0.866   -2.985  -4.496  1.00 40.80  ? 57  ILE A N   1 
ATOM   439 C CA  . ILE A 1 57 ? 2.134   -2.532  -5.056  1.00 28.93  ? 57  ILE A CA  1 
ATOM   440 C C   . ILE A 1 57 ? 3.062   -2.009  -3.966  1.00 30.98  ? 57  ILE A C   1 
ATOM   441 O O   . ILE A 1 57 ? 2.633   -1.292  -3.062  1.00 45.75  ? 57  ILE A O   1 
ATOM   442 C CB  . ILE A 1 57 ? 1.925   -1.430  -6.110  1.00 37.00  ? 57  ILE A CB  1 
ATOM   443 C CG1 . ILE A 1 57 ? 0.775   -1.801  -7.048  1.00 8.73   ? 57  ILE A CG1 1 
ATOM   444 C CG2 . ILE A 1 57 ? 3.205   -1.195  -6.896  1.00 22.48  ? 57  ILE A CG2 1 
ATOM   445 C CD1 . ILE A 1 57 ? 1.229   -2.341  -8.386  1.00 14.93  ? 57  ILE A CD1 1 
ATOM   446 N N   . VAL A 1 58 ? 4.338   -2.372  -4.058  1.00 16.81  ? 58  VAL A N   1 
ATOM   447 C CA  . VAL A 1 58 ? 5.358   -1.815  -3.178  1.00 25.59  ? 58  VAL A CA  1 
ATOM   448 C C   . VAL A 1 58 ? 6.579   -1.362  -3.972  1.00 34.68  ? 58  VAL A C   1 
ATOM   449 O O   . VAL A 1 58 ? 7.060   -2.077  -4.852  1.00 42.83  ? 58  VAL A O   1 
ATOM   450 C CB  . VAL A 1 58 ? 5.801   -2.835  -2.111  1.00 41.20  ? 58  VAL A CB  1 
ATOM   451 C CG1 . VAL A 1 58 ? 6.630   -2.149  -1.035  1.00 40.09  ? 58  VAL A CG1 1 
ATOM   452 C CG2 . VAL A 1 58 ? 4.591   -3.525  -1.503  1.00 29.38  ? 58  VAL A CG2 1 
ATOM   453 N N   A GLY A 1 59 ? 7.074   -0.169  -3.657  0.50 35.32  ? 59  GLY A N   1 
ATOM   454 N N   B GLY A 1 59 ? 7.075   -0.170  -3.656  0.50 34.50  ? 59  GLY A N   1 
ATOM   455 C CA  A GLY A 1 59 ? 8.426   0.222   -4.033  0.50 32.52  ? 59  GLY A CA  1 
ATOM   456 C CA  B GLY A 1 59 ? 8.462   0.181   -3.935  0.50 31.62  ? 59  GLY A CA  1 
ATOM   457 C C   A GLY A 1 59 ? 8.833   1.551   -3.427  0.50 37.66  ? 59  GLY A C   1 
ATOM   458 C C   B GLY A 1 59 ? 8.781   1.620   -3.579  0.50 33.61  ? 59  GLY A C   1 
ATOM   459 O O   A GLY A 1 59 ? 8.270   1.984   -2.421  0.50 23.11  ? 59  GLY A O   1 
ATOM   460 O O   B GLY A 1 59 ? 8.131   2.216   -2.719  0.50 23.05  ? 59  GLY A O   1 
ATOM   461 N N   A ARG A 1 60 ? 9.815   2.202   -4.043  0.50 37.08  ? 60  ARG A N   1 
ATOM   462 N N   B ARG A 1 60 ? 9.786   2.180   -4.244  0.50 29.49  ? 60  ARG A N   1 
ATOM   463 C CA  A ARG A 1 60 ? 10.090  3.608   -3.771  0.50 43.67  ? 60  ARG A CA  1 
ATOM   464 C CA  B ARG A 1 60 ? 10.347  3.466   -3.846  0.50 32.86  ? 60  ARG A CA  1 
ATOM   465 C C   A ARG A 1 60 ? 9.629   4.492   -4.925  0.50 38.02  ? 60  ARG A C   1 
ATOM   466 C C   B ARG A 1 60 ? 10.436  4.419   -5.033  0.50 25.35  ? 60  ARG A C   1 
ATOM   467 O O   A ARG A 1 60 ? 9.087   5.576   -4.710  0.50 35.84  ? 60  ARG A O   1 
ATOM   468 O O   B ARG A 1 60 ? 11.026  5.495   -4.935  0.50 17.00  ? 60  ARG A O   1 
ATOM   469 C CB  A ARG A 1 60 ? 11.583  3.819   -3.509  0.50 52.55  ? 60  ARG A CB  1 
ATOM   470 C CB  B ARG A 1 60 ? 11.729  3.276   -3.217  0.50 43.35  ? 60  ARG A CB  1 
ATOM   471 C CG  A ARG A 1 60 ? 12.101  3.114   -2.266  0.50 56.21  ? 60  ARG A CG  1 
ATOM   472 C CG  B ARG A 1 60 ? 11.898  1.961   -2.474  0.50 38.58  ? 60  ARG A CG  1 
ATOM   473 C CD  A ARG A 1 60 ? 13.142  3.955   -1.547  0.50 29.46  ? 60  ARG A CD  1 
ATOM   474 C CD  B ARG A 1 60 ? 13.331  1.461   -2.555  0.50 43.81  ? 60  ARG A CD  1 
ATOM   475 N NE  A ARG A 1 60 ? 14.375  3.211   -1.308  0.50 36.16  ? 60  ARG A NE  1 
ATOM   476 N NE  B ARG A 1 60 ? 13.398  0.003   -2.616  0.50 59.51  ? 60  ARG A NE  1 
ATOM   477 C CZ  A ARG A 1 60 ? 14.458  2.128   -0.541  0.50 15.49  ? 60  ARG A CZ  1 
ATOM   478 C CZ  B ARG A 1 60 ? 13.523  -0.784  -1.552  0.50 62.98  ? 60  ARG A CZ  1 
ATOM   479 N NH1 A ARG A 1 60 ? 13.376  1.659   0.065   0.50 4.06   ? 60  ARG A NH1 1 
ATOM   480 N NH1 B ARG A 1 60 ? 13.597  -0.254  -0.339  0.50 47.75  ? 60  ARG A NH1 1 
ATOM   481 N NH2 A ARG A 1 60 ? 15.622  1.514   -0.381  0.50 46.56  ? 60  ARG A NH2 1 
ATOM   482 N NH2 B ARG A 1 60 ? 13.577  -2.100  -1.701  0.50 50.55  ? 60  ARG A NH2 1 
ATOM   483 N N   A ASN A 1 61 ? 9.849   4.023   -6.148  0.50 42.26  ? 61  ASN A N   1 
ATOM   484 N N   B ASN A 1 61 ? 9.847   4.015   -6.155  0.50 36.55  ? 61  ASN A N   1 
ATOM   485 C CA  . ASN A 1 61 ? 9.754   4.879   -7.325  1.00 29.81  ? 61  ASN A CA  1 
ATOM   486 C C   . ASN A 1 61 ? 8.683   4.403   -8.301  1.00 37.28  ? 61  ASN A C   1 
ATOM   487 O O   . ASN A 1 61 ? 8.939   3.553   -9.154  1.00 43.58  ? 61  ASN A O   1 
ATOM   488 C CB  . ASN A 1 61 ? 11.107  4.970   -8.033  1.00 27.09  ? 61  ASN A CB  1 
ATOM   489 C CG  . ASN A 1 61 ? 11.456  6.387   -8.442  1.00 71.12  ? 61  ASN A CG  1 
ATOM   490 O OD1 . ASN A 1 61 ? 11.812  7.216   -7.605  1.00 105.17 ? 61  ASN A OD1 1 
ATOM   491 N ND2 . ASN A 1 61 ? 11.357  6.671   -9.735  1.00 83.78  ? 61  ASN A ND2 1 
ATOM   492 N N   . PHE A 1 62 ? 7.482   4.955   -8.168  1.00 30.33  ? 62  PHE A N   1 
ATOM   493 C CA  . PHE A 1 62 ? 6.378   4.608   -9.055  1.00 34.32  ? 62  PHE A CA  1 
ATOM   494 C C   . PHE A 1 62 ? 5.175   5.515   -8.821  1.00 40.03  ? 62  PHE A C   1 
ATOM   495 O O   . PHE A 1 62 ? 4.932   5.963   -7.699  1.00 42.58  ? 62  PHE A O   1 
ATOM   496 C CB  . PHE A 1 62 ? 5.980   3.143   -8.867  1.00 32.55  ? 62  PHE A CB  1 
ATOM   497 C CG  . PHE A 1 62 ? 5.127   2.898   -7.654  1.00 29.90  ? 62  PHE A CG  1 
ATOM   498 C CD1 . PHE A 1 62 ? 5.700   2.778   -6.399  1.00 48.51  ? 62  PHE A CD1 1 
ATOM   499 C CD2 . PHE A 1 62 ? 3.751   2.787   -7.770  1.00 29.51  ? 62  PHE A CD2 1 
ATOM   500 C CE1 . PHE A 1 62 ? 4.919   2.552   -5.283  1.00 22.92  ? 62  PHE A CE1 1 
ATOM   501 C CE2 . PHE A 1 62 ? 2.964   2.560   -6.657  1.00 60.31  ? 62  PHE A CE2 1 
ATOM   502 C CZ  . PHE A 1 62 ? 3.548   2.443   -5.412  1.00 22.11  ? 62  PHE A CZ  1 
ATOM   503 N N   . GLY A 1 63 ? 4.426   5.782   -9.885  1.00 25.81  ? 63  GLY A N   1 
ATOM   504 C CA  . GLY A 1 63 ? 3.046   6.231   -9.757  1.00 34.38  ? 63  GLY A CA  1 
ATOM   505 C C   . GLY A 1 63 ? 2.082   5.359   -10.538 1.00 31.23  ? 63  GLY A C   1 
ATOM   506 O O   . GLY A 1 63 ? 2.486   4.389   -11.178 1.00 40.25  ? 63  GLY A O   1 
ATOM   507 N N   . SER A 1 64 ? 0.800   5.708   -10.484 1.00 24.30  ? 64  SER A N   1 
ATOM   508 C CA  . SER A 1 64 ? -0.267  4.737   -10.693 1.00 24.86  ? 64  SER A CA  1 
ATOM   509 C C   . SER A 1 64 ? -1.581  5.427   -11.036 1.00 29.02  ? 64  SER A C   1 
ATOM   510 O O   . SER A 1 64 ? -1.841  6.546   -10.592 1.00 41.85  ? 64  SER A O   1 
ATOM   511 C CB  . SER A 1 64 ? -0.441  3.858   -9.453  1.00 28.75  ? 64  SER A CB  1 
ATOM   512 O OG  . SER A 1 64 ? -1.657  4.152   -8.786  1.00 39.47  ? 64  SER A OG  1 
ATOM   513 N N   . TYR A 1 65 ? -2.409  4.752   -11.826 1.00 38.93  ? 65  TYR A N   1 
ATOM   514 C CA  . TYR A 1 65 ? -3.795  5.165   -12.017 1.00 39.28  ? 65  TYR A CA  1 
ATOM   515 C C   . TYR A 1 65 ? -4.731  3.960   -12.003 1.00 45.92  ? 65  TYR A C   1 
ATOM   516 O O   . TYR A 1 65 ? -4.666  3.101   -12.882 1.00 62.23  ? 65  TYR A O   1 
ATOM   517 C CB  . TYR A 1 65 ? -3.947  5.935   -13.330 1.00 55.52  ? 65  TYR A CB  1 
ATOM   518 C CG  . TYR A 1 65 ? -5.204  6.772   -13.408 1.00 56.03  ? 65  TYR A CG  1 
ATOM   519 C CD1 . TYR A 1 65 ? -5.544  7.647   -12.384 1.00 35.07  ? 65  TYR A CD1 1 
ATOM   520 C CD2 . TYR A 1 65 ? -6.051  6.689   -14.505 1.00 30.70  ? 65  TYR A CD2 1 
ATOM   521 C CE1 . TYR A 1 65 ? -6.691  8.414   -12.451 1.00 37.45  ? 65  TYR A CE1 1 
ATOM   522 C CE2 . TYR A 1 65 ? -7.200  7.453   -14.582 1.00 51.94  ? 65  TYR A CE2 1 
ATOM   523 C CZ  . TYR A 1 65 ? -7.515  8.313   -13.552 1.00 40.29  ? 65  TYR A CZ  1 
ATOM   524 O OH  . TYR A 1 65 ? -8.659  9.075   -13.623 1.00 54.02  ? 65  TYR A OH  1 
ATOM   525 N N   . VAL A 1 66 ? -5.600  3.905   -10.999 1.00 34.43  ? 66  VAL A N   1 
ATOM   526 C CA  . VAL A 1 66 ? -6.199  2.645   -10.575 1.00 30.74  ? 66  VAL A CA  1 
ATOM   527 C C   . VAL A 1 66 ? -7.602  2.864   -10.020 1.00 30.25  ? 66  VAL A C   1 
ATOM   528 O O   . VAL A 1 66 ? -7.906  3.924   -9.473  1.00 48.03  ? 66  VAL A O   1 
ATOM   529 C CB  . VAL A 1 66 ? -5.340  1.942   -9.509  1.00 36.23  ? 66  VAL A CB  1 
ATOM   530 C CG1 . VAL A 1 66 ? -3.913  2.467   -9.547  1.00 26.65  ? 66  VAL A CG1 1 
ATOM   531 C CG2 . VAL A 1 66 ? -5.948  2.131   -8.127  1.00 16.76  ? 66  VAL A CG2 1 
ATOM   532 N N   . THR A 1 67 ? -8.454  1.855   -10.164 1.00 22.81  ? 67  THR A N   1 
ATOM   533 C CA  . THR A 1 67 ? -9.853  1.971   -9.770  1.00 20.33  ? 67  THR A CA  1 
ATOM   534 C C   . THR A 1 67 ? -10.205 0.960   -8.685  1.00 40.01  ? 67  THR A C   1 
ATOM   535 O O   . THR A 1 67 ? -9.905  -0.227  -8.808  1.00 51.06  ? 67  THR A O   1 
ATOM   536 C CB  . THR A 1 67 ? -10.794 1.770   -10.972 1.00 33.76  ? 67  THR A CB  1 
ATOM   537 O OG1 . THR A 1 67 ? -10.530 2.770   -11.963 1.00 46.87  ? 67  THR A OG1 1 
ATOM   538 C CG2 . THR A 1 67 ? -12.246 1.868   -10.532 1.00 56.96  ? 67  THR A CG2 1 
ATOM   539 N N   . HIS A 1 68 ? -10.843 1.440   -7.622  1.00 43.35  ? 68  HIS A N   1 
ATOM   540 C CA  . HIS A 1 68 ? -11.001 0.653   -6.404  1.00 40.66  ? 68  HIS A CA  1 
ATOM   541 C C   . HIS A 1 68 ? -12.445 0.679   -5.917  1.00 32.60  ? 68  HIS A C   1 
ATOM   542 O O   . HIS A 1 68 ? -13.188 1.620   -6.194  1.00 49.91  ? 68  HIS A O   1 
ATOM   543 C CB  . HIS A 1 68 ? -10.067 1.170   -5.309  1.00 40.02  ? 68  HIS A CB  1 
ATOM   544 C CG  . HIS A 1 68 ? -10.565 2.404   -4.623  1.00 44.00  ? 68  HIS A CG  1 
ATOM   545 N ND1 . HIS A 1 68 ? -9.934  3.624   -4.737  1.00 55.13  ? 68  HIS A ND1 1 
ATOM   546 C CD2 . HIS A 1 68 ? -11.634 2.607   -3.818  1.00 35.18  ? 68  HIS A CD2 1 
ATOM   547 C CE1 . HIS A 1 68 ? -10.592 4.525   -4.029  1.00 69.80  ? 68  HIS A CE1 1 
ATOM   548 N NE2 . HIS A 1 68 ? -11.628 3.934   -3.463  1.00 66.40  ? 68  HIS A NE2 1 
ATOM   549 N N   . GLU A 1 69 ? -12.838 -0.363  -5.189  1.00 44.31  ? 69  GLU A N   1 
ATOM   550 C CA  . GLU A 1 69 ? -14.125 -0.375  -4.504  1.00 53.55  ? 69  GLU A CA  1 
ATOM   551 C C   . GLU A 1 69 ? -14.167 0.664   -3.389  1.00 53.29  ? 69  GLU A C   1 
ATOM   552 O O   . GLU A 1 69 ? -13.186 0.861   -2.672  1.00 52.11  ? 69  GLU A O   1 
ATOM   553 C CB  . GLU A 1 69 ? -14.415 -1.766  -3.937  1.00 63.08  ? 69  GLU A CB  1 
ATOM   554 C CG  . GLU A 1 69 ? -14.318 -2.887  -4.960  1.00 58.99  ? 69  GLU A CG  1 
ATOM   555 C CD  . GLU A 1 69 ? -15.024 -4.150  -4.508  1.00 78.85  ? 69  GLU A CD  1 
ATOM   556 O OE1 . GLU A 1 69 ? -14.929 -5.172  -5.219  1.00 64.60  ? 69  GLU A OE1 1 
ATOM   557 O OE2 . GLU A 1 69 ? -15.674 -4.121  -3.442  1.00 111.04 ? 69  GLU A OE2 1 
ATOM   558 N N   . THR A 1 70 ? -15.310 1.328   -3.250  1.00 51.57  ? 70  THR A N   1 
ATOM   559 C CA  . THR A 1 70 ? -15.489 2.336   -2.213  1.00 45.42  ? 70  THR A CA  1 
ATOM   560 C C   . THR A 1 70 ? -15.101 1.793   -0.843  1.00 38.04  ? 70  THR A C   1 
ATOM   561 O O   . THR A 1 70 ? -15.616 0.763   -0.405  1.00 46.11  ? 70  THR A O   1 
ATOM   562 C CB  . THR A 1 70 ? -16.943 2.840   -2.162  1.00 49.42  ? 70  THR A CB  1 
ATOM   563 O OG1 . THR A 1 70 ? -17.104 3.729   -1.048  1.00 69.58  ? 70  THR A OG1 1 
ATOM   564 C CG2 . THR A 1 70 ? -17.905 1.672   -2.014  1.00 59.66  ? 70  THR A CG2 1 
ATOM   565 N N   . ARG A 1 71 ? -14.192 2.489   -0.170  1.00 41.51  ? 71  ARG A N   1 
ATOM   566 C CA  . ARG A 1 71 ? -13.879 2.196   1.223   1.00 52.42  ? 71  ARG A CA  1 
ATOM   567 C C   . ARG A 1 71 ? -12.703 1.231   1.333   1.00 60.33  ? 71  ARG A C   1 
ATOM   568 O O   . ARG A 1 71 ? -12.285 0.869   2.433   1.00 55.82  ? 71  ARG A O   1 
ATOM   569 C CB  . ARG A 1 71 ? -15.103 1.618   1.937   1.00 43.51  ? 71  ARG A CB  1 
ATOM   570 C CG  . ARG A 1 71 ? -16.167 2.648   2.278   1.00 35.15  ? 71  ARG A CG  1 
ATOM   571 C CD  . ARG A 1 71 ? -15.657 3.650   3.301   1.00 51.28  ? 71  ARG A CD  1 
ATOM   572 N NE  . ARG A 1 71 ? -15.867 3.187   4.670   1.00 71.47  ? 71  ARG A NE  1 
ATOM   573 C CZ  . ARG A 1 71 ? -15.238 3.683   5.730   1.00 71.98  ? 71  ARG A CZ  1 
ATOM   574 N NH1 . ARG A 1 71 ? -15.490 3.200   6.939   1.00 70.64  ? 71  ARG A NH1 1 
ATOM   575 N NH2 . ARG A 1 71 ? -14.354 4.660   5.582   1.00 40.00  ? 71  ARG A NH2 1 
ATOM   576 N N   . HIS A 1 72 ? -12.175 0.817   0.186   1.00 61.12  ? 72  HIS A N   1 
ATOM   577 C CA  . HIS A 1 72 ? -11.193 -0.260  0.139   1.00 54.67  ? 72  HIS A CA  1 
ATOM   578 C C   . HIS A 1 72 ? -9.943  0.167   -0.623  1.00 49.85  ? 72  HIS A C   1 
ATOM   579 O O   . HIS A 1 72 ? -9.446  -0.564  -1.481  1.00 55.95  ? 72  HIS A O   1 
ATOM   580 C CB  . HIS A 1 72 ? -11.799 -1.509  -0.504  1.00 61.62  ? 72  HIS A CB  1 
ATOM   581 C CG  . HIS A 1 72 ? -12.929 -2.103  0.279   1.00 73.90  ? 72  HIS A CG  1 
ATOM   582 N ND1 . HIS A 1 72 ? -14.251 -1.869  -0.028  1.00 64.15  ? 72  HIS A ND1 1 
ATOM   583 C CD2 . HIS A 1 72 ? -12.932 -2.922  1.358   1.00 56.42  ? 72  HIS A CD2 1 
ATOM   584 C CE1 . HIS A 1 72 ? -15.022 -2.519  0.827   1.00 69.21  ? 72  HIS A CE1 1 
ATOM   585 N NE2 . HIS A 1 72 ? -14.246 -3.165  1.678   1.00 74.46  ? 72  HIS A NE2 1 
ATOM   586 N N   . PHE A 1 73 ? -9.439  1.355   -0.305  1.00 36.45  ? 73  PHE A N   1 
ATOM   587 C CA  . PHE A 1 73 ? -8.197  1.843   -0.893  1.00 31.79  ? 73  PHE A CA  1 
ATOM   588 C C   . PHE A 1 73 ? -7.327  2.533   0.152   1.00 36.57  ? 73  PHE A C   1 
ATOM   589 O O   . PHE A 1 73 ? -7.826  3.282   0.993   1.00 48.50  ? 73  PHE A O   1 
ATOM   590 C CB  . PHE A 1 73 ? -8.491  2.801   -2.048  1.00 25.13  ? 73  PHE A CB  1 
ATOM   591 C CG  . PHE A 1 73 ? -7.324  3.667   -2.429  1.00 40.93  ? 73  PHE A CG  1 
ATOM   592 C CD1 . PHE A 1 73 ? -6.786  3.607   -3.703  1.00 51.08  ? 73  PHE A CD1 1 
ATOM   593 C CD2 . PHE A 1 73 ? -6.765  4.541   -1.512  1.00 31.79  ? 73  PHE A CD2 1 
ATOM   594 C CE1 . PHE A 1 73 ? -5.713  4.402   -4.056  1.00 36.14  ? 73  PHE A CE1 1 
ATOM   595 C CE2 . PHE A 1 73 ? -5.692  5.339   -1.859  1.00 70.83  ? 73  PHE A CE2 1 
ATOM   596 C CZ  . PHE A 1 73 ? -5.165  5.269   -3.133  1.00 40.31  ? 73  PHE A CZ  1 
ATOM   597 N N   . ILE A 1 74 ? -6.025  2.277   0.094   1.00 32.16  ? 74  ILE A N   1 
ATOM   598 C CA  . ILE A 1 74 ? -5.079  2.904   1.008   1.00 36.70  ? 74  ILE A CA  1 
ATOM   599 C C   . ILE A 1 74 ? -3.703  3.046   0.368   1.00 41.19  ? 74  ILE A C   1 
ATOM   600 O O   . ILE A 1 74 ? -3.273  2.185   -0.402  1.00 33.62  ? 74  ILE A O   1 
ATOM   601 C CB  . ILE A 1 74 ? -4.945  2.102   2.317   1.00 46.58  ? 74  ILE A CB  1 
ATOM   602 C CG1 . ILE A 1 74 ? -3.809  2.665   3.173   1.00 48.35  ? 74  ILE A CG1 1 
ATOM   603 C CG2 . ILE A 1 74 ? -4.714  0.629   2.018   1.00 64.68  ? 74  ILE A CG2 1 
ATOM   604 C CD1 . ILE A 1 74 ? -3.985  2.422   4.657   1.00 55.74  ? 74  ILE A CD1 1 
ATOM   605 N N   . TYR A 1 75 ? -3.017  4.138   0.688   1.00 24.62  ? 75  TYR A N   1 
ATOM   606 C CA  . TYR A 1 75 ? -1.701  4.410   0.122   1.00 21.85  ? 75  TYR A CA  1 
ATOM   607 C C   . TYR A 1 75 ? -0.835  5.191   1.103   1.00 34.39  ? 75  TYR A C   1 
ATOM   608 O O   . TYR A 1 75 ? -1.172  6.312   1.487   1.00 48.42  ? 75  TYR A O   1 
ATOM   609 C CB  . TYR A 1 75 ? -1.833  5.181   -1.194  1.00 35.21  ? 75  TYR A CB  1 
ATOM   610 C CG  . TYR A 1 75 ? -0.529  5.752   -1.703  1.00 16.09  ? 75  TYR A CG  1 
ATOM   611 C CD1 . TYR A 1 75 ? 0.332   4.986   -2.477  1.00 36.05  ? 75  TYR A CD1 1 
ATOM   612 C CD2 . TYR A 1 75 ? -0.159  7.057   -1.408  1.00 16.52  ? 75  TYR A CD2 1 
ATOM   613 C CE1 . TYR A 1 75 ? 1.525   5.504   -2.945  1.00 29.37  ? 75  TYR A CE1 1 
ATOM   614 C CE2 . TYR A 1 75 ? 1.032   7.584   -1.871  1.00 40.63  ? 75  TYR A CE2 1 
ATOM   615 C CZ  . TYR A 1 75 ? 1.871   6.804   -2.639  1.00 2.00   ? 75  TYR A CZ  1 
ATOM   616 O OH  . TYR A 1 75 ? 3.057   7.324   -3.103  1.00 49.87  ? 75  TYR A OH  1 
ATOM   617 N N   . PHE A 1 76 ? 0.281   4.594   1.507   1.00 31.13  ? 76  PHE A N   1 
ATOM   618 C CA  . PHE A 1 76 ? 1.025   5.066   2.669   1.00 23.48  ? 76  PHE A CA  1 
ATOM   619 C C   . PHE A 1 76 ? 2.501   4.696   2.572   1.00 30.21  ? 76  PHE A C   1 
ATOM   620 O O   . PHE A 1 76 ? 2.859   3.687   1.964   1.00 33.84  ? 76  PHE A O   1 
ATOM   621 C CB  . PHE A 1 76 ? 0.425   4.499   3.956   1.00 32.24  ? 76  PHE A CB  1 
ATOM   622 C CG  . PHE A 1 76 ? 0.418   2.997   4.011   1.00 28.86  ? 76  PHE A CG  1 
ATOM   623 C CD1 . PHE A 1 76 ? -0.630  2.275   3.467   1.00 32.46  ? 76  PHE A CD1 1 
ATOM   624 C CD2 . PHE A 1 76 ? 1.461   2.309   4.610   1.00 32.75  ? 76  PHE A CD2 1 
ATOM   625 C CE1 . PHE A 1 76 ? -0.639  0.894   3.517   1.00 37.79  ? 76  PHE A CE1 1 
ATOM   626 C CE2 . PHE A 1 76 ? 1.457   0.927   4.662   1.00 60.02  ? 76  PHE A CE2 1 
ATOM   627 C CZ  . PHE A 1 76 ? 0.406   0.218   4.115   1.00 22.40  ? 76  PHE A CZ  1 
ATOM   628 N N   . TYR A 1 77 ? 3.353   5.520   3.173   1.00 30.29  ? 77  TYR A N   1 
ATOM   629 C CA  . TYR A 1 77 ? 4.760   5.176   3.347   1.00 47.39  ? 77  TYR A CA  1 
ATOM   630 C C   . TYR A 1 77 ? 4.972   4.340   4.604   1.00 48.35  ? 77  TYR A C   1 
ATOM   631 O O   . TYR A 1 77 ? 4.248   4.488   5.590   1.00 58.52  ? 77  TYR A O   1 
ATOM   632 C CB  . TYR A 1 77 ? 5.617   6.441   3.406   1.00 50.63  ? 77  TYR A CB  1 
ATOM   633 C CG  . TYR A 1 77 ? 6.107   6.915   2.058   1.00 82.58  ? 77  TYR A CG  1 
ATOM   634 C CD1 . TYR A 1 77 ? 7.408   7.374   1.891   1.00 104.66 ? 77  TYR A CD1 1 
ATOM   635 C CD2 . TYR A 1 77 ? 5.270   6.905   0.949   1.00 44.92  ? 77  TYR A CD2 1 
ATOM   636 C CE1 . TYR A 1 77 ? 7.860   7.808   0.659   1.00 104.41 ? 77  TYR A CE1 1 
ATOM   637 C CE2 . TYR A 1 77 ? 5.714   7.337   -0.286  1.00 46.59  ? 77  TYR A CE2 1 
ATOM   638 C CZ  . TYR A 1 77 ? 7.009   7.788   -0.426  1.00 70.20  ? 77  TYR A CZ  1 
ATOM   639 O OH  . TYR A 1 77 ? 7.456   8.219   -1.654  1.00 100.23 ? 77  TYR A OH  1 
ATOM   640 N N   . LEU A 1 78 ? 5.970   3.463   4.565   1.00 48.81  ? 78  LEU A N   1 
ATOM   641 C CA  A LEU A 1 78 ? 6.521   2.874   5.779   1.00 38.30  ? 78  LEU A CA  1 
ATOM   642 C C   . LEU A 1 78 ? 8.009   3.180   5.915   1.00 38.77  ? 78  LEU A C   1 
ATOM   643 O O   . LEU A 1 78 ? 8.853   2.460   5.381   1.00 32.79  ? 78  LEU A O   1 
ATOM   644 C CB  A LEU A 1 78 ? 6.293   1.361   5.791   0.50 27.87  ? 78  LEU A CB  1 
ATOM   645 C CB  B LEU A 1 78 ? 6.293   1.361   5.794   0.50 30.15  ? 78  LEU A CB  1 
ATOM   646 C CG  A LEU A 1 78 ? 5.941   0.740   7.145   0.50 20.55  ? 78  LEU A CG  1 
ATOM   647 C CG  B LEU A 1 78 ? 4.908   0.889   6.240   0.50 36.71  ? 78  LEU A CG  1 
ATOM   648 C CD1 A LEU A 1 78 ? 5.390   1.794   8.092   0.50 43.82  ? 78  LEU A CD1 1 
ATOM   649 C CD1 B LEU A 1 78 ? 5.022   -0.109  7.383   0.50 38.83  ? 78  LEU A CD1 1 
ATOM   650 C CD2 A LEU A 1 78 ? 4.950   -0.401  6.972   0.50 42.54  ? 78  LEU A CD2 1 
ATOM   651 C CD2 B LEU A 1 78 ? 4.039   2.071   6.640   0.50 44.51  ? 78  LEU A CD2 1 
ATOM   652 N N   . GLY A 1 79 ? 8.324   4.254   6.632   1.00 41.39  ? 79  GLY A N   1 
ATOM   653 C CA  . GLY A 1 79 ? 9.424   5.133   6.251   1.00 43.27  ? 79  GLY A CA  1 
ATOM   654 C C   . GLY A 1 79 ? 9.630   5.184   4.750   1.00 53.61  ? 79  GLY A C   1 
ATOM   655 O O   . GLY A 1 79 ? 8.777   5.679   4.013   1.00 58.89  ? 79  GLY A O   1 
ATOM   656 N N   . GLN A 1 80 ? 10.769  4.672   4.296   1.00 37.44  ? 80  GLN A N   1 
ATOM   657 C CA  . GLN A 1 80 ? 11.316  5.050   2.999   1.00 45.14  ? 80  GLN A CA  1 
ATOM   658 C C   . GLN A 1 80 ? 10.475  4.487   1.857   1.00 45.11  ? 80  GLN A C   1 
ATOM   659 O O   . GLN A 1 80 ? 10.619  4.899   0.706   1.00 46.94  ? 80  GLN A O   1 
ATOM   660 C CB  . GLN A 1 80 ? 12.765  4.575   2.869   1.00 51.87  ? 80  GLN A CB  1 
ATOM   661 C CG  . GLN A 1 80 ? 13.795  5.599   3.317   1.00 76.25  ? 80  GLN A CG  1 
ATOM   662 C CD  . GLN A 1 80 ? 14.650  6.105   2.171   1.00 116.18 ? 80  GLN A CD  1 
ATOM   663 O OE1 . GLN A 1 80 ? 14.137  6.476   1.115   1.00 133.59 ? 80  GLN A OE1 1 
ATOM   664 N NE2 . GLN A 1 80 ? 15.963  6.122   2.375   1.00 136.43 ? 80  GLN A NE2 1 
ATOM   665 N N   . VAL A 1 81 ? 9.598   3.543   2.183   1.00 35.77  ? 81  VAL A N   1 
ATOM   666 C CA  . VAL A 1 81 ? 9.070   2.613   1.193   1.00 38.81  ? 81  VAL A CA  1 
ATOM   667 C C   . VAL A 1 81 ? 7.556   2.749   1.060   1.00 51.13  ? 81  VAL A C   1 
ATOM   668 O O   . VAL A 1 81 ? 6.839   2.807   2.060   1.00 52.30  ? 81  VAL A O   1 
ATOM   669 C CB  . VAL A 1 81 ? 9.417   1.155   1.546   1.00 44.34  ? 81  VAL A CB  1 
ATOM   670 C CG1 . VAL A 1 81 ? 8.283   0.226   1.140   1.00 15.48  ? 81  VAL A CG1 1 
ATOM   671 C CG2 . VAL A 1 81 ? 10.719  0.744   0.876   1.00 52.38  ? 81  VAL A CG2 1 
ATOM   672 N N   . ALA A 1 82 ? 7.078   2.798   -0.179  1.00 41.49  ? 82  ALA A N   1 
ATOM   673 C CA  . ALA A 1 82 ? 5.698   3.183   -0.452  1.00 30.34  ? 82  ALA A CA  1 
ATOM   674 C C   . ALA A 1 82 ? 4.818   1.960   -0.682  1.00 31.57  ? 82  ALA A C   1 
ATOM   675 O O   . ALA A 1 82 ? 5.172   1.064   -1.448  1.00 39.37  ? 82  ALA A O   1 
ATOM   676 C CB  . ALA A 1 82 ? 5.637   4.116   -1.652  1.00 35.74  ? 82  ALA A CB  1 
ATOM   677 N N   . ILE A 1 83 ? 3.670   1.928   -0.012  1.00 10.15  ? 83  ILE A N   1 
ATOM   678 C CA  . ILE A 1 83 ? 2.736   0.817   -0.144  1.00 24.10  ? 83  ILE A CA  1 
ATOM   679 C C   . ILE A 1 83 ? 1.382   1.294   -0.659  1.00 34.07  ? 83  ILE A C   1 
ATOM   680 O O   . ILE A 1 83 ? 0.730   2.130   -0.035  1.00 46.10  ? 83  ILE A O   1 
ATOM   681 C CB  . ILE A 1 83 ? 2.536   0.085   1.196   1.00 34.20  ? 83  ILE A CB  1 
ATOM   682 C CG1 . ILE A 1 83 ? 3.818   -0.645  1.601   1.00 22.40  ? 83  ILE A CG1 1 
ATOM   683 C CG2 . ILE A 1 83 ? 1.370   -0.889  1.101   1.00 15.93  ? 83  ILE A CG2 1 
ATOM   684 C CD1 . ILE A 1 83 ? 4.967   0.282   1.936   1.00 31.52  ? 83  ILE A CD1 1 
ATOM   685 N N   . LEU A 1 84 ? 0.965   0.755   -1.800  1.00 25.20  ? 84  LEU A N   1 
ATOM   686 C CA  . LEU A 1 84 ? -0.386  0.976   -2.302  1.00 31.65  ? 84  LEU A CA  1 
ATOM   687 C C   . LEU A 1 84 ? -1.198  -0.314  -2.283  1.00 34.00  ? 84  LEU A C   1 
ATOM   688 O O   . LEU A 1 84 ? -0.751  -1.348  -2.782  1.00 28.52  ? 84  LEU A O   1 
ATOM   689 C CB  . LEU A 1 84 ? -0.344  1.552   -3.719  1.00 30.95  ? 84  LEU A CB  1 
ATOM   690 C CG  . LEU A 1 84 ? -1.607  1.366   -4.562  1.00 21.05  ? 84  LEU A CG  1 
ATOM   691 C CD1 . LEU A 1 84 ? -2.731  2.253   -4.052  1.00 47.50  ? 84  LEU A CD1 1 
ATOM   692 C CD2 . LEU A 1 84 ? -1.321  1.647   -6.030  1.00 47.18  ? 84  LEU A CD2 1 
ATOM   693 N N   . LEU A 1 85 ? -2.393  -0.246  -1.707  1.00 40.23  ? 85  LEU A N   1 
ATOM   694 C CA  . LEU A 1 85 ? -3.234  -1.426  -1.544  1.00 35.72  ? 85  LEU A CA  1 
ATOM   695 C C   . LEU A 1 85 ? -4.704  -1.087  -1.763  1.00 34.60  ? 85  LEU A C   1 
ATOM   696 O O   . LEU A 1 85 ? -5.241  -0.175  -1.134  1.00 50.56  ? 85  LEU A O   1 
ATOM   697 C CB  . LEU A 1 85 ? -3.036  -2.037  -0.155  1.00 23.99  ? 85  LEU A CB  1 
ATOM   698 C CG  . LEU A 1 85 ? -4.024  -3.131  0.252   1.00 29.05  ? 85  LEU A CG  1 
ATOM   699 C CD1 . LEU A 1 85 ? -3.926  -4.322  -0.687  1.00 41.91  ? 85  LEU A CD1 1 
ATOM   700 C CD2 . LEU A 1 85 ? -3.791  -3.558  1.693   1.00 36.35  ? 85  LEU A CD2 1 
ATOM   701 N N   . PHE A 1 86 ? -5.349  -1.827  -2.658  1.00 23.59  ? 86  PHE A N   1 
ATOM   702 C CA  . PHE A 1 86 ? -6.772  -1.647  -2.914  1.00 28.59  ? 86  PHE A CA  1 
ATOM   703 C C   . PHE A 1 86 ? -7.425  -2.957  -3.343  1.00 36.82  ? 86  PHE A C   1 
ATOM   704 O O   . PHE A 1 86 ? -6.759  -3.857  -3.852  1.00 47.14  ? 86  PHE A O   1 
ATOM   705 C CB  . PHE A 1 86 ? -6.993  -0.575  -3.985  1.00 30.68  ? 86  PHE A CB  1 
ATOM   706 C CG  . PHE A 1 86 ? -6.365  -0.903  -5.309  1.00 33.21  ? 86  PHE A CG  1 
ATOM   707 C CD1 . PHE A 1 86 ? -5.000  -0.773  -5.495  1.00 30.74  ? 86  PHE A CD1 1 
ATOM   708 C CD2 . PHE A 1 86 ? -7.142  -1.342  -6.368  1.00 25.04  ? 86  PHE A CD2 1 
ATOM   709 C CE1 . PHE A 1 86 ? -4.420  -1.074  -6.712  1.00 24.37  ? 86  PHE A CE1 1 
ATOM   710 C CE2 . PHE A 1 86 ? -6.568  -1.644  -7.588  1.00 26.04  ? 86  PHE A CE2 1 
ATOM   711 C CZ  . PHE A 1 86 ? -5.205  -1.511  -7.760  1.00 26.40  ? 86  PHE A CZ  1 
ATOM   712 N N   . LYS A 1 87 ? -8.734  -3.055  -3.132  1.00 46.54  ? 87  LYS A N   1 
ATOM   713 C CA  . LYS A 1 87 ? -9.536  -4.092  -3.768  1.00 36.13  ? 87  LYS A CA  1 
ATOM   714 C C   . LYS A 1 87 ? -10.256 -3.552  -4.999  1.00 45.72  ? 87  LYS A C   1 
ATOM   715 O O   . LYS A 1 87 ? -10.935 -2.528  -4.933  1.00 44.61  ? 87  LYS A O   1 
ATOM   716 C CB  . LYS A 1 87 ? -10.550 -4.668  -2.776  1.00 48.38  ? 87  LYS A CB  1 
ATOM   717 C CG  . LYS A 1 87 ? -11.543 -5.638  -3.396  1.00 47.47  ? 87  LYS A CG  1 
ATOM   718 C CD  . LYS A 1 87 ? -12.820 -5.717  -2.575  1.00 24.93  ? 87  LYS A CD  1 
ATOM   719 C CE  . LYS A 1 87 ? -12.652 -6.641  -1.380  1.00 54.04  ? 87  LYS A CE  1 
ATOM   720 N NZ  . LYS A 1 87 ? -13.644 -7.752  -1.395  1.00 80.53  ? 87  LYS A NZ  1 
ATOM   721 N N   . SER A 1 88 ? -10.101 -4.245  -6.121  1.00 57.09  ? 88  SER A N   1 
ATOM   722 C CA  . SER A 1 88 ? -11.039 -4.127  -7.231  1.00 56.19  ? 88  SER A CA  1 
ATOM   723 C C   . SER A 1 88 ? -11.545 -5.496  -7.673  1.00 69.40  ? 88  SER A C   1 
ATOM   724 O O   . SER A 1 88 ? -10.873 -6.204  -8.422  1.00 60.53  ? 88  SER A O   1 
ATOM   725 C CB  . SER A 1 88 ? -10.386 -3.403  -8.410  1.00 65.11  ? 88  SER A CB  1 
ATOM   726 O OG  . SER A 1 88 ? -11.328 -3.147  -9.437  1.00 74.17  ? 88  SER A OG  1 
ATOM   727 N N   . GLY A 1 89 ? -12.733 -5.862  -7.204  1.00 88.57  ? 89  GLY A N   1 
ATOM   728 C CA  . GLY A 1 89 ? -12.936 -7.150  -6.551  1.00 93.55  ? 89  GLY A CA  1 
ATOM   729 C C   . GLY A 1 89 ? -13.160 -8.274  -7.543  1.00 94.17  ? 89  GLY A C   1 
ATOM   730 O O   . GLY A 1 89 ? -13.681 -8.058  -8.637  1.00 98.21  ? 89  GLY A O   1 
ATOM   731 O OXT . GLY A 1 89 ? -12.828 -9.429  -7.278  1.00 84.52  ? 89  GLY A OXT 1 
ATOM   732 N N   . LEU B 2 2  ? -20.532 1.822   -4.987  0.50 71.04  ? 126 LEU Z N   1 
ATOM   733 C CA  . LEU B 2 2  ? -19.786 2.846   -5.773  0.50 71.20  ? 126 LEU Z CA  1 
ATOM   734 C C   . LEU B 2 2  ? -18.345 2.412   -6.018  0.50 69.76  ? 126 LEU Z C   1 
ATOM   735 O O   . LEU B 2 2  ? -17.855 1.470   -5.394  0.50 57.22  ? 126 LEU Z O   1 
ATOM   736 C CB  . LEU B 2 2  ? -19.813 4.197   -5.055  0.50 72.47  ? 126 LEU Z CB  1 
ATOM   737 C CG  . LEU B 2 2  ? -21.024 5.090   -5.335  0.50 67.41  ? 126 LEU Z CG  1 
ATOM   738 C CD1 . LEU B 2 2  ? -20.748 6.522   -4.904  0.50 61.95  ? 126 LEU Z CD1 1 
ATOM   739 C CD2 . LEU B 2 2  ? -21.404 5.034   -6.808  0.50 61.89  ? 126 LEU Z CD2 1 
ATOM   740 N N   . VAL B 2 3  ? -17.672 3.103   -6.932  0.50 65.33  ? 127 VAL Z N   1 
ATOM   741 C CA  . VAL B 2 3  ? -16.234 2.939   -7.111  0.50 55.56  ? 127 VAL Z CA  1 
ATOM   742 C C   . VAL B 2 3  ? -15.565 4.266   -7.452  0.50 50.80  ? 127 VAL Z C   1 
ATOM   743 O O   . VAL B 2 3  ? -16.190 5.159   -8.023  0.50 56.91  ? 127 VAL Z O   1 
ATOM   744 C CB  . VAL B 2 3  ? -15.916 1.916   -8.219  0.50 52.62  ? 127 VAL Z CB  1 
ATOM   745 C CG1 . VAL B 2 3  ? -14.414 1.826   -8.442  0.50 62.34  ? 127 VAL Z CG1 1 
ATOM   746 C CG2 . VAL B 2 3  ? -16.493 0.555   -7.864  0.50 56.46  ? 127 VAL Z CG2 1 
ATOM   747 N N   . TYR B 2 4  ? -14.290 4.389   -7.095  1.00 43.25  ? 128 TYR Z N   1 
ATOM   748 C CA  . TYR B 2 4  ? -13.548 5.625   -7.317  1.00 39.79  ? 128 TYR Z CA  1 
ATOM   749 C C   . TYR B 2 4  ? -12.176 5.343   -7.919  1.00 42.07  ? 128 TYR Z C   1 
ATOM   750 O O   . TYR B 2 4  ? -11.607 4.270   -7.720  1.00 43.91  ? 128 TYR Z O   1 
ATOM   751 C CB  . TYR B 2 4  ? -13.399 6.402   -6.007  1.00 46.12  ? 128 TYR Z CB  1 
ATOM   752 C CG  . TYR B 2 4  ? -14.716 6.742   -5.345  1.00 71.69  ? 128 TYR Z CG  1 
ATOM   753 C CD1 . TYR B 2 4  ? -15.552 7.714   -5.875  1.00 105.20 ? 128 TYR Z CD1 1 
ATOM   754 C CD2 . TYR B 2 4  ? -15.122 6.088   -4.189  1.00 73.88  ? 128 TYR Z CD2 1 
ATOM   755 C CE1 . TYR B 2 4  ? -16.756 8.028   -5.273  1.00 82.59  ? 128 TYR Z CE1 1 
ATOM   756 C CE2 . TYR B 2 4  ? -16.324 6.394   -3.579  1.00 89.82  ? 128 TYR Z CE2 1 
ATOM   757 C CZ  . TYR B 2 4  ? -17.136 7.366   -4.125  1.00 87.68  ? 128 TYR Z CZ  1 
ATOM   758 O OH  . TYR B 2 4  ? -18.334 7.673   -3.522  1.00 109.45 ? 128 TYR Z OH  1 
ATOM   759 N N   . THR B 2 5  ? -11.649 6.315   -8.658  1.00 41.56  ? 129 THR Z N   1 
ATOM   760 C CA  . THR B 2 5  ? -10.369 6.154   -9.337  1.00 33.23  ? 129 THR Z CA  1 
ATOM   761 C C   . THR B 2 5  ? -9.347  7.166   -8.831  1.00 37.67  ? 129 THR Z C   1 
ATOM   762 O O   . THR B 2 5  ? -9.648  8.352   -8.696  1.00 64.63  ? 129 THR Z O   1 
ATOM   763 C CB  . THR B 2 5  ? -10.519 6.308   -10.863 1.00 34.05  ? 129 THR Z CB  1 
ATOM   764 O OG1 . THR B 2 5  ? -11.391 5.290   -11.365 1.00 43.65  ? 129 THR Z OG1 1 
ATOM   765 C CG2 . THR B 2 5  ? -9.163  6.193   -11.545 1.00 42.14  ? 129 THR Z CG2 1 
ATOM   766 N N   . LYS B 2 6  ? -8.138  6.690   -8.552  1.00 21.06  ? 130 LYS Z N   1 
ATOM   767 C CA  . LYS B 2 6  ? -7.174  7.461   -7.775  1.00 27.01  ? 130 LYS Z CA  1 
ATOM   768 C C   . LYS B 2 6  ? -5.784  7.401   -8.400  1.00 15.59  ? 130 LYS Z C   1 
ATOM   769 O O   . LYS B 2 6  ? -5.378  6.369   -8.935  1.00 26.57  ? 130 LYS Z O   1 
ATOM   770 C CB  . LYS B 2 6  ? -7.124  6.959   -6.331  1.00 19.77  ? 130 LYS Z CB  1 
ATOM   771 C CG  . LYS B 2 6  ? -8.269  7.455   -5.462  1.00 31.66  ? 130 LYS Z CG  1 
ATOM   772 C CD  . LYS B 2 6  ? -7.786  7.811   -4.065  1.00 41.95  ? 130 LYS Z CD  1 
ATOM   773 C CE  . LYS B 2 6  ? -8.954  8.021   -3.114  1.00 31.67  ? 130 LYS Z CE  1 
ATOM   774 N NZ  . LYS B 2 6  ? -10.186 7.331   -3.585  1.00 30.61  ? 130 LYS Z NZ  1 
ATOM   775 N N   . GLN B 2 7  ? -5.061  8.514   -8.329  1.00 23.15  ? 131 GLN Z N   1 
ATOM   776 C CA  . GLN B 2 7  ? -3.642  8.530   -8.663  1.00 13.41  ? 131 GLN Z CA  1 
ATOM   777 C C   . GLN B 2 7  ? -2.783  8.311   -7.422  1.00 31.46  ? 131 GLN Z C   1 
ATOM   778 O O   . GLN B 2 7  ? -3.190  8.640   -6.308  1.00 57.30  ? 131 GLN Z O   1 
ATOM   779 C CB  . GLN B 2 7  ? -3.265  9.851   -9.336  1.00 20.41  ? 131 GLN Z CB  1 
ATOM   780 C CG  . GLN B 2 7  ? -3.699  9.955   -10.789 1.00 36.63  ? 131 GLN Z CG  1 
ATOM   781 C CD  . GLN B 2 7  ? -3.142  11.186  -11.476 1.00 54.10  ? 131 GLN Z CD  1 
ATOM   782 O OE1 . GLN B 2 7  ? -2.417  11.085  -12.466 1.00 55.04  ? 131 GLN Z OE1 1 
ATOM   783 N NE2 . GLN B 2 7  ? -3.480  12.359  -10.953 1.00 38.91  ? 131 GLN Z NE2 1 
ATOM   784 N N   . THR B 2 8  ? -1.592  7.756   -7.623  1.00 34.61  ? 132 THR Z N   1 
ATOM   785 C CA  . THR B 2 8  ? -0.573  7.732   -6.581  1.00 35.89  ? 132 THR Z CA  1 
ATOM   786 C C   . THR B 2 8  ? 0.826   7.859   -7.176  1.00 31.40  ? 132 THR Z C   1 
ATOM   787 O O   . THR B 2 8  ? 1.385   6.888   -7.686  1.00 50.03  ? 132 THR Z O   1 
ATOM   788 C CB  . THR B 2 8  ? -0.649  6.440   -5.746  1.00 39.58  ? 132 THR Z CB  1 
ATOM   789 O OG1 . THR B 2 8  ? -0.188  5.333   -6.530  1.00 23.54  ? 132 THR Z OG1 1 
ATOM   790 C CG2 . THR B 2 8  ? -2.078  6.179   -5.296  1.00 13.42  ? 132 THR Z CG2 1 
ATOM   791 N N   . GLN B 2 9  ? 1.385   9.063   -7.106  1.00 26.07  ? 133 GLN Z N   1 
ATOM   792 C CA  . GLN B 2 9  ? 2.806   9.262   -7.370  1.00 33.38  ? 133 GLN Z CA  1 
ATOM   793 C C   . GLN B 2 9  ? 3.612   9.267   -6.076  1.00 40.21  ? 133 GLN Z C   1 
ATOM   794 O O   . GLN B 2 9  ? 3.064   9.464   -4.992  1.00 49.38  ? 133 GLN Z O   1 
ATOM   795 C CB  . GLN B 2 9  ? 3.030   10.568  -8.135  1.00 20.67  ? 133 GLN Z CB  1 
ATOM   796 C CG  . GLN B 2 9  ? 4.493   10.919  -8.348  1.00 26.38  ? 133 GLN Z CG  1 
ATOM   797 C CD  . GLN B 2 9  ? 5.121   10.127  -9.478  1.00 40.99  ? 133 GLN Z CD  1 
ATOM   798 O OE1 . GLN B 2 9  ? 4.499   9.229   -10.044 1.00 38.78  ? 133 GLN Z OE1 1 
ATOM   799 N NE2 . GLN B 2 9  ? 6.363   10.459  -9.813  1.00 68.12  ? 133 GLN Z NE2 1 
ATOM   800 N N   . THR B 2 10 ? 4.918   9.047   -6.198  1.00 43.22  ? 134 THR Z N   1 
ATOM   801 C CA  . THR B 2 10 ? 5.788   8.930   -5.035  1.00 35.66  ? 134 THR Z CA  1 
ATOM   802 C C   . THR B 2 10 ? 6.866   10.008  -5.041  1.00 47.94  ? 134 THR Z C   1 
ATOM   803 O O   . THR B 2 10 ? 7.415   10.343  -6.091  1.00 61.35  ? 134 THR Z O   1 
ATOM   804 C CB  . THR B 2 10 ? 6.459   7.547   -4.970  1.00 32.14  ? 134 THR Z CB  1 
ATOM   805 O OG1 . THR B 2 10 ? 7.460   7.450   -5.991  1.00 28.29  ? 134 THR Z OG1 1 
ATOM   806 C CG2 . THR B 2 10 ? 5.430   6.444   -5.170  1.00 27.10  ? 134 THR Z CG2 1 
ATOM   807 N N   . THR B 2 11 ? 7.164   10.547  -3.864  1.00 64.55  ? 135 THR Z N   1 
ATOM   808 C CA  . THR B 2 11 ? 8.064   11.689  -3.751  1.00 73.13  ? 135 THR Z CA  1 
ATOM   809 C C   . THR B 2 11 ? 9.505   11.237  -3.541  1.00 59.62  ? 135 THR Z C   1 
ATOM   810 O O   . THR B 2 11 ? 10.072  11.432  -2.466  1.00 62.69  ? 135 THR Z O   1 
ATOM   811 C CB  . THR B 2 11 ? 7.653   12.617  -2.594  1.00 92.08  ? 135 THR Z CB  1 
ATOM   812 O OG1 . THR B 2 11 ? 6.777   11.914  -1.703  1.00 66.53  ? 135 THR Z OG1 1 
ATOM   813 C CG2 . THR B 2 11 ? 6.942   13.852  -3.127  1.00 122.62 ? 135 THR Z CG2 1 
ATOM   814 N N   . PRO B 2 12 ? 10.103  10.627  -4.576  0.50 54.63  ? 136 PRO Z N   1 
ATOM   815 C CA  . PRO B 2 12 ? 11.404  9.979   -4.465  0.50 61.18  ? 136 PRO Z CA  1 
ATOM   816 C C   . PRO B 2 12 ? 12.441  10.894  -3.822  0.50 64.54  ? 136 PRO Z C   1 
ATOM   817 O O   . PRO B 2 12 ? 12.939  11.814  -4.474  0.50 76.44  ? 136 PRO Z O   1 
ATOM   818 C CB  . PRO B 2 12 ? 11.778  9.704   -5.923  0.50 64.05  ? 136 PRO Z CB  1 
ATOM   819 C CG  . PRO B 2 12 ? 10.475  9.567   -6.620  0.50 59.79  ? 136 PRO Z CG  1 
ATOM   820 C CD  . PRO B 2 12 ? 9.545   10.528  -5.937  0.50 53.73  ? 136 PRO Z CD  1 
ATOM   821 N N   . PRO B 2 13 ? 12.765  10.644  -2.546  0.50 59.24  ? 137 PRO Z N   1 
ATOM   822 C CA  . PRO B 2 13 ? 13.204  11.687  -1.626  0.50 55.86  ? 137 PRO Z CA  1 
ATOM   823 C C   . PRO B 2 13 ? 14.302  12.553  -2.235  0.50 51.14  ? 137 PRO Z C   1 
ATOM   824 O O   . PRO B 2 13 ? 15.424  12.086  -2.430  0.50 51.56  ? 137 PRO Z O   1 
ATOM   825 C CB  . PRO B 2 13 ? 13.757  10.892  -0.442  0.50 49.05  ? 137 PRO Z CB  1 
ATOM   826 C CG  . PRO B 2 13 ? 12.986  9.623   -0.457  0.50 52.98  ? 137 PRO Z CG  1 
ATOM   827 C CD  . PRO B 2 13 ? 12.728  9.317   -1.906  0.50 56.77  ? 137 PRO Z CD  1 
ATOM   828 N N   . LYS B 2 14 ? 13.974  13.807  -2.531  0.50 45.86  ? 138 LYS Z N   1 
ATOM   829 C CA  . LYS B 2 14 ? 14.814  14.637  -3.386  0.50 47.50  ? 138 LYS Z CA  1 
ATOM   830 C C   . LYS B 2 14 ? 16.284  14.512  -3.001  0.50 42.56  ? 138 LYS Z C   1 
ATOM   831 O O   . LYS B 2 14 ? 16.622  14.423  -1.821  0.50 45.97  ? 138 LYS Z O   1 
ATOM   832 C CB  . LYS B 2 14 ? 14.374  16.100  -3.312  0.50 54.15  ? 138 LYS Z CB  1 
ATOM   833 C CG  . LYS B 2 14 ? 12.987  16.302  -2.724  0.50 73.72  ? 138 LYS Z CG  1 
ATOM   834 C CD  . LYS B 2 14 ? 12.680  17.778  -2.529  0.50 80.58  ? 138 LYS Z CD  1 
ATOM   835 C CE  . LYS B 2 14 ? 11.460  18.198  -3.334  0.50 66.87  ? 138 LYS Z CE  1 
ATOM   836 N NZ  . LYS B 2 14 ? 11.839  18.816  -4.635  0.50 37.19  ? 138 LYS Z NZ  1 
ATOM   837 N N   . GLU B 2 15 ? 17.155  14.506  -4.006  0.50 47.14  ? 139 GLU Z N   1 
ATOM   838 C CA  . GLU B 2 15 ? 18.588  14.355  -3.777  0.50 40.86  ? 139 GLU Z CA  1 
ATOM   839 C C   . GLU B 2 15 ? 19.105  15.415  -2.810  0.50 33.74  ? 139 GLU Z C   1 
ATOM   840 O O   . GLU B 2 15 ? 18.824  16.603  -2.968  0.50 44.74  ? 139 GLU Z O   1 
ATOM   841 C CB  . GLU B 2 15 ? 19.352  14.433  -5.100  0.50 35.49  ? 139 GLU Z CB  1 
ATOM   842 C CG  . GLU B 2 15 ? 18.790  13.541  -6.195  0.50 23.54  ? 139 GLU Z CG  1 
ATOM   843 C CD  . GLU B 2 15 ? 18.929  12.066  -5.874  0.50 56.34  ? 139 GLU Z CD  1 
ATOM   844 O OE1 . GLU B 2 15 ? 20.058  11.541  -5.958  0.50 69.38  ? 139 GLU Z OE1 1 
ATOM   845 O OE2 . GLU B 2 15 ? 17.907  11.431  -5.535  0.50 59.49  ? 139 GLU Z OE2 1 
ATOM   846 N N   . THR B 2 16 ? 19.861  14.977  -1.809  0.50 38.33  ? 140 THR Z N   1 
ATOM   847 C CA  . THR B 2 16 ? 20.483  15.894  -0.860  0.50 46.49  ? 140 THR Z CA  1 
ATOM   848 C C   . THR B 2 16 ? 21.278  16.977  -1.582  0.50 45.96  ? 140 THR Z C   1 
ATOM   849 O O   . THR B 2 16 ? 22.180  16.680  -2.364  0.50 31.24  ? 140 THR Z O   1 
ATOM   850 C CB  . THR B 2 16 ? 21.414  15.151  0.116   0.50 55.77  ? 140 THR Z CB  1 
ATOM   851 O OG1 . THR B 2 16 ? 22.147  14.144  -0.590  0.50 2.00   ? 140 THR Z OG1 1 
ATOM   852 C CG2 . THR B 2 16 ? 20.608  14.500  1.230   0.50 74.86  ? 140 THR Z CG2 1 
ATOM   853 N N   . LEU B 2 17 ? 20.938  18.233  -1.312  0.50 48.84  ? 141 LEU Z N   1 
ATOM   854 C CA  . LEU B 2 17 ? 21.731  19.360  -1.786  0.50 55.04  ? 141 LEU Z CA  1 
ATOM   855 C C   . LEU B 2 17 ? 23.200  18.977  -1.933  0.50 55.62  ? 141 LEU Z C   1 
ATOM   856 O O   . LEU B 2 17 ? 23.652  17.985  -1.360  0.50 42.46  ? 141 LEU Z O   1 
ATOM   857 C CB  . LEU B 2 17 ? 21.591  20.552  -0.837  0.50 57.04  ? 141 LEU Z CB  1 
ATOM   858 C CG  . LEU B 2 17 ? 20.326  21.399  -0.996  0.50 51.08  ? 141 LEU Z CG  1 
ATOM   859 C CD1 . LEU B 2 17 ? 20.597  22.846  -0.613  0.50 41.89  ? 141 LEU Z CD1 1 
ATOM   860 C CD2 . LEU B 2 17 ? 19.792  21.308  -2.417  0.50 48.65  ? 141 LEU Z CD2 1 
ATOM   861 N N   . VAL B 2 18 ? 23.939  19.769  -2.702  0.50 49.14  ? 142 VAL Z N   1 
ATOM   862 C CA  . VAL B 2 18 ? 25.302  19.416  -3.080  0.50 39.41  ? 142 VAL Z CA  1 
ATOM   863 C C   . VAL B 2 18 ? 26.084  20.643  -3.535  0.50 42.87  ? 142 VAL Z C   1 
ATOM   864 O O   . VAL B 2 18 ? 25.544  21.747  -3.597  0.50 50.84  ? 142 VAL Z O   1 
ATOM   865 C CB  . VAL B 2 18 ? 25.322  18.360  -4.201  0.50 30.76  ? 142 VAL Z CB  1 
ATOM   866 C CG1 . VAL B 2 18 ? 26.743  17.880  -4.452  0.50 44.26  ? 142 VAL Z CG1 1 
ATOM   867 C CG2 . VAL B 2 18 ? 24.411  17.195  -3.849  0.50 31.14  ? 142 VAL Z CG2 1 
HETATM 868 O O   . HOH C 3 .  ? 4.322   -15.425 -2.635  1.00 5.33   ? 90  HOH A O   1 
HETATM 869 O O   . HOH C 3 .  ? 4.417   -14.727 0.055   1.00 14.86  ? 91  HOH A O   1 
HETATM 870 O O   . HOH C 3 .  ? 2.704   -17.121 -4.262  1.00 12.37  ? 92  HOH A O   1 
# 
